data_3H6S
#
_entry.id   3H6S
#
_cell.length_a   97.180
_cell.length_b   177.760
_cell.length_c   96.180
_cell.angle_alpha   90.000
_cell.angle_beta   90.000
_cell.angle_gamma   90.000
#
_symmetry.space_group_name_H-M   'P 21 21 2'
#
loop_
_entity.id
_entity.type
_entity.pdbx_description
1 polymer 'Cathepsin L2'
2 polymer 'Clitocypin analog'
3 non-polymer 'SULFATE ION'
4 water water
#
loop_
_entity_poly.entity_id
_entity_poly.type
_entity_poly.pdbx_seq_one_letter_code
_entity_poly.pdbx_strand_id
1 'polypeptide(L)'
;LPKSVDWRKKGYVTPVKNQKQCGS(SCH)WAFSATGALEGQMFRKTGKLVSLSEQNLVDCSRPQGNQGCNGGFMARAFQY
VKENGGLDSEESYPYVAVDEICKYRPENSVAQDTGFTVVAPGKEKALMKAVATVGPISVAMDAGHSSFQFYKSGIYFEPD
CSSKNLDHGVLVVGYGFEGANSDNSKYWLVKNSWGPEWGSNGYVKIAKDKNNHCGIATAASYPNV
;
A,B,C,D
2 'polypeptide(L)'
;MASLEDGTYRLRAVTTSNPDPGVGGEYATVEGARQPVKAEPSTPPFFERQIWQVTRNSDGQSTIKYQGLNAPFEYGFSYD
Q(SME)EQNAPV(SME)AGDPKEYILQLVPSTTDVYIIRAPIQRVGVDVEVGVQGNNLVYKFFPVDGSGGDRPAWRFTRE
;
E,F,G,H
#
loop_
_chem_comp.id
_chem_comp.type
_chem_comp.name
_chem_comp.formula
SO4 non-polymer 'SULFATE ION' 'O4 S -2'
#
# COMPACT_ATOMS: atom_id res chain seq x y z
N LEU A 1 -13.14 4.78 -13.93
CA LEU A 1 -13.86 5.88 -14.56
C LEU A 1 -13.15 6.38 -15.80
N PRO A 2 -13.88 7.10 -16.66
CA PRO A 2 -13.17 7.60 -17.83
C PRO A 2 -12.05 8.57 -17.37
N LYS A 3 -10.98 8.68 -18.14
CA LYS A 3 -9.90 9.62 -17.78
C LYS A 3 -10.34 11.07 -18.09
N SER A 4 -11.25 11.23 -19.03
CA SER A 4 -11.79 12.52 -19.45
C SER A 4 -13.25 12.38 -19.73
N VAL A 5 -13.95 13.48 -19.51
CA VAL A 5 -15.39 13.53 -19.68
C VAL A 5 -15.69 14.95 -20.09
N ASP A 6 -16.72 15.09 -20.92
CA ASP A 6 -17.13 16.40 -21.37
C ASP A 6 -18.55 16.31 -21.86
N TRP A 7 -19.48 16.63 -20.99
CA TRP A 7 -20.88 16.51 -21.34
C TRP A 7 -21.36 17.37 -22.46
N ARG A 8 -20.66 18.46 -22.73
CA ARG A 8 -21.03 19.30 -23.83
C ARG A 8 -20.99 18.50 -25.14
N LYS A 9 -19.99 17.63 -25.30
CA LYS A 9 -19.80 16.85 -26.54
C LYS A 9 -20.97 15.94 -26.74
N LYS A 10 -21.72 15.71 -25.67
CA LYS A 10 -22.89 14.88 -25.73
C LYS A 10 -24.20 15.61 -25.82
N GLY A 11 -24.18 16.93 -25.90
CA GLY A 11 -25.45 17.63 -26.02
C GLY A 11 -26.21 17.92 -24.76
N TYR A 12 -25.56 17.78 -23.60
CA TYR A 12 -26.21 17.97 -22.28
C TYR A 12 -26.28 19.45 -21.82
N VAL A 13 -25.50 20.30 -22.49
CA VAL A 13 -25.26 21.65 -22.03
C VAL A 13 -25.67 22.76 -22.96
N THR A 14 -26.46 23.71 -22.45
CA THR A 14 -26.90 24.85 -23.21
C THR A 14 -25.76 25.84 -23.35
N PRO A 15 -25.89 26.82 -24.24
CA PRO A 15 -24.84 27.87 -24.41
C PRO A 15 -24.60 28.61 -23.03
N VAL A 16 -23.50 29.35 -22.94
CA VAL A 16 -23.14 30.09 -21.71
C VAL A 16 -24.05 31.31 -21.58
N LYS A 17 -24.61 31.48 -20.39
CA LYS A 17 -25.53 32.59 -20.09
C LYS A 17 -24.80 33.66 -19.24
N ASN A 18 -25.51 34.76 -19.01
CA ASN A 18 -24.99 35.92 -18.25
C ASN A 18 -26.01 36.31 -17.15
N GLN A 19 -25.64 36.24 -15.86
CA GLN A 19 -26.57 36.57 -14.73
C GLN A 19 -26.76 38.10 -14.59
N LYS A 20 -25.83 38.82 -15.21
CA LYS A 20 -25.79 40.30 -15.22
C LYS A 20 -25.77 40.88 -13.83
N GLN A 21 -26.69 41.83 -13.56
CA GLN A 21 -26.59 42.52 -12.24
C GLN A 21 -27.31 41.86 -11.06
N CYS A 22 -27.57 40.56 -11.19
CA CYS A 22 -28.32 39.88 -10.17
C CYS A 22 -27.36 38.80 -9.59
N GLY A 23 -27.32 38.63 -8.27
CA GLY A 23 -26.43 37.62 -7.64
C GLY A 23 -27.14 36.25 -7.64
N SER A 24 -27.64 35.80 -8.79
CA SER A 24 -28.40 34.58 -8.93
C SER A 24 -27.56 33.41 -9.53
N TRP A 26 -26.46 30.82 -8.22
CA TRP A 26 -27.06 29.58 -7.68
C TRP A 26 -28.22 29.13 -8.63
N ALA A 27 -29.03 30.08 -9.13
CA ALA A 27 -30.07 29.75 -10.08
C ALA A 27 -29.49 29.21 -11.41
N PHE A 28 -28.43 29.83 -11.95
CA PHE A 28 -27.82 29.35 -13.20
C PHE A 28 -27.14 27.96 -13.08
N SER A 29 -26.55 27.73 -11.91
CA SER A 29 -25.92 26.44 -11.57
C SER A 29 -27.04 25.35 -11.51
N ALA A 30 -28.18 25.69 -10.88
CA ALA A 30 -29.30 24.74 -10.75
C ALA A 30 -29.98 24.40 -12.12
N THR A 31 -30.25 25.43 -12.88
CA THR A 31 -30.86 25.34 -14.21
C THR A 31 -29.87 24.53 -15.14
N GLY A 32 -28.55 24.77 -14.99
CA GLY A 32 -27.58 24.01 -15.77
C GLY A 32 -27.60 22.49 -15.39
N ALA A 33 -27.68 22.18 -14.09
CA ALA A 33 -27.66 20.77 -13.64
C ALA A 33 -29.01 20.10 -14.10
N LEU A 34 -30.08 20.87 -14.02
CA LEU A 34 -31.38 20.38 -14.43
C LEU A 34 -31.55 20.26 -15.96
N GLU A 35 -30.97 21.16 -16.73
CA GLU A 35 -30.98 21.03 -18.19
C GLU A 35 -30.30 19.67 -18.54
N GLY A 36 -29.26 19.37 -17.75
CA GLY A 36 -28.47 18.17 -17.92
C GLY A 36 -29.28 16.91 -17.69
N GLN A 37 -29.90 16.80 -16.52
CA GLN A 37 -30.72 15.65 -16.22
C GLN A 37 -31.95 15.49 -17.17
N MET A 38 -32.58 16.60 -17.55
CA MET A 38 -33.73 16.56 -18.42
C MET A 38 -33.35 16.00 -19.75
N PHE A 39 -32.14 16.32 -20.17
CA PHE A 39 -31.65 15.83 -21.43
C PHE A 39 -31.37 14.33 -21.35
N ARG A 40 -30.75 13.88 -20.27
CA ARG A 40 -30.44 12.48 -20.08
C ARG A 40 -31.75 11.70 -20.15
N LYS A 41 -32.78 12.26 -19.53
CA LYS A 41 -34.09 11.64 -19.48
C LYS A 41 -34.94 11.69 -20.77
N THR A 42 -35.09 12.86 -21.38
CA THR A 42 -35.95 12.92 -22.57
C THR A 42 -35.25 13.02 -23.92
N GLY A 43 -33.95 13.31 -23.96
CA GLY A 43 -33.28 13.47 -25.24
C GLY A 43 -33.39 14.88 -25.82
N LYS A 44 -34.11 15.76 -25.15
CA LYS A 44 -34.23 17.12 -25.62
C LYS A 44 -33.48 18.10 -24.73
N LEU A 45 -32.76 19.03 -25.34
CA LEU A 45 -32.06 20.06 -24.57
C LEU A 45 -32.95 21.33 -24.55
N VAL A 46 -33.47 21.74 -23.39
CA VAL A 46 -34.31 22.92 -23.36
C VAL A 46 -33.76 23.85 -22.28
N SER A 47 -33.53 25.10 -22.67
CA SER A 47 -33.03 26.07 -21.77
C SER A 47 -34.09 26.39 -20.72
N LEU A 48 -33.70 26.29 -19.45
CA LEU A 48 -34.63 26.59 -18.39
C LEU A 48 -34.55 28.05 -17.94
N SER A 49 -35.59 28.42 -17.20
CA SER A 49 -35.76 29.77 -16.63
C SER A 49 -35.13 30.01 -15.23
N GLU A 50 -34.07 30.80 -15.17
CA GLU A 50 -33.48 31.13 -13.89
C GLU A 50 -34.39 32.15 -13.18
N GLN A 51 -35.05 33.02 -14.00
CA GLN A 51 -35.95 34.02 -13.43
C GLN A 51 -37.07 33.33 -12.59
N ASN A 52 -37.53 32.18 -13.11
CA ASN A 52 -38.58 31.39 -12.41
C ASN A 52 -38.00 31.03 -11.02
N LEU A 53 -36.80 30.45 -11.00
CA LEU A 53 -36.14 30.20 -9.73
C LEU A 53 -35.99 31.50 -8.88
N VAL A 54 -35.52 32.62 -9.44
CA VAL A 54 -35.35 33.74 -8.55
C VAL A 54 -36.66 34.35 -8.04
N ASP A 55 -37.70 34.44 -8.88
CA ASP A 55 -38.96 35.01 -8.45
C ASP A 55 -39.79 34.15 -7.41
N CYS A 56 -39.73 32.85 -7.56
CA CYS A 56 -40.60 31.95 -6.86
C CYS A 56 -40.09 31.05 -5.79
N SER A 57 -38.79 31.00 -5.59
CA SER A 57 -38.27 30.07 -4.59
C SER A 57 -37.95 30.64 -3.23
N ARG A 58 -38.57 31.76 -2.93
CA ARG A 58 -38.35 32.28 -1.55
C ARG A 58 -38.91 31.37 -0.43
N PRO A 59 -40.09 30.76 -0.68
CA PRO A 59 -40.69 29.87 0.36
C PRO A 59 -39.72 28.71 0.71
N GLN A 60 -38.90 28.30 -0.27
CA GLN A 60 -37.95 27.25 -0.04
C GLN A 60 -36.64 27.74 0.59
N GLY A 61 -36.55 29.03 0.86
CA GLY A 61 -35.36 29.54 1.53
C GLY A 61 -34.33 30.24 0.65
N ASN A 62 -34.69 30.55 -0.60
CA ASN A 62 -33.77 31.29 -1.45
C ASN A 62 -34.18 32.78 -1.37
N GLN A 63 -33.29 33.68 -1.79
CA GLN A 63 -33.51 35.13 -1.75
C GLN A 63 -33.20 35.83 -3.09
N GLY A 64 -33.55 35.19 -4.19
CA GLY A 64 -33.42 35.84 -5.49
C GLY A 64 -32.03 36.35 -5.80
N CYS A 65 -32.00 37.60 -6.25
CA CYS A 65 -30.75 38.29 -6.57
C CYS A 65 -29.82 38.45 -5.36
N ASN A 66 -30.35 38.25 -4.15
CA ASN A 66 -29.60 38.36 -2.91
C ASN A 66 -28.92 37.08 -2.50
N GLY A 67 -29.23 36.03 -3.28
CA GLY A 67 -28.56 34.74 -3.12
C GLY A 67 -29.44 33.53 -2.81
N GLY A 68 -28.78 32.37 -2.70
CA GLY A 68 -29.50 31.15 -2.39
C GLY A 68 -28.63 29.93 -2.54
N PHE A 69 -29.30 28.80 -2.68
CA PHE A 69 -28.69 27.47 -2.81
C PHE A 69 -29.26 26.62 -3.94
N MET A 70 -28.37 26.03 -4.74
CA MET A 70 -28.83 25.18 -5.81
C MET A 70 -29.80 24.09 -5.24
N ALA A 71 -29.40 23.45 -4.11
CA ALA A 71 -30.24 22.39 -3.49
C ALA A 71 -31.65 22.93 -3.18
N ARG A 72 -31.78 24.15 -2.69
CA ARG A 72 -33.13 24.74 -2.46
C ARG A 72 -33.89 25.02 -3.74
N ALA A 73 -33.15 25.29 -4.80
CA ALA A 73 -33.78 25.48 -6.09
C ALA A 73 -34.39 24.10 -6.52
N PHE A 74 -33.60 23.02 -6.37
CA PHE A 74 -34.07 21.66 -6.75
C PHE A 74 -35.34 21.31 -5.87
N GLN A 75 -35.34 21.80 -4.61
CA GLN A 75 -36.44 21.60 -3.71
C GLN A 75 -37.67 22.35 -4.22
N TYR A 76 -37.47 23.60 -4.64
CA TYR A 76 -38.59 24.35 -5.19
C TYR A 76 -39.20 23.59 -6.39
N VAL A 77 -38.36 23.08 -7.29
CA VAL A 77 -38.89 22.40 -8.48
C VAL A 77 -39.80 21.18 -8.10
N LYS A 78 -39.30 20.45 -7.14
CA LYS A 78 -39.97 19.32 -6.57
C LYS A 78 -41.30 19.74 -5.97
N GLU A 79 -41.31 20.74 -5.08
CA GLU A 79 -42.56 21.20 -4.45
C GLU A 79 -43.55 21.90 -5.38
N ASN A 80 -42.98 22.56 -6.38
CA ASN A 80 -43.74 23.33 -7.35
C ASN A 80 -44.35 22.41 -8.41
N GLY A 81 -43.77 21.23 -8.59
CA GLY A 81 -44.24 20.32 -9.61
C GLY A 81 -43.67 20.62 -10.99
N GLY A 82 -42.76 21.59 -11.08
CA GLY A 82 -42.15 21.95 -12.35
C GLY A 82 -41.38 23.27 -12.43
N LEU A 83 -40.87 23.60 -13.63
CA LEU A 83 -40.08 24.81 -13.87
C LEU A 83 -40.31 25.15 -15.35
N ASP A 84 -40.51 26.44 -15.60
CA ASP A 84 -40.72 26.97 -16.92
C ASP A 84 -39.44 27.13 -17.79
N SER A 85 -39.64 27.09 -19.11
CA SER A 85 -38.57 27.27 -20.07
C SER A 85 -38.11 28.76 -20.03
N GLU A 86 -36.84 28.96 -20.39
CA GLU A 86 -36.22 30.28 -20.53
C GLU A 86 -37.13 31.12 -21.45
N GLU A 87 -37.58 30.48 -22.55
CA GLU A 87 -38.40 31.15 -23.54
C GLU A 87 -39.71 31.71 -23.00
N SER A 88 -40.42 30.92 -22.19
CA SER A 88 -41.68 31.38 -21.65
C SER A 88 -41.54 32.28 -20.44
N TYR A 89 -40.41 32.26 -19.72
CA TYR A 89 -40.33 33.08 -18.46
C TYR A 89 -38.88 33.61 -18.52
N PRO A 90 -38.72 34.64 -19.37
CA PRO A 90 -37.40 35.26 -19.60
C PRO A 90 -36.69 35.93 -18.44
N TYR A 91 -35.40 35.84 -18.49
CA TYR A 91 -34.53 36.39 -17.50
C TYR A 91 -34.44 37.91 -17.58
N VAL A 92 -34.72 38.61 -16.48
CA VAL A 92 -34.67 40.07 -16.47
C VAL A 92 -33.66 40.59 -15.36
N ALA A 93 -33.10 39.64 -14.60
CA ALA A 93 -32.07 39.93 -13.65
C ALA A 93 -32.40 40.90 -12.55
N VAL A 94 -33.68 40.93 -12.13
CA VAL A 94 -34.12 41.72 -10.98
C VAL A 94 -35.22 40.87 -10.23
N ASP A 95 -35.36 41.07 -8.93
CA ASP A 95 -36.41 40.34 -8.20
C ASP A 95 -37.85 40.79 -8.59
N GLU A 96 -38.68 39.88 -9.06
CA GLU A 96 -40.07 40.24 -9.42
C GLU A 96 -41.03 39.19 -8.88
N ILE A 97 -42.30 39.50 -9.02
CA ILE A 97 -43.34 38.62 -8.56
C ILE A 97 -43.38 37.29 -9.36
N CYS A 98 -43.62 36.22 -8.62
CA CYS A 98 -43.73 34.87 -9.20
C CYS A 98 -44.77 34.84 -10.32
N LYS A 99 -44.38 34.32 -11.47
CA LYS A 99 -45.32 34.25 -12.60
C LYS A 99 -45.28 32.83 -13.25
N TYR A 100 -44.97 31.85 -12.41
CA TYR A 100 -44.91 30.48 -12.87
C TYR A 100 -46.26 30.05 -13.49
N ARG A 101 -46.15 29.34 -14.59
CA ARG A 101 -47.26 28.76 -15.33
C ARG A 101 -46.98 27.31 -15.64
N PRO A 102 -47.80 26.43 -15.03
CA PRO A 102 -47.75 24.99 -15.15
C PRO A 102 -47.78 24.64 -16.60
N GLU A 103 -48.62 25.35 -17.38
CA GLU A 103 -48.73 25.07 -18.86
C GLU A 103 -47.42 25.24 -19.56
N ASN A 104 -46.48 25.94 -18.95
CA ASN A 104 -45.21 26.18 -19.61
C ASN A 104 -44.05 25.40 -19.02
N SER A 105 -44.34 24.60 -17.98
CA SER A 105 -43.29 23.82 -17.30
C SER A 105 -42.67 22.86 -18.29
N VAL A 106 -41.36 22.82 -18.36
CA VAL A 106 -40.71 21.86 -19.25
C VAL A 106 -39.69 20.97 -18.52
N ALA A 107 -39.68 21.03 -17.19
CA ALA A 107 -38.76 20.21 -16.43
C ALA A 107 -39.36 19.92 -15.08
N GLN A 108 -38.81 18.89 -14.43
CA GLN A 108 -39.23 18.46 -13.09
C GLN A 108 -38.13 17.66 -12.41
N ASP A 109 -38.17 17.66 -11.08
CA ASP A 109 -37.28 16.78 -10.35
C ASP A 109 -38.04 16.35 -9.09
N THR A 110 -37.61 15.25 -8.49
CA THR A 110 -38.29 14.73 -7.30
C THR A 110 -37.46 14.99 -6.05
N GLY A 111 -36.51 15.93 -6.16
CA GLY A 111 -35.62 16.22 -5.03
C GLY A 111 -34.21 16.18 -5.58
N PHE A 112 -33.22 15.88 -4.77
CA PHE A 112 -31.85 15.91 -5.30
C PHE A 112 -30.95 15.00 -4.51
N THR A 113 -29.73 14.91 -4.97
CA THR A 113 -28.76 14.12 -4.32
C THR A 113 -27.55 15.03 -3.99
N VAL A 114 -26.88 14.71 -2.88
CA VAL A 114 -25.75 15.48 -2.40
C VAL A 114 -24.49 14.65 -2.51
N VAL A 115 -23.44 15.26 -3.04
CA VAL A 115 -22.18 14.56 -3.20
C VAL A 115 -21.40 14.56 -1.85
N ALA A 116 -20.83 13.41 -1.47
CA ALA A 116 -20.04 13.32 -0.20
C ALA A 116 -19.08 14.57 -0.14
N PRO A 117 -19.19 15.35 0.92
CA PRO A 117 -18.40 16.59 1.15
C PRO A 117 -16.91 16.49 1.10
N GLY A 118 -16.30 17.36 0.29
CA GLY A 118 -14.86 17.42 0.24
C GLY A 118 -14.32 16.26 -0.56
N LYS A 119 -15.16 15.46 -1.19
CA LYS A 119 -14.53 14.35 -1.89
C LYS A 119 -14.39 14.48 -3.38
N GLU A 120 -13.17 14.78 -3.85
CA GLU A 120 -12.93 14.92 -5.27
C GLU A 120 -13.19 13.62 -6.06
N LYS A 121 -12.89 12.48 -5.45
CA LYS A 121 -13.16 11.18 -6.14
C LYS A 121 -14.65 10.93 -6.22
N ALA A 122 -15.39 11.28 -5.18
CA ALA A 122 -16.81 11.11 -5.30
C ALA A 122 -17.38 12.15 -6.35
N LEU A 123 -16.79 13.35 -6.43
CA LEU A 123 -17.33 14.26 -7.46
C LEU A 123 -16.98 13.73 -8.84
N MET A 124 -15.80 13.11 -9.01
CA MET A 124 -15.45 12.61 -10.33
C MET A 124 -16.47 11.48 -10.71
N LYS A 125 -16.83 10.73 -9.69
CA LYS A 125 -17.78 9.67 -9.89
C LYS A 125 -19.12 10.25 -10.33
N ALA A 126 -19.54 11.29 -9.62
CA ALA A 126 -20.82 11.89 -9.95
C ALA A 126 -20.73 12.51 -11.39
N VAL A 127 -19.66 13.24 -11.72
CA VAL A 127 -19.68 13.72 -13.10
C VAL A 127 -19.56 12.62 -14.20
N ALA A 128 -18.90 11.50 -13.89
CA ALA A 128 -18.81 10.44 -14.86
C ALA A 128 -20.10 9.67 -15.03
N THR A 129 -20.89 9.53 -13.97
CA THR A 129 -22.09 8.71 -14.08
C THR A 129 -23.43 9.41 -14.20
N VAL A 130 -23.51 10.66 -13.74
CA VAL A 130 -24.77 11.37 -13.77
C VAL A 130 -24.89 12.41 -14.88
N GLY A 131 -23.86 13.23 -15.03
CA GLY A 131 -23.91 14.32 -16.02
C GLY A 131 -23.39 15.57 -15.27
N PRO A 132 -23.58 16.79 -15.79
CA PRO A 132 -23.13 18.06 -15.17
C PRO A 132 -23.61 18.19 -13.69
N ILE A 133 -22.71 18.60 -12.81
CA ILE A 133 -23.01 18.70 -11.40
C ILE A 133 -22.97 20.17 -10.83
N SER A 134 -23.96 20.54 -10.03
CA SER A 134 -23.96 21.86 -9.37
C SER A 134 -22.98 21.86 -8.24
N VAL A 135 -22.08 22.84 -8.27
CA VAL A 135 -21.11 22.97 -7.16
C VAL A 135 -21.03 24.47 -6.74
N ALA A 136 -20.55 24.67 -5.53
CA ALA A 136 -20.25 25.99 -4.95
C ALA A 136 -18.71 26.07 -4.93
N MET A 137 -18.16 27.29 -5.03
CA MET A 137 -16.73 27.46 -5.09
C MET A 137 -16.34 28.78 -4.49
N ASP A 138 -15.05 28.94 -4.19
CA ASP A 138 -14.57 30.22 -3.68
C ASP A 138 -14.09 31.00 -4.91
N ALA A 139 -14.95 31.89 -5.37
CA ALA A 139 -14.66 32.74 -6.53
C ALA A 139 -14.18 34.18 -6.16
N GLY A 140 -13.96 34.45 -4.91
CA GLY A 140 -13.59 35.83 -4.55
C GLY A 140 -12.15 36.29 -4.67
N HIS A 141 -11.51 36.12 -5.82
CA HIS A 141 -10.12 36.57 -6.00
C HIS A 141 -10.01 37.12 -7.43
N SER A 142 -9.26 38.19 -7.61
CA SER A 142 -9.06 38.78 -8.93
C SER A 142 -8.54 37.74 -9.92
N SER A 143 -7.71 36.81 -9.44
CA SER A 143 -7.16 35.74 -10.36
C SER A 143 -8.30 34.98 -11.03
N PHE A 144 -9.37 34.80 -10.32
CA PHE A 144 -10.51 34.11 -10.89
C PHE A 144 -11.41 35.10 -11.64
N GLN A 145 -11.60 36.30 -11.07
CA GLN A 145 -12.55 37.31 -11.66
C GLN A 145 -12.08 37.71 -13.06
N PHE A 146 -10.74 37.71 -13.20
CA PHE A 146 -10.11 38.04 -14.49
C PHE A 146 -9.43 36.79 -15.13
N TYR A 147 -9.78 35.59 -14.64
CA TYR A 147 -9.26 34.37 -15.25
C TYR A 147 -9.45 34.47 -16.80
N LYS A 148 -8.47 33.97 -17.54
CA LYS A 148 -8.56 33.92 -18.97
C LYS A 148 -8.34 32.50 -19.59
N SER A 149 -7.37 31.71 -19.16
CA SER A 149 -7.11 30.39 -19.79
C SER A 149 -6.19 29.62 -18.94
N GLY A 150 -6.06 28.33 -19.24
CA GLY A 150 -5.19 27.49 -18.44
C GLY A 150 -5.94 26.88 -17.25
N ILE A 151 -5.19 26.16 -16.44
CA ILE A 151 -5.70 25.52 -15.27
C ILE A 151 -5.58 26.49 -14.12
N TYR A 152 -6.74 26.87 -13.58
CA TYR A 152 -6.77 27.83 -12.52
C TYR A 152 -6.29 27.27 -11.16
N PHE A 153 -5.34 27.95 -10.54
CA PHE A 153 -4.86 27.55 -9.22
C PHE A 153 -4.62 28.89 -8.59
N GLU A 154 -5.14 29.06 -7.36
CA GLU A 154 -5.00 30.32 -6.62
C GLU A 154 -4.66 29.85 -5.19
N PRO A 155 -3.44 30.12 -4.71
CA PRO A 155 -3.02 29.68 -3.38
C PRO A 155 -3.88 30.11 -2.21
N ASP A 156 -4.49 31.28 -2.34
CA ASP A 156 -5.38 31.75 -1.32
C ASP A 156 -6.86 31.20 -1.46
N CYS A 157 -7.12 30.31 -2.42
CA CYS A 157 -8.50 29.80 -2.57
C CYS A 157 -8.96 29.01 -1.35
N SER A 158 -10.17 29.28 -0.85
CA SER A 158 -10.64 28.55 0.31
C SER A 158 -11.45 27.31 -0.12
N SER A 159 -11.48 26.28 0.71
CA SER A 159 -12.32 25.15 0.35
C SER A 159 -13.50 25.12 1.28
N LYS A 160 -13.63 26.13 2.12
CA LYS A 160 -14.72 26.24 3.10
C LYS A 160 -15.73 27.39 2.88
N ASN A 161 -15.21 28.59 2.61
CA ASN A 161 -16.00 29.79 2.42
C ASN A 161 -16.21 29.92 0.95
N LEU A 162 -17.37 29.43 0.55
CA LEU A 162 -17.68 29.40 -0.86
C LEU A 162 -18.71 30.47 -1.16
N ASP A 163 -18.53 31.19 -2.28
CA ASP A 163 -19.48 32.28 -2.59
C ASP A 163 -20.15 32.26 -3.94
N HIS A 164 -19.86 31.28 -4.80
CA HIS A 164 -20.34 31.30 -6.19
C HIS A 164 -20.82 29.93 -6.62
N GLY A 165 -22.03 29.86 -7.19
CA GLY A 165 -22.50 28.56 -7.64
C GLY A 165 -22.20 28.40 -9.14
N VAL A 166 -21.50 27.34 -9.55
CA VAL A 166 -21.28 27.09 -10.96
C VAL A 166 -21.65 25.62 -11.36
N LEU A 167 -21.18 25.20 -12.53
CA LEU A 167 -21.52 23.89 -13.02
C LEU A 167 -20.31 23.09 -13.56
N VAL A 168 -20.09 21.93 -12.99
CA VAL A 168 -19.05 21.05 -13.49
C VAL A 168 -19.62 20.18 -14.63
N VAL A 169 -19.13 20.35 -15.85
CA VAL A 169 -19.66 19.57 -16.98
C VAL A 169 -18.63 18.52 -17.47
N GLY A 170 -17.48 18.46 -16.82
CA GLY A 170 -16.47 17.49 -17.18
C GLY A 170 -15.20 17.60 -16.35
N TYR A 171 -14.23 16.79 -16.75
CA TYR A 171 -12.92 16.75 -16.15
C TYR A 171 -11.97 16.19 -17.21
N GLY A 172 -10.68 16.35 -16.98
CA GLY A 172 -9.66 15.91 -17.92
C GLY A 172 -8.22 16.16 -17.44
N PHE A 173 -7.30 16.30 -18.36
CA PHE A 173 -5.93 16.47 -17.97
C PHE A 173 -5.20 17.11 -19.14
N GLU A 174 -4.22 17.94 -18.84
CA GLU A 174 -3.45 18.56 -19.90
C GLU A 174 -2.15 17.73 -20.06
N GLY A 175 -1.51 17.82 -21.22
CA GLY A 175 -0.30 17.07 -21.38
C GLY A 175 -0.55 15.59 -21.57
N ALA A 176 0.51 14.81 -21.35
CA ALA A 176 0.49 13.37 -21.60
C ALA A 176 -0.02 12.40 -20.55
N ASN A 177 0.14 12.75 -19.29
CA ASN A 177 -0.24 11.84 -18.23
C ASN A 177 -1.70 12.05 -17.82
N SER A 178 -2.50 10.98 -17.85
CA SER A 178 -3.90 11.08 -17.43
C SER A 178 -3.98 11.54 -15.99
N ASP A 179 -2.88 11.45 -15.25
CA ASP A 179 -2.93 11.82 -13.84
C ASP A 179 -2.04 13.02 -13.60
N ASN A 180 -1.70 13.70 -14.68
CA ASN A 180 -0.85 14.87 -14.54
C ASN A 180 -1.48 16.09 -15.09
N SER A 181 -1.58 17.13 -14.26
CA SER A 181 -2.19 18.38 -14.70
C SER A 181 -3.66 18.11 -14.92
N LYS A 182 -4.29 17.63 -13.88
CA LYS A 182 -5.67 17.34 -14.00
C LYS A 182 -6.53 18.62 -13.72
N TYR A 183 -7.71 18.66 -14.33
CA TYR A 183 -8.64 19.76 -14.11
C TYR A 183 -10.12 19.35 -14.18
N TRP A 184 -10.93 20.19 -13.53
CA TRP A 184 -12.41 20.15 -13.53
C TRP A 184 -12.81 21.13 -14.61
N LEU A 185 -13.76 20.74 -15.43
CA LEU A 185 -14.15 21.59 -16.53
C LEU A 185 -15.43 22.26 -16.01
N VAL A 186 -15.41 23.59 -15.90
CA VAL A 186 -16.55 24.22 -15.28
C VAL A 186 -17.18 25.28 -16.14
N LYS A 187 -18.50 25.28 -16.21
CA LYS A 187 -19.28 26.29 -16.96
C LYS A 187 -19.61 27.46 -15.97
N ASN A 188 -19.24 28.70 -16.31
CA ASN A 188 -19.55 29.86 -15.45
C ASN A 188 -20.83 30.53 -16.01
N SER A 189 -21.36 31.55 -15.35
CA SER A 189 -22.57 32.26 -15.81
C SER A 189 -22.26 33.80 -15.90
N TRP A 190 -21.07 34.08 -16.42
CA TRP A 190 -20.61 35.45 -16.63
C TRP A 190 -20.52 35.78 -18.11
N GLY A 191 -21.33 35.07 -18.92
CA GLY A 191 -21.27 35.30 -20.34
C GLY A 191 -20.01 34.65 -20.98
N PRO A 192 -20.07 34.44 -22.30
CA PRO A 192 -19.04 33.85 -23.17
C PRO A 192 -17.69 34.59 -23.28
N GLU A 193 -17.74 35.89 -23.00
CA GLU A 193 -16.58 36.77 -23.04
C GLU A 193 -15.69 36.50 -21.79
N TRP A 194 -16.25 35.94 -20.74
CA TRP A 194 -15.39 35.63 -19.60
C TRP A 194 -14.57 34.32 -19.82
N GLY A 195 -13.44 34.24 -19.13
CA GLY A 195 -12.56 33.09 -19.18
C GLY A 195 -12.30 32.57 -20.61
N SER A 196 -12.42 31.24 -20.78
CA SER A 196 -12.24 30.59 -22.06
C SER A 196 -13.64 30.27 -22.62
N ASN A 197 -14.12 31.21 -23.40
CA ASN A 197 -15.47 31.18 -23.97
C ASN A 197 -16.55 30.94 -22.91
N GLY A 198 -16.31 31.43 -21.69
CA GLY A 198 -17.30 31.29 -20.63
C GLY A 198 -16.97 30.15 -19.69
N TYR A 199 -15.89 29.42 -19.98
CA TYR A 199 -15.53 28.20 -19.23
C TYR A 199 -14.23 28.33 -18.51
N VAL A 200 -14.06 27.59 -17.40
CA VAL A 200 -12.78 27.68 -16.68
C VAL A 200 -12.34 26.26 -16.34
N LYS A 201 -11.04 25.99 -16.42
CA LYS A 201 -10.55 24.70 -15.94
C LYS A 201 -9.94 24.99 -14.56
N ILE A 202 -10.34 24.22 -13.54
CA ILE A 202 -9.84 24.46 -12.23
C ILE A 202 -9.01 23.25 -11.78
N ALA A 203 -7.85 23.52 -11.20
CA ALA A 203 -6.99 22.42 -10.71
C ALA A 203 -7.82 21.29 -10.04
N LYS A 204 -7.59 20.06 -10.47
CA LYS A 204 -8.29 18.87 -9.95
C LYS A 204 -7.30 17.97 -9.13
N ASP A 205 -7.83 17.36 -8.08
CA ASP A 205 -7.09 16.53 -7.15
C ASP A 205 -5.92 17.28 -6.62
N LYS A 206 -6.14 18.57 -6.36
CA LYS A 206 -5.13 19.38 -5.68
C LYS A 206 -5.75 19.88 -4.37
N ASN A 207 -6.18 18.91 -3.55
CA ASN A 207 -6.77 19.19 -2.21
C ASN A 207 -8.05 20.06 -2.27
N ASN A 208 -8.99 19.59 -3.09
CA ASN A 208 -10.29 20.23 -3.20
C ASN A 208 -10.18 21.74 -3.44
N HIS A 209 -9.50 22.09 -4.51
CA HIS A 209 -9.21 23.46 -4.81
C HIS A 209 -10.45 24.39 -4.98
N CYS A 210 -10.47 25.55 -4.28
CA CYS A 210 -11.62 26.48 -4.27
C CYS A 210 -12.94 25.81 -3.76
N GLY A 211 -12.83 24.60 -3.19
CA GLY A 211 -14.02 23.95 -2.64
C GLY A 211 -15.00 23.34 -3.65
N ILE A 212 -14.55 23.02 -4.88
CA ILE A 212 -15.51 22.46 -5.87
C ILE A 212 -16.27 21.25 -5.40
N ALA A 213 -15.64 20.47 -4.51
CA ALA A 213 -16.27 19.20 -4.02
C ALA A 213 -16.85 19.33 -2.66
N THR A 214 -16.85 20.56 -2.12
CA THR A 214 -17.42 20.67 -0.80
C THR A 214 -18.89 20.74 -0.62
N ALA A 215 -19.61 21.14 -1.67
CA ALA A 215 -21.05 21.29 -1.53
C ALA A 215 -21.77 21.09 -2.90
N ALA A 216 -21.46 19.94 -3.49
CA ALA A 216 -21.96 19.56 -4.78
C ALA A 216 -23.27 18.80 -4.64
N SER A 217 -24.14 18.98 -5.63
CA SER A 217 -25.40 18.31 -5.63
C SER A 217 -25.96 18.22 -7.06
N TYR A 218 -26.97 17.38 -7.24
CA TYR A 218 -27.62 17.22 -8.57
C TYR A 218 -29.07 16.87 -8.41
N PRO A 219 -29.92 17.36 -9.34
CA PRO A 219 -31.33 17.02 -9.16
C PRO A 219 -31.62 15.58 -9.59
N ASN A 220 -32.64 14.96 -8.97
CA ASN A 220 -33.10 13.58 -9.31
C ASN A 220 -34.34 13.73 -10.22
N VAL A 221 -34.26 13.21 -11.44
CA VAL A 221 -35.41 13.30 -12.34
C VAL A 221 -35.98 11.88 -12.69
N LEU B 1 7.89 48.20 8.61
CA LEU B 1 9.06 47.41 8.26
C LEU B 1 9.46 47.88 6.89
N PRO B 2 10.75 47.75 6.53
CA PRO B 2 11.17 48.18 5.18
C PRO B 2 10.34 47.38 4.20
N LYS B 3 10.03 47.97 3.06
CA LYS B 3 9.25 47.25 2.05
C LYS B 3 10.10 46.32 1.14
N SER B 4 11.43 46.47 1.25
CA SER B 4 12.42 45.75 0.50
C SER B 4 13.66 45.59 1.43
N VAL B 5 14.37 44.47 1.34
CA VAL B 5 15.56 44.22 2.13
C VAL B 5 16.44 43.36 1.25
N ASP B 6 17.73 43.60 1.29
CA ASP B 6 18.67 42.80 0.53
C ASP B 6 19.99 42.90 1.29
N TRP B 7 20.17 41.92 2.18
CA TRP B 7 21.38 41.87 2.99
C TRP B 7 22.62 41.79 2.17
N ARG B 8 22.47 41.54 0.87
CA ARG B 8 23.66 41.40 0.05
C ARG B 8 24.35 42.76 0.01
N LYS B 9 23.52 43.78 -0.18
CA LYS B 9 23.93 45.19 -0.26
C LYS B 9 24.69 45.66 0.97
N LYS B 10 24.54 44.97 2.09
CA LYS B 10 25.17 45.43 3.32
C LYS B 10 26.37 44.61 3.72
N GLY B 11 26.85 43.81 2.77
CA GLY B 11 28.01 42.96 2.99
C GLY B 11 27.79 41.82 3.97
N TYR B 12 26.54 41.35 4.07
CA TYR B 12 26.22 40.27 5.00
C TYR B 12 26.34 38.88 4.37
N VAL B 13 26.60 38.80 3.07
CA VAL B 13 26.49 37.54 2.33
C VAL B 13 27.70 37.11 1.49
N THR B 14 28.21 35.90 1.69
CA THR B 14 29.35 35.48 0.87
C THR B 14 28.95 35.12 -0.55
N PRO B 15 29.94 34.81 -1.41
CA PRO B 15 29.61 34.44 -2.80
C PRO B 15 28.84 33.07 -2.75
N VAL B 16 28.06 32.83 -3.80
CA VAL B 16 27.27 31.59 -3.91
C VAL B 16 28.21 30.38 -3.95
N LYS B 17 27.91 29.38 -3.14
CA LYS B 17 28.72 28.19 -3.13
C LYS B 17 28.11 26.96 -3.87
N ASN B 18 28.81 25.83 -3.85
CA ASN B 18 28.29 24.66 -4.56
C ASN B 18 28.44 23.42 -3.73
N GLN B 19 27.32 22.83 -3.32
CA GLN B 19 27.41 21.64 -2.49
C GLN B 19 27.88 20.45 -3.26
N LYS B 20 27.70 20.47 -4.58
CA LYS B 20 28.12 19.35 -5.42
C LYS B 20 27.43 18.01 -4.99
N GLN B 21 28.18 16.92 -4.97
CA GLN B 21 27.67 15.58 -4.71
C GLN B 21 27.39 15.23 -3.26
N CYS B 22 26.99 16.17 -2.46
CA CYS B 22 26.82 15.86 -1.05
C CYS B 22 25.52 16.54 -0.67
N GLY B 23 24.61 15.75 -0.06
CA GLY B 23 23.32 16.32 0.36
C GLY B 23 23.43 17.18 1.63
N SER B 24 24.33 18.16 1.61
CA SER B 24 24.68 19.03 2.72
C SER B 24 24.07 20.44 2.60
N TRP B 26 21.75 21.66 4.17
CA TRP B 26 21.56 22.12 5.55
C TRP B 26 22.86 22.81 6.10
N ALA B 27 24.04 22.30 5.77
CA ALA B 27 25.32 22.90 6.20
C ALA B 27 25.53 24.25 5.55
N PHE B 28 25.18 24.38 4.24
CA PHE B 28 25.36 25.65 3.55
C PHE B 28 24.41 26.71 4.07
N SER B 29 23.18 26.27 4.36
CA SER B 29 22.18 27.15 4.90
C SER B 29 22.65 27.70 6.27
N ALA B 30 23.09 26.81 7.10
CA ALA B 30 23.58 27.15 8.42
C ALA B 30 24.80 28.10 8.40
N THR B 31 25.78 27.84 7.52
CA THR B 31 26.93 28.75 7.40
C THR B 31 26.53 30.12 6.86
N GLY B 32 25.61 30.14 5.88
CA GLY B 32 25.16 31.40 5.35
C GLY B 32 24.56 32.27 6.52
N ALA B 33 23.70 31.66 7.34
CA ALA B 33 23.06 32.35 8.47
C ALA B 33 24.11 32.77 9.51
N LEU B 34 25.09 31.92 9.75
CA LEU B 34 26.10 32.21 10.75
C LEU B 34 27.08 33.29 10.25
N GLU B 35 27.33 33.29 8.95
CA GLU B 35 28.21 34.28 8.32
C GLU B 35 27.58 35.63 8.47
N GLY B 36 26.25 35.64 8.33
CA GLY B 36 25.46 36.86 8.45
C GLY B 36 25.53 37.42 9.89
N GLN B 37 25.37 36.55 10.89
CA GLN B 37 25.39 36.99 12.27
C GLN B 37 26.83 37.32 12.75
N MET B 38 27.84 36.57 12.29
CA MET B 38 29.22 36.90 12.64
C MET B 38 29.52 38.31 12.12
N PHE B 39 28.96 38.62 10.96
CA PHE B 39 29.22 39.88 10.32
C PHE B 39 28.58 41.05 11.01
N ARG B 40 27.30 40.89 11.35
CA ARG B 40 26.50 41.92 12.03
C ARG B 40 27.25 42.29 13.31
N LYS B 41 27.87 41.26 13.89
CA LYS B 41 28.61 41.34 15.14
C LYS B 41 30.00 41.95 15.09
N THR B 42 30.73 41.64 14.04
CA THR B 42 32.11 42.06 13.99
C THR B 42 32.48 42.97 12.85
N GLY B 43 31.58 43.10 11.88
CA GLY B 43 31.88 43.92 10.71
C GLY B 43 32.74 43.13 9.74
N LYS B 44 33.27 41.97 10.15
CA LYS B 44 34.06 41.13 9.24
C LYS B 44 33.27 39.93 8.64
N LEU B 45 33.29 39.86 7.31
CA LEU B 45 32.64 38.80 6.53
C LEU B 45 33.67 37.73 6.36
N VAL B 46 33.44 36.56 6.94
CA VAL B 46 34.39 35.47 6.82
C VAL B 46 33.69 34.14 6.40
N SER B 47 34.15 33.53 5.31
CA SER B 47 33.59 32.29 4.81
C SER B 47 33.78 31.12 5.78
N LEU B 48 32.66 30.46 6.12
CA LEU B 48 32.68 29.39 7.10
C LEU B 48 32.80 27.99 6.54
N SER B 49 33.19 27.04 7.37
CA SER B 49 33.36 25.68 6.82
C SER B 49 32.15 24.74 6.96
N GLU B 50 31.50 24.42 5.82
CA GLU B 50 30.40 23.43 5.85
C GLU B 50 30.98 22.06 6.12
N GLN B 51 32.21 21.85 5.67
CA GLN B 51 32.83 20.56 5.87
C GLN B 51 32.95 20.26 7.39
N ASN B 52 33.25 21.29 8.18
CA ASN B 52 33.41 21.16 9.63
C ASN B 52 32.02 20.70 10.08
N LEU B 53 31.00 21.36 9.55
CA LEU B 53 29.63 20.97 9.88
C LEU B 53 29.29 19.55 9.54
N VAL B 54 29.70 19.09 8.35
CA VAL B 54 29.27 17.74 7.99
C VAL B 54 30.07 16.66 8.69
N ASP B 55 31.36 16.91 8.83
CA ASP B 55 32.27 15.95 9.43
C ASP B 55 32.07 15.80 10.93
N CYS B 56 31.56 16.84 11.58
CA CYS B 56 31.52 16.86 13.03
C CYS B 56 30.24 16.93 13.84
N SER B 57 29.11 17.18 13.19
CA SER B 57 27.89 17.38 13.93
C SER B 57 27.01 16.18 14.06
N ARG B 58 27.56 15.01 13.82
CA ARG B 58 26.77 13.81 14.03
C ARG B 58 26.32 13.67 15.49
N PRO B 59 27.16 14.13 16.45
CA PRO B 59 26.71 13.98 17.83
C PRO B 59 25.43 14.78 18.02
N GLN B 60 25.32 15.91 17.32
CA GLN B 60 24.10 16.73 17.43
C GLN B 60 22.90 16.23 16.62
N GLY B 61 23.02 15.04 16.02
CA GLY B 61 21.92 14.52 15.24
C GLY B 61 21.90 14.88 13.75
N ASN B 62 23.03 15.28 13.20
CA ASN B 62 23.15 15.50 11.72
C ASN B 62 23.81 14.26 11.12
N GLN B 63 23.62 14.05 9.84
CA GLN B 63 24.15 12.84 9.23
C GLN B 63 25.00 13.17 8.01
N GLY B 64 25.69 14.32 8.05
CA GLY B 64 26.59 14.66 6.94
C GLY B 64 25.92 14.83 5.59
N CYS B 65 26.53 14.25 4.56
CA CYS B 65 26.01 14.30 3.19
C CYS B 65 24.60 13.69 3.09
N ASN B 66 24.20 12.84 4.08
CA ASN B 66 22.89 12.20 4.14
C ASN B 66 21.79 13.04 4.74
N GLY B 67 22.11 14.25 5.13
CA GLY B 67 21.06 15.11 5.63
C GLY B 67 21.33 15.66 7.00
N GLY B 68 20.48 16.61 7.39
CA GLY B 68 20.57 17.25 8.68
C GLY B 68 19.66 18.46 8.83
N PHE B 69 19.88 19.18 9.92
CA PHE B 69 19.03 20.34 10.21
C PHE B 69 19.96 21.52 10.57
N MET B 70 19.59 22.71 10.09
CA MET B 70 20.34 23.89 10.39
C MET B 70 20.32 24.12 11.94
N ALA B 71 19.14 23.96 12.58
CA ALA B 71 19.08 24.13 14.04
C ALA B 71 20.13 23.21 14.69
N ARG B 72 20.23 21.97 14.24
CA ARG B 72 21.19 21.07 14.83
C ARG B 72 22.63 21.50 14.62
N ALA B 73 22.92 22.09 13.47
CA ALA B 73 24.27 22.61 13.22
C ALA B 73 24.60 23.77 14.25
N PHE B 74 23.70 24.75 14.39
CA PHE B 74 23.85 25.87 15.34
C PHE B 74 24.05 25.28 16.80
N GLN B 75 23.33 24.19 17.09
CA GLN B 75 23.46 23.52 18.35
C GLN B 75 24.91 23.03 18.46
N TYR B 76 25.43 22.36 17.41
CA TYR B 76 26.79 21.89 17.39
C TYR B 76 27.83 23.03 17.56
N VAL B 77 27.57 24.20 17.02
CA VAL B 77 28.56 25.22 17.18
C VAL B 77 28.62 25.67 18.68
N LYS B 78 27.46 25.75 19.29
CA LYS B 78 27.32 26.10 20.71
C LYS B 78 28.13 25.06 21.52
N GLU B 79 27.76 23.76 21.43
CA GLU B 79 28.49 22.72 22.20
C GLU B 79 29.96 22.60 21.88
N ASN B 80 30.31 22.89 20.62
CA ASN B 80 31.67 22.70 20.21
C ASN B 80 32.60 23.82 20.70
N GLY B 81 32.01 24.99 20.91
CA GLY B 81 32.80 26.19 21.17
C GLY B 81 32.60 26.90 19.82
N GLY B 82 33.51 26.68 18.86
CA GLY B 82 33.35 27.34 17.55
C GLY B 82 33.14 26.55 16.26
N LEU B 83 33.65 27.07 15.16
CA LEU B 83 33.53 26.45 13.85
C LEU B 83 34.68 27.02 13.07
N ASP B 84 35.39 26.20 12.30
CA ASP B 84 36.52 26.63 11.46
C ASP B 84 36.09 27.31 10.18
N SER B 85 36.99 28.13 9.67
CA SER B 85 36.75 28.92 8.46
C SER B 85 36.78 27.97 7.28
N GLU B 86 36.29 28.43 6.13
CA GLU B 86 36.26 27.62 4.86
C GLU B 86 37.69 27.34 4.49
N GLU B 87 38.55 28.34 4.74
CA GLU B 87 39.99 28.28 4.40
C GLU B 87 40.77 27.23 5.21
N SER B 88 40.56 27.20 6.51
CA SER B 88 41.24 26.22 7.33
C SER B 88 40.67 24.81 7.21
N TYR B 89 39.38 24.67 6.81
CA TYR B 89 38.77 23.32 6.76
C TYR B 89 37.83 23.42 5.55
N PRO B 90 38.43 23.31 4.34
CA PRO B 90 37.84 23.37 3.00
C PRO B 90 36.84 22.29 2.68
N TYR B 91 35.93 22.65 1.81
CA TYR B 91 34.90 21.74 1.46
C TYR B 91 35.28 20.62 0.50
N VAL B 92 35.08 19.36 0.93
CA VAL B 92 35.31 18.23 0.01
C VAL B 92 34.07 17.42 -0.43
N ALA B 93 32.90 17.75 0.11
CA ALA B 93 31.68 17.09 -0.30
C ALA B 93 31.66 15.56 -0.14
N VAL B 94 32.32 15.04 0.90
CA VAL B 94 32.27 13.61 1.21
C VAL B 94 32.35 13.57 2.74
N ASP B 95 31.71 12.62 3.37
CA ASP B 95 31.78 12.50 4.83
C ASP B 95 33.21 12.07 5.20
N GLU B 96 33.79 12.76 6.14
CA GLU B 96 35.14 12.44 6.57
C GLU B 96 35.26 12.57 8.08
N ILE B 97 36.37 12.11 8.65
CA ILE B 97 36.51 12.25 10.09
C ILE B 97 36.79 13.71 10.47
N CYS B 98 36.26 14.09 11.64
CA CYS B 98 36.39 15.45 12.19
C CYS B 98 37.84 15.85 12.30
N LYS B 99 38.09 17.08 11.88
CA LYS B 99 39.44 17.65 11.91
C LYS B 99 39.26 19.03 12.45
N TYR B 100 38.26 19.19 13.29
CA TYR B 100 38.04 20.48 13.87
C TYR B 100 39.31 20.87 14.71
N ARG B 101 39.88 22.04 14.37
CA ARG B 101 41.03 22.64 15.05
C ARG B 101 40.56 23.95 15.74
N PRO B 102 40.50 23.94 17.09
CA PRO B 102 40.06 25.14 17.84
C PRO B 102 40.92 26.32 17.50
N GLU B 103 42.19 26.08 17.11
CA GLU B 103 43.09 27.19 16.76
C GLU B 103 42.66 27.95 15.53
N ASN B 104 41.62 27.46 14.81
CA ASN B 104 41.20 28.09 13.56
C ASN B 104 39.72 28.56 13.54
N SER B 105 39.05 28.42 14.69
CA SER B 105 37.64 28.80 14.74
C SER B 105 37.52 30.28 14.57
N VAL B 106 36.50 30.73 13.83
CA VAL B 106 36.27 32.16 13.59
C VAL B 106 34.81 32.55 13.76
N ALA B 107 34.09 31.70 14.48
CA ALA B 107 32.70 31.91 14.77
C ALA B 107 32.17 31.18 16.01
N GLN B 108 31.13 31.72 16.63
CA GLN B 108 30.53 30.98 17.72
C GLN B 108 29.07 31.35 17.72
N ASP B 109 28.30 30.62 18.51
CA ASP B 109 26.94 31.07 18.71
C ASP B 109 26.54 30.48 20.05
N THR B 110 25.40 30.91 20.58
CA THR B 110 25.05 30.40 21.91
C THR B 110 23.80 29.56 21.79
N GLY B 111 23.47 29.23 20.54
CA GLY B 111 22.23 28.53 20.28
C GLY B 111 21.50 29.26 19.18
N PHE B 112 20.18 29.18 19.20
CA PHE B 112 19.47 29.78 18.10
C PHE B 112 18.09 30.07 18.51
N THR B 113 17.37 30.67 17.57
CA THR B 113 15.98 31.04 17.77
C THR B 113 15.22 30.54 16.54
N VAL B 114 14.00 30.12 16.79
CA VAL B 114 13.12 29.65 15.75
C VAL B 114 12.06 30.68 15.47
N VAL B 115 11.75 30.86 14.21
CA VAL B 115 10.69 31.75 13.74
C VAL B 115 9.31 31.05 13.90
N ALA B 116 8.30 31.82 14.27
CA ALA B 116 6.96 31.31 14.43
C ALA B 116 6.57 30.41 13.25
N PRO B 117 6.38 29.12 13.51
CA PRO B 117 6.02 28.18 12.44
C PRO B 117 4.90 28.61 11.49
N GLY B 118 5.24 28.60 10.21
CA GLY B 118 4.33 29.00 9.18
C GLY B 118 3.99 30.47 9.07
N LYS B 119 4.61 31.36 9.80
CA LYS B 119 4.18 32.76 9.67
C LYS B 119 5.07 33.66 8.77
N GLU B 120 4.60 34.01 7.57
CA GLU B 120 5.41 34.83 6.71
C GLU B 120 5.71 36.23 7.33
N LYS B 121 4.76 36.66 8.12
CA LYS B 121 4.84 37.97 8.79
C LYS B 121 6.02 37.87 9.77
N ALA B 122 6.10 36.78 10.51
CA ALA B 122 7.18 36.67 11.48
C ALA B 122 8.49 36.46 10.78
N LEU B 123 8.43 35.71 9.65
CA LEU B 123 9.64 35.47 8.88
C LEU B 123 10.15 36.82 8.38
N MET B 124 9.24 37.63 7.88
CA MET B 124 9.57 38.94 7.34
C MET B 124 10.22 39.82 8.42
N LYS B 125 9.73 39.71 9.64
CA LYS B 125 10.26 40.55 10.74
C LYS B 125 11.64 40.07 11.02
N ALA B 126 11.80 38.75 11.02
CA ALA B 126 13.07 38.15 11.31
C ALA B 126 14.15 38.58 10.28
N VAL B 127 13.80 38.55 8.98
CA VAL B 127 14.82 38.96 8.05
C VAL B 127 15.08 40.47 8.06
N ALA B 128 14.05 41.28 8.30
CA ALA B 128 14.19 42.75 8.34
C ALA B 128 15.07 43.23 9.51
N THR B 129 14.87 42.60 10.66
CA THR B 129 15.59 43.00 11.87
C THR B 129 16.75 42.17 12.33
N VAL B 130 17.08 41.08 11.64
CA VAL B 130 18.19 40.28 12.12
C VAL B 130 19.27 40.05 11.14
N GLY B 131 18.86 39.73 9.90
CA GLY B 131 19.78 39.36 8.86
C GLY B 131 19.27 38.12 8.10
N PRO B 132 20.14 37.47 7.30
CA PRO B 132 19.76 36.27 6.52
C PRO B 132 19.27 35.14 7.44
N ILE B 133 18.17 34.48 7.04
CA ILE B 133 17.57 33.42 7.86
C ILE B 133 17.63 32.03 7.16
N SER B 134 17.99 31.03 7.94
CA SER B 134 18.05 29.68 7.46
C SER B 134 16.59 29.20 7.40
N VAL B 135 16.18 28.69 6.24
CA VAL B 135 14.81 28.18 6.00
C VAL B 135 14.86 26.82 5.25
N ALA B 136 13.85 25.97 5.46
CA ALA B 136 13.78 24.68 4.77
C ALA B 136 12.63 24.86 3.78
N MET B 137 12.70 24.23 2.62
CA MET B 137 11.61 24.48 1.66
C MET B 137 11.40 23.20 0.88
N ASP B 138 10.33 23.19 0.10
CA ASP B 138 10.04 22.09 -0.77
C ASP B 138 10.70 22.44 -2.16
N ALA B 139 11.80 21.81 -2.47
CA ALA B 139 12.48 22.07 -3.73
C ALA B 139 12.35 20.88 -4.70
N GLY B 140 11.49 19.89 -4.32
CA GLY B 140 11.42 18.65 -5.08
C GLY B 140 10.56 18.72 -6.35
N HIS B 141 10.78 19.69 -7.22
CA HIS B 141 9.96 19.83 -8.43
C HIS B 141 10.86 20.36 -9.55
N SER B 142 10.63 19.82 -10.75
CA SER B 142 11.38 20.22 -11.94
C SER B 142 11.45 21.74 -12.16
N SER B 143 10.31 22.41 -11.88
CA SER B 143 10.16 23.85 -12.08
C SER B 143 11.14 24.58 -11.20
N PHE B 144 11.52 24.01 -10.03
CA PHE B 144 12.49 24.66 -9.15
C PHE B 144 13.95 24.23 -9.51
N GLN B 145 14.10 22.93 -9.67
CA GLN B 145 15.39 22.33 -10.01
C GLN B 145 16.01 23.01 -11.28
N PHE B 146 15.13 23.36 -12.23
CA PHE B 146 15.49 24.03 -13.49
C PHE B 146 14.95 25.46 -13.61
N TYR B 147 14.81 26.10 -12.44
CA TYR B 147 14.38 27.47 -12.38
C TYR B 147 15.46 28.36 -13.06
N LYS B 148 15.04 29.44 -13.69
CA LYS B 148 15.94 30.32 -14.37
C LYS B 148 15.84 31.79 -13.83
N SER B 149 14.63 32.35 -13.91
CA SER B 149 14.37 33.70 -13.41
C SER B 149 12.87 33.91 -13.05
N GLY B 150 12.58 35.10 -12.52
CA GLY B 150 11.21 35.44 -12.17
C GLY B 150 10.83 34.99 -10.77
N ILE B 151 9.59 35.24 -10.39
CA ILE B 151 9.12 34.88 -9.06
C ILE B 151 8.62 33.47 -9.17
N TYR B 152 9.32 32.57 -8.53
CA TYR B 152 8.96 31.15 -8.55
C TYR B 152 7.61 30.84 -7.88
N PHE B 153 6.71 30.22 -8.64
CA PHE B 153 5.42 29.71 -8.10
C PHE B 153 5.11 28.36 -8.78
N GLU B 154 4.85 27.37 -7.92
CA GLU B 154 4.60 25.97 -8.30
C GLU B 154 3.37 25.46 -7.51
N PRO B 155 2.26 25.24 -8.22
CA PRO B 155 1.01 24.74 -7.64
C PRO B 155 1.19 23.46 -6.83
N ASP B 156 2.10 22.55 -7.23
CA ASP B 156 2.34 21.34 -6.46
C ASP B 156 3.28 21.46 -5.24
N CYS B 157 3.77 22.68 -4.97
CA CYS B 157 4.68 22.87 -3.83
C CYS B 157 4.05 22.59 -2.47
N SER B 158 4.72 21.85 -1.61
CA SER B 158 4.20 21.59 -0.26
C SER B 158 4.77 22.58 0.80
N SER B 159 3.98 22.88 1.82
CA SER B 159 4.48 23.77 2.84
C SER B 159 4.77 22.87 3.98
N LYS B 160 4.57 21.59 3.79
CA LYS B 160 4.88 20.66 4.86
C LYS B 160 6.10 19.75 4.64
N ASN B 161 6.17 19.15 3.46
CA ASN B 161 7.22 18.19 3.13
C ASN B 161 8.39 18.95 2.47
N LEU B 162 9.29 19.38 3.33
CA LEU B 162 10.42 20.21 2.98
C LEU B 162 11.60 19.29 2.88
N ASP B 163 12.40 19.48 1.84
CA ASP B 163 13.56 18.59 1.67
C ASP B 163 14.87 19.37 1.47
N HIS B 164 14.77 20.70 1.40
CA HIS B 164 15.96 21.47 1.05
C HIS B 164 16.23 22.68 1.95
N GLY B 165 17.46 22.85 2.36
CA GLY B 165 17.72 23.97 3.24
C GLY B 165 18.38 25.09 2.50
N VAL B 166 17.83 26.29 2.58
CA VAL B 166 18.42 27.44 1.86
C VAL B 166 18.49 28.75 2.74
N LEU B 167 18.81 29.90 2.12
CA LEU B 167 19.00 31.16 2.89
C LEU B 167 18.23 32.35 2.41
N VAL B 168 17.28 32.84 3.19
CA VAL B 168 16.53 34.03 2.78
C VAL B 168 17.45 35.25 3.16
N VAL B 169 17.85 36.02 2.16
CA VAL B 169 18.74 37.15 2.36
C VAL B 169 17.99 38.48 2.14
N GLY B 170 16.69 38.39 1.84
CA GLY B 170 15.90 39.59 1.67
C GLY B 170 14.50 39.33 1.12
N TYR B 171 13.81 40.40 0.74
CA TYR B 171 12.48 40.30 0.17
C TYR B 171 12.27 41.61 -0.53
N GLY B 172 11.25 41.64 -1.36
CA GLY B 172 10.96 42.82 -2.12
C GLY B 172 9.67 42.55 -2.86
N PHE B 173 9.39 43.33 -3.87
CA PHE B 173 8.14 43.23 -4.61
C PHE B 173 8.42 43.74 -6.01
N GLU B 174 7.78 43.14 -7.00
CA GLU B 174 7.93 43.60 -8.36
C GLU B 174 6.66 44.36 -8.68
N GLY B 175 6.71 45.26 -9.64
CA GLY B 175 5.49 46.03 -9.88
C GLY B 175 5.37 47.25 -8.95
N ALA B 176 4.51 48.16 -9.41
CA ALA B 176 4.22 49.47 -8.81
C ALA B 176 3.78 49.45 -7.37
N ASN B 177 3.32 48.29 -6.97
CA ASN B 177 2.78 48.13 -5.67
C ASN B 177 3.70 47.39 -4.72
N SER B 178 3.99 48.00 -3.58
CA SER B 178 4.84 47.39 -2.55
C SER B 178 4.24 46.08 -2.05
N ASP B 179 2.92 45.98 -2.23
CA ASP B 179 2.15 44.83 -1.79
C ASP B 179 1.79 43.91 -2.95
N ASN B 180 2.23 44.27 -4.16
CA ASN B 180 1.96 43.44 -5.32
C ASN B 180 3.20 42.67 -5.77
N SER B 181 2.99 41.39 -6.13
CA SER B 181 4.08 40.53 -6.59
C SER B 181 5.22 40.53 -5.59
N LYS B 182 4.98 40.04 -4.38
CA LYS B 182 6.06 40.01 -3.40
C LYS B 182 6.88 38.74 -3.58
N TYR B 183 8.14 38.76 -3.13
CA TYR B 183 8.97 37.56 -3.22
C TYR B 183 9.92 37.57 -2.07
N TRP B 184 10.44 36.39 -1.72
CA TRP B 184 11.54 36.22 -0.79
C TRP B 184 12.77 36.13 -1.71
N LEU B 185 13.90 36.60 -1.21
CA LEU B 185 15.10 36.64 -2.03
C LEU B 185 15.87 35.51 -1.45
N VAL B 186 16.15 34.51 -2.26
CA VAL B 186 16.83 33.37 -1.70
C VAL B 186 18.15 32.94 -2.35
N LYS B 187 19.08 32.63 -1.48
CA LYS B 187 20.41 32.16 -1.85
C LYS B 187 20.44 30.64 -1.83
N ASN B 188 20.84 30.03 -2.95
CA ASN B 188 20.89 28.57 -3.03
C ASN B 188 22.36 28.12 -2.90
N SER B 189 22.61 26.83 -2.98
CA SER B 189 23.93 26.31 -2.80
C SER B 189 24.22 25.33 -3.95
N TRP B 190 23.81 25.74 -5.14
CA TRP B 190 23.95 24.91 -6.32
C TRP B 190 24.86 25.64 -7.34
N GLY B 191 25.76 26.52 -6.85
CA GLY B 191 26.64 27.28 -7.74
C GLY B 191 26.07 28.55 -8.30
N PRO B 192 26.92 29.51 -8.79
CA PRO B 192 26.41 30.77 -9.34
C PRO B 192 25.78 30.54 -10.68
N GLU B 193 26.00 29.38 -11.30
CA GLU B 193 25.35 29.20 -12.60
C GLU B 193 23.85 28.75 -12.52
N TRP B 194 23.39 28.41 -11.33
CA TRP B 194 21.98 28.01 -11.17
C TRP B 194 21.10 29.24 -11.03
N GLY B 195 19.88 29.12 -11.57
CA GLY B 195 18.91 30.17 -11.40
C GLY B 195 19.45 31.53 -11.80
N SER B 196 19.33 32.52 -10.90
CA SER B 196 19.77 33.91 -11.16
C SER B 196 21.04 34.18 -10.38
N ASN B 197 22.17 33.79 -10.98
CA ASN B 197 23.48 33.93 -10.39
C ASN B 197 23.53 33.23 -9.06
N GLY B 198 22.79 32.10 -9.01
CA GLY B 198 22.81 31.25 -7.86
C GLY B 198 21.66 31.58 -6.92
N TYR B 199 20.80 32.55 -7.33
CA TYR B 199 19.66 33.01 -6.52
C TYR B 199 18.32 32.78 -7.10
N VAL B 200 17.30 32.77 -6.23
CA VAL B 200 15.92 32.65 -6.73
C VAL B 200 14.98 33.53 -5.92
N LYS B 201 13.96 34.04 -6.60
CA LYS B 201 12.89 34.78 -5.95
C LYS B 201 11.66 33.82 -5.80
N ILE B 202 11.16 33.67 -4.58
CA ILE B 202 10.02 32.77 -4.34
C ILE B 202 8.82 33.62 -3.86
N ALA B 203 7.64 33.28 -4.35
CA ALA B 203 6.43 34.03 -4.03
C ALA B 203 6.23 34.18 -2.53
N LYS B 204 6.05 35.42 -2.09
CA LYS B 204 5.92 35.69 -0.66
C LYS B 204 4.48 36.14 -0.41
N ASP B 205 3.96 35.80 0.77
CA ASP B 205 2.60 36.11 1.19
C ASP B 205 1.62 35.47 0.20
N LYS B 206 1.92 34.23 -0.17
CA LYS B 206 1.08 33.49 -1.08
C LYS B 206 0.84 32.16 -0.39
N ASN B 207 0.34 32.24 0.84
CA ASN B 207 0.05 31.04 1.64
C ASN B 207 1.31 30.17 1.96
N ASN B 208 2.37 30.85 2.38
CA ASN B 208 3.59 30.14 2.84
C ASN B 208 4.18 29.13 1.78
N HIS B 209 4.28 29.63 0.54
CA HIS B 209 4.67 28.82 -0.63
C HIS B 209 5.98 28.01 -0.49
N CYS B 210 5.90 26.72 -0.78
CA CYS B 210 7.05 25.77 -0.63
C CYS B 210 7.47 25.66 0.84
N GLY B 211 6.57 26.14 1.72
CA GLY B 211 6.84 26.11 3.18
C GLY B 211 8.00 26.98 3.66
N ILE B 212 8.31 28.02 2.90
CA ILE B 212 9.42 28.90 3.28
C ILE B 212 9.46 29.39 4.81
N ALA B 213 8.28 29.63 5.41
CA ALA B 213 8.20 30.10 6.77
C ALA B 213 7.91 28.96 7.74
N THR B 214 7.96 27.70 7.30
CA THR B 214 7.62 26.64 8.25
C THR B 214 8.61 26.19 9.23
N ALA B 215 9.87 26.18 8.89
CA ALA B 215 10.83 25.68 9.88
C ALA B 215 12.11 26.50 9.73
N ALA B 216 11.91 27.82 9.86
CA ALA B 216 12.93 28.87 9.76
C ALA B 216 13.67 29.17 11.06
N SER B 217 14.97 29.40 10.99
CA SER B 217 15.75 29.71 12.20
C SER B 217 17.03 30.47 11.97
N TYR B 218 17.65 30.92 13.07
CA TYR B 218 18.91 31.67 12.99
C TYR B 218 19.75 31.55 14.25
N PRO B 219 21.08 31.61 14.10
CA PRO B 219 21.90 31.49 15.33
C PRO B 219 21.97 32.77 16.23
N ASN B 220 22.14 32.56 17.53
CA ASN B 220 22.26 33.68 18.49
C ASN B 220 23.77 33.89 18.70
N VAL B 221 24.30 35.01 18.24
CA VAL B 221 25.71 35.22 18.51
C VAL B 221 25.88 36.27 19.63
N LEU C 1 -2.79 -8.81 -29.42
CA LEU C 1 -3.90 -8.74 -28.48
C LEU C 1 -3.97 -7.35 -27.97
N PRO C 2 -5.15 -6.93 -27.60
CA PRO C 2 -5.24 -5.55 -27.10
C PRO C 2 -4.62 -5.31 -25.68
N LYS C 3 -4.22 -4.07 -25.37
CA LYS C 3 -3.63 -3.73 -24.05
C LYS C 3 -4.65 -3.62 -22.91
N SER C 4 -5.91 -3.32 -23.29
CA SER C 4 -7.07 -3.20 -22.41
C SER C 4 -8.18 -3.90 -23.19
N VAL C 5 -9.20 -4.33 -22.43
CA VAL C 5 -10.41 -4.94 -22.97
C VAL C 5 -11.46 -4.74 -21.87
N ASP C 6 -12.66 -4.32 -22.26
CA ASP C 6 -13.73 -4.17 -21.31
C ASP C 6 -15.05 -4.47 -21.99
N TRP C 7 -15.50 -5.73 -21.86
CA TRP C 7 -16.71 -6.17 -22.47
C TRP C 7 -17.99 -5.41 -22.08
N ARG C 8 -17.99 -4.73 -20.92
CA ARG C 8 -19.15 -3.99 -20.51
C ARG C 8 -19.41 -2.83 -21.48
N LYS C 9 -18.35 -2.31 -22.07
CA LYS C 9 -18.44 -1.24 -23.03
C LYS C 9 -19.17 -1.73 -24.28
N LYS C 10 -19.16 -3.03 -24.50
CA LYS C 10 -19.75 -3.60 -25.69
C LYS C 10 -21.11 -4.19 -25.52
N GLY C 11 -21.66 -4.09 -24.32
CA GLY C 11 -23.02 -4.59 -24.07
C GLY C 11 -23.11 -6.05 -23.77
N TYR C 12 -21.99 -6.72 -23.48
CA TYR C 12 -22.02 -8.16 -23.25
C TYR C 12 -22.44 -8.50 -21.81
N VAL C 13 -22.51 -7.49 -20.99
CA VAL C 13 -22.64 -7.73 -19.56
C VAL C 13 -23.87 -7.16 -18.86
N THR C 14 -24.59 -8.01 -18.13
CA THR C 14 -25.77 -7.52 -17.41
C THR C 14 -25.29 -6.80 -16.13
N PRO C 15 -26.21 -6.09 -15.47
CA PRO C 15 -25.90 -5.37 -14.22
C PRO C 15 -25.49 -6.41 -13.16
N VAL C 16 -24.70 -5.97 -12.19
CA VAL C 16 -24.28 -6.82 -11.05
C VAL C 16 -25.47 -7.45 -10.27
N LYS C 17 -25.38 -8.73 -9.99
CA LYS C 17 -26.46 -9.37 -9.26
C LYS C 17 -25.99 -9.69 -7.84
N ASN C 18 -26.91 -10.17 -6.99
CA ASN C 18 -26.57 -10.52 -5.64
C ASN C 18 -27.02 -11.96 -5.27
N GLN C 19 -26.09 -12.87 -4.98
CA GLN C 19 -26.48 -14.25 -4.67
C GLN C 19 -27.15 -14.42 -3.27
N LYS C 20 -26.96 -13.43 -2.40
CA LYS C 20 -27.54 -13.49 -1.08
C LYS C 20 -27.12 -14.67 -0.25
N GLN C 21 -28.11 -15.34 0.31
CA GLN C 21 -27.90 -16.37 1.33
C GLN C 21 -27.74 -17.79 0.76
N CYS C 22 -27.36 -17.86 -0.52
CA CYS C 22 -27.15 -19.12 -1.23
C CYS C 22 -25.70 -19.14 -1.76
N GLY C 23 -24.97 -20.23 -1.51
CA GLY C 23 -23.61 -20.43 -2.04
C GLY C 23 -23.59 -20.85 -3.55
N SER C 24 -24.29 -20.06 -4.37
CA SER C 24 -24.51 -20.32 -5.79
C SER C 24 -23.64 -19.42 -6.74
N TRP C 26 -21.00 -20.09 -8.42
CA TRP C 26 -20.80 -20.90 -9.64
C TRP C 26 -21.95 -20.70 -10.64
N ALA C 27 -23.21 -20.54 -10.17
CA ALA C 27 -24.33 -20.30 -11.08
C ALA C 27 -24.30 -18.92 -11.69
N PHE C 28 -23.96 -17.90 -10.86
CA PHE C 28 -23.80 -16.52 -11.36
C PHE C 28 -22.63 -16.38 -12.36
N SER C 29 -21.52 -17.07 -12.10
CA SER C 29 -20.40 -17.04 -12.99
C SER C 29 -20.83 -17.65 -14.39
N ALA C 30 -21.59 -18.76 -14.33
CA ALA C 30 -22.11 -19.49 -15.50
C ALA C 30 -23.11 -18.67 -16.32
N THR C 31 -24.07 -18.05 -15.64
CA THR C 31 -25.03 -17.24 -16.36
C THR C 31 -24.27 -15.99 -16.94
N GLY C 32 -23.28 -15.47 -16.21
CA GLY C 32 -22.57 -14.32 -16.72
C GLY C 32 -21.86 -14.66 -18.05
N ALA C 33 -21.13 -15.77 -18.08
CA ALA C 33 -20.39 -16.24 -19.29
C ALA C 33 -21.38 -16.46 -20.45
N LEU C 34 -22.47 -17.12 -20.15
CA LEU C 34 -23.50 -17.44 -21.12
C LEU C 34 -24.26 -16.21 -21.65
N GLU C 35 -24.46 -15.20 -20.80
CA GLU C 35 -25.11 -13.98 -21.24
C GLU C 35 -24.18 -13.31 -22.24
N GLY C 36 -22.88 -13.37 -21.96
CA GLY C 36 -21.90 -12.80 -22.89
C GLY C 36 -21.90 -13.52 -24.23
N GLN C 37 -21.85 -14.87 -24.24
CA GLN C 37 -21.84 -15.67 -25.49
C GLN C 37 -23.16 -15.59 -26.35
N MET C 38 -24.32 -15.56 -25.67
CA MET C 38 -25.64 -15.39 -26.30
C MET C 38 -25.66 -13.96 -26.95
N PHE C 39 -25.04 -13.01 -26.25
CA PHE C 39 -25.04 -11.63 -26.75
C PHE C 39 -24.22 -11.52 -28.04
N ARG C 40 -23.01 -12.05 -28.00
CA ARG C 40 -22.11 -12.09 -29.17
C ARG C 40 -22.85 -12.71 -30.38
N LYS C 41 -23.63 -13.72 -30.10
CA LYS C 41 -24.31 -14.47 -31.11
C LYS C 41 -25.54 -13.83 -31.71
N THR C 42 -26.38 -13.25 -30.85
CA THR C 42 -27.65 -12.73 -31.28
C THR C 42 -27.78 -11.22 -31.29
N GLY C 43 -26.88 -10.54 -30.60
CA GLY C 43 -26.92 -9.11 -30.44
C GLY C 43 -27.91 -8.74 -29.36
N LYS C 44 -28.47 -9.69 -28.65
CA LYS C 44 -29.42 -9.40 -27.56
C LYS C 44 -28.90 -9.83 -26.16
N LEU C 45 -28.95 -8.87 -25.23
CA LEU C 45 -28.54 -9.05 -23.84
C LEU C 45 -29.75 -9.43 -23.01
N VAL C 46 -29.80 -10.68 -22.55
CA VAL C 46 -30.93 -11.11 -21.79
C VAL C 46 -30.41 -11.78 -20.50
N SER C 47 -30.92 -11.30 -19.38
CA SER C 47 -30.51 -11.81 -18.09
C SER C 47 -31.00 -13.22 -17.89
N LEU C 48 -30.11 -14.08 -17.45
CA LEU C 48 -30.42 -15.50 -17.29
C LEU C 48 -30.76 -15.98 -15.87
N SER C 49 -31.43 -17.12 -15.80
CA SER C 49 -31.83 -17.63 -14.51
C SER C 49 -30.81 -18.46 -13.76
N GLU C 50 -30.20 -17.87 -12.72
CA GLU C 50 -29.33 -18.71 -11.90
C GLU C 50 -30.14 -19.79 -11.13
N GLN C 51 -31.43 -19.50 -10.78
CA GLN C 51 -32.30 -20.44 -10.01
C GLN C 51 -32.51 -21.73 -10.77
N ASN C 52 -32.59 -21.59 -12.10
CA ASN C 52 -32.77 -22.74 -13.08
C ASN C 52 -31.50 -23.57 -12.92
N LEU C 53 -30.36 -22.89 -12.84
CA LEU C 53 -29.15 -23.68 -12.66
C LEU C 53 -29.13 -24.35 -11.28
N VAL C 54 -29.54 -23.60 -10.26
CA VAL C 54 -29.48 -24.22 -8.95
C VAL C 54 -30.47 -25.37 -8.69
N ASP C 55 -31.69 -25.25 -9.21
CA ASP C 55 -32.75 -26.23 -8.98
C ASP C 55 -32.58 -27.44 -9.84
N CYS C 56 -31.99 -27.26 -11.04
CA CYS C 56 -31.99 -28.32 -12.04
C CYS C 56 -30.74 -29.03 -12.47
N SER C 57 -29.59 -28.57 -12.02
CA SER C 57 -28.37 -29.20 -12.47
C SER C 57 -27.73 -30.21 -11.56
N ARG C 58 -28.49 -30.72 -10.60
CA ARG C 58 -27.93 -31.83 -9.74
C ARG C 58 -27.53 -33.09 -10.54
N PRO C 59 -28.33 -33.51 -11.54
CA PRO C 59 -27.89 -34.72 -12.29
C PRO C 59 -26.48 -34.49 -12.88
N GLN C 60 -26.20 -33.26 -13.32
CA GLN C 60 -24.85 -33.02 -13.88
C GLN C 60 -23.78 -32.85 -12.79
N GLY C 61 -24.14 -33.11 -11.53
CA GLY C 61 -23.12 -33.05 -10.49
C GLY C 61 -22.97 -31.72 -9.75
N ASN C 62 -23.93 -30.80 -9.92
CA ASN C 62 -23.94 -29.56 -9.08
C ASN C 62 -24.79 -29.89 -7.83
N GLN C 63 -24.61 -29.07 -6.78
CA GLN C 63 -25.33 -29.21 -5.54
C GLN C 63 -25.98 -27.90 -5.10
N GLY C 64 -26.48 -27.14 -6.07
CA GLY C 64 -27.20 -25.94 -5.75
C GLY C 64 -26.55 -24.93 -4.78
N CYS C 65 -27.25 -24.63 -3.66
CA CYS C 65 -26.77 -23.64 -2.69
C CYS C 65 -25.58 -24.12 -1.96
N ASN C 66 -25.29 -25.44 -2.06
CA ASN C 66 -24.17 -26.09 -1.43
C ASN C 66 -22.91 -26.13 -2.26
N GLY C 67 -23.00 -25.62 -3.49
CA GLY C 67 -21.77 -25.58 -4.28
C GLY C 67 -21.94 -26.18 -5.70
N GLY C 68 -20.96 -25.90 -6.58
CA GLY C 68 -20.99 -26.46 -7.92
C GLY C 68 -19.80 -26.01 -8.77
N PHE C 69 -19.89 -26.29 -10.07
CA PHE C 69 -18.84 -25.91 -11.00
C PHE C 69 -19.59 -25.27 -12.21
N MET C 70 -18.98 -24.19 -12.77
CA MET C 70 -19.53 -23.51 -13.88
C MET C 70 -19.54 -24.46 -15.08
N ALA C 71 -18.51 -25.31 -15.21
CA ALA C 71 -18.46 -26.25 -16.33
C ALA C 71 -19.68 -27.24 -16.31
N ARG C 72 -20.12 -27.65 -15.13
CA ARG C 72 -21.28 -28.56 -14.93
C ARG C 72 -22.54 -27.87 -15.23
N ALA C 73 -22.56 -26.56 -14.98
CA ALA C 73 -23.74 -25.80 -15.36
C ALA C 73 -23.77 -25.73 -16.92
N PHE C 74 -22.62 -25.55 -17.59
CA PHE C 74 -22.65 -25.44 -19.08
C PHE C 74 -23.12 -26.79 -19.64
N GLN C 75 -22.68 -27.88 -19.00
CA GLN C 75 -23.07 -29.24 -19.36
C GLN C 75 -24.58 -29.43 -19.13
N TYR C 76 -25.13 -28.91 -18.02
CA TYR C 76 -26.58 -28.97 -17.83
C TYR C 76 -27.35 -28.27 -18.98
N VAL C 77 -26.96 -27.03 -19.29
CA VAL C 77 -27.66 -26.33 -20.37
C VAL C 77 -27.59 -27.16 -21.71
N LYS C 78 -26.42 -27.74 -21.97
CA LYS C 78 -26.21 -28.56 -23.13
C LYS C 78 -27.26 -29.72 -23.14
N GLU C 79 -27.21 -30.54 -22.12
CA GLU C 79 -28.08 -31.70 -22.05
C GLU C 79 -29.56 -31.30 -21.93
N ASN C 80 -29.84 -30.11 -21.35
CA ASN C 80 -31.19 -29.71 -21.12
C ASN C 80 -31.84 -29.09 -22.34
N GLY C 81 -30.98 -28.58 -23.24
CA GLY C 81 -31.50 -27.98 -24.46
C GLY C 81 -31.96 -26.53 -24.29
N GLY C 82 -31.68 -25.91 -23.13
CA GLY C 82 -32.05 -24.52 -22.91
C GLY C 82 -31.91 -24.14 -21.45
N LEU C 83 -32.08 -22.85 -21.19
CA LEU C 83 -31.99 -22.28 -19.84
C LEU C 83 -33.01 -21.13 -19.87
N ASP C 84 -33.84 -21.02 -18.86
CA ASP C 84 -34.82 -19.95 -18.73
C ASP C 84 -34.29 -18.60 -18.41
N SER C 85 -35.05 -17.57 -18.76
CA SER C 85 -34.65 -16.22 -18.41
C SER C 85 -34.80 -15.99 -16.89
N GLU C 86 -34.08 -14.98 -16.39
CA GLU C 86 -34.18 -14.56 -14.97
C GLU C 86 -35.65 -14.15 -14.68
N GLU C 87 -36.23 -13.42 -15.64
CA GLU C 87 -37.57 -12.91 -15.52
C GLU C 87 -38.61 -14.03 -15.37
N SER C 88 -38.42 -15.09 -16.13
CA SER C 88 -39.34 -16.18 -16.15
C SER C 88 -39.16 -17.19 -15.02
N TYR C 89 -37.96 -17.27 -14.42
CA TYR C 89 -37.62 -18.26 -13.38
C TYR C 89 -36.69 -17.49 -12.35
N PRO C 90 -37.33 -16.63 -11.54
CA PRO C 90 -36.72 -15.77 -10.53
C PRO C 90 -35.92 -16.41 -9.48
N TYR C 91 -34.88 -15.69 -9.08
CA TYR C 91 -33.95 -16.14 -8.06
C TYR C 91 -34.54 -16.05 -6.66
N VAL C 92 -34.50 -17.14 -5.91
CA VAL C 92 -35.05 -17.10 -4.55
C VAL C 92 -34.02 -17.46 -3.51
N ALA C 93 -32.85 -17.85 -3.98
CA ALA C 93 -31.74 -18.17 -3.11
C ALA C 93 -31.90 -19.31 -2.15
N VAL C 94 -32.71 -20.30 -2.49
CA VAL C 94 -32.79 -21.52 -1.69
C VAL C 94 -32.96 -22.63 -2.71
N ASP C 95 -32.55 -23.83 -2.35
CA ASP C 95 -32.69 -24.97 -3.23
C ASP C 95 -34.14 -25.40 -3.30
N GLU C 96 -34.73 -25.34 -4.49
CA GLU C 96 -36.13 -25.72 -4.77
C GLU C 96 -36.24 -26.73 -5.89
N ILE C 97 -37.43 -27.30 -6.03
CA ILE C 97 -37.64 -28.32 -7.07
C ILE C 97 -37.47 -27.70 -8.47
N CYS C 98 -37.02 -28.52 -9.43
CA CYS C 98 -36.80 -28.02 -10.77
C CYS C 98 -38.07 -27.54 -11.42
N LYS C 99 -38.07 -26.34 -11.96
CA LYS C 99 -39.25 -25.83 -12.66
C LYS C 99 -38.89 -25.34 -14.05
N TYR C 100 -37.89 -25.94 -14.67
CA TYR C 100 -37.60 -25.49 -16.04
C TYR C 100 -38.81 -25.51 -17.07
N ARG C 101 -39.05 -24.42 -17.76
CA ARG C 101 -40.06 -24.32 -18.82
C ARG C 101 -39.33 -24.06 -20.20
N PRO C 102 -39.35 -25.07 -21.09
CA PRO C 102 -38.74 -25.02 -22.43
C PRO C 102 -39.23 -23.83 -23.22
N GLU C 103 -40.52 -23.59 -23.10
CA GLU C 103 -41.13 -22.46 -23.79
C GLU C 103 -40.57 -21.15 -23.28
N ASN C 104 -39.92 -21.14 -22.11
CA ASN C 104 -39.30 -19.88 -21.65
C ASN C 104 -37.76 -19.79 -21.84
N SER C 105 -37.15 -20.83 -22.43
CA SER C 105 -35.71 -20.83 -22.66
C SER C 105 -35.32 -19.68 -23.54
N VAL C 106 -34.21 -19.04 -23.16
CA VAL C 106 -33.72 -17.94 -23.94
C VAL C 106 -32.25 -18.10 -24.24
N ALA C 107 -31.70 -19.28 -23.91
CA ALA C 107 -30.29 -19.54 -24.16
C ALA C 107 -30.07 -21.01 -24.28
N GLN C 108 -28.96 -21.35 -24.93
CA GLN C 108 -28.47 -22.72 -25.12
C GLN C 108 -26.94 -22.75 -25.27
N ASP C 109 -26.39 -23.93 -25.10
CA ASP C 109 -24.99 -24.15 -25.43
C ASP C 109 -24.84 -25.52 -26.05
N THR C 110 -23.72 -25.71 -26.75
CA THR C 110 -23.41 -26.98 -27.38
C THR C 110 -22.23 -27.60 -26.61
N GLY C 111 -21.93 -27.04 -25.44
CA GLY C 111 -20.83 -27.56 -24.65
C GLY C 111 -20.09 -26.35 -24.12
N PHE C 112 -18.80 -26.53 -23.86
CA PHE C 112 -17.97 -25.49 -23.34
C PHE C 112 -16.52 -25.75 -23.68
N THR C 113 -15.71 -24.71 -23.53
CA THR C 113 -14.29 -24.82 -23.81
C THR C 113 -13.54 -24.55 -22.49
N VAL C 114 -12.46 -25.27 -22.23
CA VAL C 114 -11.69 -25.06 -21.02
C VAL C 114 -10.40 -24.28 -21.34
N VAL C 115 -10.01 -23.30 -20.52
CA VAL C 115 -8.76 -22.50 -20.77
C VAL C 115 -7.50 -23.25 -20.24
N ALA C 116 -6.36 -23.18 -20.94
CA ALA C 116 -5.14 -23.89 -20.47
C ALA C 116 -4.94 -23.52 -18.98
N PRO C 117 -4.89 -24.53 -18.12
CA PRO C 117 -4.73 -24.31 -16.64
C PRO C 117 -3.46 -23.60 -16.20
N GLY C 118 -3.63 -22.61 -15.34
CA GLY C 118 -2.53 -21.85 -14.81
C GLY C 118 -1.98 -20.81 -15.76
N LYS C 119 -2.53 -20.68 -16.98
CA LYS C 119 -1.95 -19.75 -17.95
C LYS C 119 -2.64 -18.41 -18.14
N GLU C 120 -2.13 -17.37 -17.48
CA GLU C 120 -2.71 -16.07 -17.63
C GLU C 120 -2.67 -15.56 -19.08
N LYS C 121 -1.72 -16.02 -19.89
CA LYS C 121 -1.70 -15.62 -21.30
C LYS C 121 -2.86 -16.29 -22.09
N ALA C 122 -3.13 -17.57 -21.82
CA ALA C 122 -4.24 -18.25 -22.47
C ALA C 122 -5.54 -17.53 -22.00
N LEU C 123 -5.61 -17.18 -20.72
CA LEU C 123 -6.79 -16.46 -20.20
C LEU C 123 -6.92 -15.08 -20.90
N MET C 124 -5.80 -14.37 -21.02
CA MET C 124 -5.84 -13.07 -21.69
C MET C 124 -6.37 -13.21 -23.14
N LYS C 125 -6.01 -14.31 -23.75
CA LYS C 125 -6.40 -14.56 -25.16
C LYS C 125 -7.87 -14.81 -25.21
N ALA C 126 -8.32 -15.70 -24.34
CA ALA C 126 -9.70 -16.06 -24.29
C ALA C 126 -10.53 -14.80 -24.00
N VAL C 127 -10.13 -13.93 -23.06
CA VAL C 127 -10.96 -12.74 -22.84
C VAL C 127 -10.96 -11.73 -24.04
N ALA C 128 -9.80 -11.53 -24.67
CA ALA C 128 -9.76 -10.65 -25.86
C ALA C 128 -10.60 -11.21 -27.06
N THR C 129 -10.48 -12.49 -27.34
CA THR C 129 -11.15 -13.08 -28.49
C THR C 129 -12.55 -13.72 -28.29
N VAL C 130 -12.98 -14.01 -27.05
CA VAL C 130 -14.28 -14.70 -26.85
C VAL C 130 -15.37 -13.83 -26.14
N GLY C 131 -14.98 -13.18 -25.05
CA GLY C 131 -15.90 -12.40 -24.28
C GLY C 131 -15.66 -12.71 -22.80
N PRO C 132 -16.61 -12.39 -21.91
CA PRO C 132 -16.45 -12.67 -20.47
C PRO C 132 -16.17 -14.17 -20.22
N ILE C 133 -15.31 -14.48 -19.27
CA ILE C 133 -15.00 -15.88 -19.07
C ILE C 133 -15.21 -16.24 -17.58
N SER C 134 -15.78 -17.42 -17.38
CA SER C 134 -16.03 -17.95 -16.04
C SER C 134 -14.72 -18.39 -15.39
N VAL C 135 -14.43 -17.85 -14.21
CA VAL C 135 -13.27 -18.33 -13.51
C VAL C 135 -13.52 -18.66 -12.00
N ALA C 136 -12.69 -19.55 -11.47
CA ALA C 136 -12.71 -19.82 -10.05
C ALA C 136 -11.53 -19.08 -9.38
N MET C 137 -11.73 -18.63 -8.14
CA MET C 137 -10.66 -17.91 -7.47
C MET C 137 -10.67 -18.16 -5.96
N ASP C 138 -9.59 -17.79 -5.31
CA ASP C 138 -9.51 -17.92 -3.85
C ASP C 138 -9.96 -16.56 -3.29
N ALA C 139 -11.18 -16.56 -2.75
CA ALA C 139 -11.79 -15.33 -2.20
C ALA C 139 -11.82 -15.30 -0.68
N GLY C 140 -11.32 -16.36 -0.07
CA GLY C 140 -11.40 -16.51 1.37
C GLY C 140 -10.49 -15.65 2.24
N HIS C 141 -10.49 -14.34 2.08
CA HIS C 141 -9.63 -13.48 2.86
C HIS C 141 -10.46 -12.23 3.11
N SER C 142 -10.26 -11.67 4.31
CA SER C 142 -10.88 -10.45 4.73
C SER C 142 -10.57 -9.37 3.68
N SER C 143 -9.31 -9.35 3.22
CA SER C 143 -8.89 -8.30 2.22
C SER C 143 -9.79 -8.29 0.97
N PHE C 144 -10.23 -9.46 0.50
CA PHE C 144 -11.15 -9.54 -0.69
C PHE C 144 -12.63 -9.31 -0.27
N GLN C 145 -13.02 -9.92 0.82
CA GLN C 145 -14.39 -9.81 1.33
C GLN C 145 -14.80 -8.35 1.61
N PHE C 146 -13.83 -7.58 2.10
CA PHE C 146 -14.04 -6.18 2.41
C PHE C 146 -13.26 -5.24 1.43
N TYR C 147 -12.91 -5.77 0.24
CA TYR C 147 -12.27 -4.98 -0.85
C TYR C 147 -13.09 -3.73 -1.19
N LYS C 148 -12.48 -2.57 -1.35
CA LYS C 148 -13.27 -1.37 -1.74
C LYS C 148 -12.85 -0.92 -3.13
N SER C 149 -11.53 -0.86 -3.40
CA SER C 149 -11.08 -0.39 -4.72
C SER C 149 -9.59 -0.59 -4.94
N GLY C 150 -9.14 -0.26 -6.16
CA GLY C 150 -7.73 -0.44 -6.49
C GLY C 150 -7.42 -1.85 -6.95
N ILE C 151 -6.15 -2.15 -7.19
CA ILE C 151 -5.72 -3.45 -7.61
C ILE C 151 -5.58 -4.38 -6.40
N TYR C 152 -6.33 -5.48 -6.40
CA TYR C 152 -6.34 -6.39 -5.26
C TYR C 152 -5.17 -7.34 -5.38
N PHE C 153 -4.39 -7.37 -4.32
CA PHE C 153 -3.23 -8.24 -4.23
C PHE C 153 -3.25 -8.70 -2.78
N GLU C 154 -3.22 -10.02 -2.57
CA GLU C 154 -3.29 -10.61 -1.24
C GLU C 154 -2.16 -11.62 -1.22
N PRO C 155 -1.16 -11.38 -0.37
CA PRO C 155 0.01 -12.30 -0.30
C PRO C 155 -0.39 -13.68 0.17
N ASP C 156 -1.44 -13.85 0.95
CA ASP C 156 -1.76 -15.24 1.31
C ASP C 156 -2.67 -15.94 0.26
N CYS C 157 -2.89 -15.33 -0.90
CA CYS C 157 -3.81 -15.93 -1.88
C CYS C 157 -3.28 -17.25 -2.45
N SER C 158 -4.14 -18.23 -2.62
CA SER C 158 -3.71 -19.49 -3.15
C SER C 158 -4.12 -19.55 -4.62
N SER C 159 -3.29 -20.18 -5.43
CA SER C 159 -3.72 -20.39 -6.81
C SER C 159 -4.30 -21.80 -7.01
N LYS C 160 -4.31 -22.65 -5.96
CA LYS C 160 -4.85 -24.03 -5.96
C LYS C 160 -6.17 -24.23 -5.30
N ASN C 161 -6.35 -23.68 -4.10
CA ASN C 161 -7.58 -23.84 -3.33
C ASN C 161 -8.51 -22.69 -3.68
N LEU C 162 -9.49 -22.95 -4.55
CA LEU C 162 -10.34 -21.85 -4.99
C LEU C 162 -11.64 -22.09 -4.37
N ASP C 163 -12.40 -21.04 -4.00
CA ASP C 163 -13.67 -21.36 -3.37
C ASP C 163 -14.81 -20.54 -3.92
N HIS C 164 -14.48 -19.67 -4.90
CA HIS C 164 -15.50 -18.75 -5.41
C HIS C 164 -15.49 -18.68 -6.97
N GLY C 165 -16.65 -18.53 -7.59
CA GLY C 165 -16.74 -18.49 -9.05
C GLY C 165 -17.19 -17.09 -9.40
N VAL C 166 -16.43 -16.46 -10.29
CA VAL C 166 -16.69 -15.08 -10.69
C VAL C 166 -16.54 -15.02 -12.23
N LEU C 167 -16.59 -13.79 -12.75
CA LEU C 167 -16.58 -13.55 -14.16
C LEU C 167 -15.55 -12.50 -14.56
N VAL C 168 -14.59 -12.92 -15.36
CA VAL C 168 -13.62 -11.99 -15.88
C VAL C 168 -14.23 -11.32 -17.15
N VAL C 169 -14.47 -10.00 -17.09
CA VAL C 169 -15.08 -9.24 -18.19
C VAL C 169 -14.11 -8.30 -18.93
N GLY C 170 -12.87 -8.42 -18.53
CA GLY C 170 -11.82 -7.59 -19.08
C GLY C 170 -10.47 -7.65 -18.31
N TYR C 171 -9.55 -6.80 -18.79
CA TYR C 171 -8.22 -6.60 -18.27
C TYR C 171 -7.65 -5.22 -18.76
N GLY C 172 -6.65 -4.71 -18.05
CA GLY C 172 -6.04 -3.42 -18.43
C GLY C 172 -4.92 -3.15 -17.45
N PHE C 173 -4.55 -1.88 -17.30
CA PHE C 173 -3.49 -1.47 -16.39
C PHE C 173 -3.85 -0.11 -15.88
N GLU C 174 -3.49 0.18 -14.65
CA GLU C 174 -3.71 1.55 -14.16
C GLU C 174 -2.44 2.35 -14.61
N GLY C 175 -2.57 3.63 -14.95
CA GLY C 175 -1.37 4.40 -15.31
C GLY C 175 -1.11 4.54 -16.79
N ALA C 176 0.12 4.92 -17.17
CA ALA C 176 0.44 5.13 -18.59
C ALA C 176 1.31 4.08 -19.26
N ASN C 177 1.88 3.17 -18.48
CA ASN C 177 2.71 2.12 -19.07
C ASN C 177 1.90 0.83 -18.92
N SER C 178 1.60 0.22 -20.07
CA SER C 178 0.80 -0.99 -20.17
C SER C 178 1.46 -2.16 -19.46
N ASP C 179 2.72 -2.00 -19.14
CA ASP C 179 3.39 -3.06 -18.47
C ASP C 179 3.36 -2.91 -16.95
N ASN C 180 3.01 -1.74 -16.42
CA ASN C 180 2.93 -1.69 -14.93
C ASN C 180 1.46 -1.71 -14.44
N SER C 181 1.26 -2.22 -13.24
CA SER C 181 -0.03 -2.18 -12.61
C SER C 181 -1.20 -2.80 -13.43
N LYS C 182 -0.95 -4.00 -13.98
CA LYS C 182 -1.94 -4.74 -14.76
C LYS C 182 -2.89 -5.44 -13.84
N TYR C 183 -4.15 -5.51 -14.27
CA TYR C 183 -5.22 -6.20 -13.53
C TYR C 183 -6.20 -6.97 -14.47
N TRP C 184 -7.04 -7.82 -13.86
CA TRP C 184 -8.10 -8.56 -14.53
C TRP C 184 -9.30 -7.81 -14.01
N LEU C 185 -10.23 -7.49 -14.89
CA LEU C 185 -11.42 -6.80 -14.38
C LEU C 185 -12.48 -7.91 -14.09
N VAL C 186 -13.01 -7.95 -12.88
CA VAL C 186 -13.85 -9.02 -12.46
C VAL C 186 -15.21 -8.61 -11.94
N LYS C 187 -16.24 -9.29 -12.43
CA LYS C 187 -17.57 -9.06 -11.99
C LYS C 187 -17.88 -10.04 -10.84
N ASN C 188 -18.34 -9.55 -9.68
CA ASN C 188 -18.72 -10.39 -8.49
C ASN C 188 -20.24 -10.52 -8.50
N SER C 189 -20.79 -11.31 -7.58
CA SER C 189 -22.23 -11.55 -7.50
C SER C 189 -22.64 -11.25 -6.03
N TRP C 190 -22.05 -10.18 -5.50
CA TRP C 190 -22.33 -9.80 -4.12
C TRP C 190 -23.04 -8.45 -4.08
N GLY C 191 -23.71 -8.12 -5.18
CA GLY C 191 -24.43 -6.85 -5.27
C GLY C 191 -23.51 -5.70 -5.71
N PRO C 192 -24.09 -4.62 -6.21
CA PRO C 192 -23.33 -3.46 -6.66
C PRO C 192 -22.76 -2.62 -5.47
N GLU C 193 -23.14 -2.92 -4.22
CA GLU C 193 -22.62 -2.19 -3.04
C GLU C 193 -21.23 -2.70 -2.69
N TRP C 194 -20.93 -3.96 -3.03
CA TRP C 194 -19.56 -4.54 -2.79
C TRP C 194 -18.47 -3.98 -3.74
N GLY C 195 -17.25 -3.85 -3.23
CA GLY C 195 -16.13 -3.37 -4.03
C GLY C 195 -16.35 -2.10 -4.88
N SER C 196 -15.96 -2.15 -6.15
CA SER C 196 -16.18 -0.99 -7.00
C SER C 196 -17.42 -1.22 -7.93
N ASN C 197 -18.62 -0.91 -7.38
CA ASN C 197 -19.89 -1.07 -8.04
C ASN C 197 -20.06 -2.54 -8.34
N GLY C 198 -19.53 -3.37 -7.46
CA GLY C 198 -19.70 -4.77 -7.67
C GLY C 198 -18.57 -5.46 -8.43
N TYR C 199 -17.59 -4.67 -8.89
CA TYR C 199 -16.42 -5.18 -9.62
C TYR C 199 -15.13 -5.06 -8.76
N VAL C 200 -14.14 -5.87 -9.12
CA VAL C 200 -12.84 -5.81 -8.50
C VAL C 200 -11.75 -5.97 -9.61
N LYS C 201 -10.63 -5.28 -9.40
CA LYS C 201 -9.48 -5.42 -10.28
C LYS C 201 -8.53 -6.32 -9.49
N ILE C 202 -8.15 -7.40 -10.12
CA ILE C 202 -7.28 -8.35 -9.49
C ILE C 202 -5.93 -8.31 -10.17
N ALA C 203 -4.85 -8.25 -9.37
CA ALA C 203 -3.49 -8.22 -9.90
C ALA C 203 -3.30 -9.27 -11.08
N LYS C 204 -2.86 -8.80 -12.24
CA LYS C 204 -2.65 -9.63 -13.43
C LYS C 204 -1.13 -9.82 -13.75
N ASP C 205 -0.78 -10.99 -14.26
CA ASP C 205 0.62 -11.33 -14.53
C ASP C 205 1.51 -11.37 -13.27
N LYS C 206 0.90 -11.73 -12.13
CA LYS C 206 1.68 -11.93 -10.92
C LYS C 206 1.59 -13.38 -10.49
N ASN C 207 1.97 -14.23 -11.43
CA ASN C 207 1.99 -15.66 -11.24
C ASN C 207 0.60 -16.27 -10.85
N ASN C 208 -0.47 -15.81 -11.53
CA ASN C 208 -1.81 -16.36 -11.39
C ASN C 208 -2.44 -16.11 -10.03
N HIS C 209 -2.41 -14.88 -9.59
CA HIS C 209 -2.89 -14.45 -8.34
C HIS C 209 -4.35 -14.85 -8.01
N CYS C 210 -4.54 -15.47 -6.84
CA CYS C 210 -5.85 -15.98 -6.43
C CYS C 210 -6.36 -17.11 -7.36
N GLY C 211 -5.47 -17.64 -8.22
CA GLY C 211 -5.87 -18.76 -9.08
C GLY C 211 -6.87 -18.43 -10.18
N ILE C 212 -6.95 -17.15 -10.54
CA ILE C 212 -7.89 -16.74 -11.59
C ILE C 212 -7.76 -17.47 -12.93
N ALA C 213 -6.56 -17.94 -13.31
CA ALA C 213 -6.39 -18.70 -14.55
C ALA C 213 -6.38 -20.19 -14.35
N THR C 214 -6.54 -20.65 -13.13
CA THR C 214 -6.53 -22.13 -12.95
C THR C 214 -7.71 -23.00 -13.37
N ALA C 215 -8.92 -22.48 -13.37
CA ALA C 215 -10.08 -23.33 -13.69
C ALA C 215 -11.13 -22.49 -14.46
N ALA C 216 -10.68 -21.78 -15.48
CA ALA C 216 -11.46 -20.93 -16.33
C ALA C 216 -12.18 -21.73 -17.44
N SER C 217 -13.34 -21.21 -17.87
CA SER C 217 -14.09 -21.90 -18.91
C SER C 217 -15.21 -21.01 -19.47
N TYR C 218 -15.65 -21.33 -20.69
CA TYR C 218 -16.70 -20.54 -21.35
C TYR C 218 -17.58 -21.45 -22.17
N PRO C 219 -18.90 -21.12 -22.25
CA PRO C 219 -19.75 -22.03 -23.03
C PRO C 219 -19.61 -21.75 -24.56
N ASN C 220 -19.96 -22.74 -25.38
CA ASN C 220 -19.97 -22.67 -26.86
C ASN C 220 -21.44 -22.56 -27.26
N VAL C 221 -21.80 -21.62 -28.10
CA VAL C 221 -23.23 -21.39 -28.42
C VAL C 221 -23.56 -21.54 -29.92
N LEU D 1 30.88 -17.87 -21.92
CA LEU D 1 31.48 -18.87 -21.04
C LEU D 1 31.72 -20.15 -21.86
N PRO D 2 32.73 -20.97 -21.46
CA PRO D 2 33.04 -22.21 -22.16
C PRO D 2 31.84 -23.09 -21.98
N LYS D 3 31.63 -24.00 -22.91
CA LYS D 3 30.47 -24.87 -22.86
C LYS D 3 30.68 -26.01 -21.82
N SER D 4 31.92 -26.19 -21.39
CA SER D 4 32.27 -27.24 -20.45
C SER D 4 33.46 -26.85 -19.61
N VAL D 5 33.41 -27.17 -18.31
CA VAL D 5 34.50 -26.87 -17.39
C VAL D 5 34.62 -28.09 -16.47
N ASP D 6 35.86 -28.43 -16.11
CA ASP D 6 36.15 -29.52 -15.18
C ASP D 6 37.44 -29.24 -14.48
N TRP D 7 37.32 -28.56 -13.36
CA TRP D 7 38.50 -28.20 -12.59
C TRP D 7 39.39 -29.35 -12.14
N ARG D 8 38.86 -30.55 -12.17
CA ARG D 8 39.65 -31.71 -11.76
C ARG D 8 40.83 -31.89 -12.69
N LYS D 9 40.58 -31.69 -13.99
CA LYS D 9 41.61 -31.89 -14.99
C LYS D 9 42.69 -30.85 -14.87
N LYS D 10 42.57 -29.91 -13.93
CA LYS D 10 43.62 -28.88 -13.76
C LYS D 10 44.31 -28.96 -12.44
N GLY D 11 44.04 -30.03 -11.70
CA GLY D 11 44.71 -30.21 -10.42
C GLY D 11 44.16 -29.38 -9.28
N TYR D 12 43.02 -28.73 -9.51
CA TYR D 12 42.39 -27.91 -8.45
C TYR D 12 41.67 -28.78 -7.41
N VAL D 13 41.58 -30.09 -7.60
CA VAL D 13 40.76 -30.88 -6.67
C VAL D 13 41.35 -32.07 -5.97
N THR D 14 41.28 -32.05 -4.63
CA THR D 14 41.76 -33.20 -3.89
C THR D 14 40.91 -34.40 -4.15
N PRO D 15 41.35 -35.57 -3.65
CA PRO D 15 40.53 -36.77 -3.89
C PRO D 15 39.27 -36.77 -3.01
N VAL D 16 38.31 -37.63 -3.35
CA VAL D 16 37.06 -37.69 -2.64
C VAL D 16 37.16 -38.15 -1.21
N LYS D 17 36.63 -37.34 -0.29
CA LYS D 17 36.69 -37.67 1.12
C LYS D 17 35.40 -38.29 1.69
N ASN D 18 35.38 -38.54 2.99
CA ASN D 18 34.22 -39.13 3.60
C ASN D 18 34.05 -38.60 4.98
N GLN D 19 32.95 -37.90 5.16
CA GLN D 19 32.57 -37.30 6.38
C GLN D 19 32.21 -38.24 7.53
N LYS D 20 31.81 -39.48 7.19
CA LYS D 20 31.45 -40.53 8.14
C LYS D 20 30.30 -40.13 9.04
N GLN D 21 30.33 -40.58 10.30
CA GLN D 21 29.22 -40.32 11.22
C GLN D 21 29.18 -38.94 11.80
N CYS D 22 29.33 -37.91 10.99
CA CYS D 22 29.33 -36.54 11.50
C CYS D 22 28.66 -35.68 10.39
N GLY D 23 27.73 -34.80 10.77
CA GLY D 23 27.01 -33.94 9.83
C GLY D 23 27.80 -32.70 9.47
N SER D 24 29.02 -32.93 9.03
CA SER D 24 29.99 -31.89 8.70
C SER D 24 30.18 -31.62 7.18
N TRP D 26 29.11 -29.32 5.34
CA TRP D 26 29.48 -27.87 5.08
C TRP D 26 31.01 -27.66 5.22
N ALA D 27 31.68 -28.48 6.01
CA ALA D 27 33.12 -28.32 6.20
C ALA D 27 33.89 -28.83 5.00
N PHE D 28 33.46 -29.99 4.50
CA PHE D 28 34.03 -30.57 3.32
C PHE D 28 33.89 -29.68 2.04
N SER D 29 32.70 -29.12 1.87
CA SER D 29 32.38 -28.22 0.79
C SER D 29 33.35 -26.99 0.90
N ALA D 30 33.45 -26.40 2.09
CA ALA D 30 34.29 -25.22 2.30
C ALA D 30 35.78 -25.49 2.02
N THR D 31 36.25 -26.58 2.58
CA THR D 31 37.59 -27.07 2.42
C THR D 31 37.80 -27.37 0.92
N GLY D 32 36.78 -27.90 0.24
CA GLY D 32 36.97 -28.11 -1.18
C GLY D 32 37.13 -26.83 -2.01
N ALA D 33 36.42 -25.76 -1.61
CA ALA D 33 36.48 -24.53 -2.37
C ALA D 33 37.82 -23.79 -2.07
N LEU D 34 38.25 -23.89 -0.80
CA LEU D 34 39.50 -23.30 -0.36
C LEU D 34 40.72 -24.04 -0.95
N GLU D 35 40.64 -25.37 -1.04
CA GLU D 35 41.69 -26.12 -1.73
C GLU D 35 41.83 -25.67 -3.19
N GLY D 36 40.70 -25.46 -3.88
CA GLY D 36 40.72 -25.03 -5.26
C GLY D 36 41.26 -23.60 -5.40
N GLN D 37 40.99 -22.75 -4.44
CA GLN D 37 41.50 -21.41 -4.60
C GLN D 37 43.01 -21.31 -4.22
N MET D 38 43.43 -22.04 -3.18
CA MET D 38 44.82 -22.02 -2.73
C MET D 38 45.68 -22.49 -3.85
N PHE D 39 45.17 -23.49 -4.55
CA PHE D 39 45.88 -24.04 -5.66
C PHE D 39 45.99 -23.00 -6.76
N ARG D 40 44.90 -22.32 -7.07
CA ARG D 40 44.94 -21.30 -8.10
C ARG D 40 46.02 -20.29 -7.70
N LYS D 41 46.05 -19.93 -6.43
CA LYS D 41 47.03 -18.98 -6.00
C LYS D 41 48.53 -19.41 -6.12
N THR D 42 48.83 -20.56 -5.52
CA THR D 42 50.19 -21.04 -5.38
C THR D 42 50.61 -22.21 -6.24
N GLY D 43 49.71 -22.70 -7.07
CA GLY D 43 50.05 -23.84 -7.89
C GLY D 43 50.14 -25.14 -7.11
N LYS D 44 50.07 -25.11 -5.77
CA LYS D 44 50.08 -26.35 -4.92
C LYS D 44 48.67 -26.86 -4.41
N LEU D 45 48.43 -28.18 -4.49
CA LEU D 45 47.20 -28.83 -4.05
C LEU D 45 47.49 -29.46 -2.73
N VAL D 46 46.96 -28.89 -1.66
CA VAL D 46 47.15 -29.43 -0.34
C VAL D 46 45.78 -29.71 0.36
N SER D 47 45.58 -30.94 0.85
CA SER D 47 44.36 -31.27 1.52
C SER D 47 44.27 -30.54 2.81
N LEU D 48 43.13 -29.85 3.01
CA LEU D 48 42.89 -29.02 4.19
C LEU D 48 42.10 -29.72 5.31
N SER D 49 42.17 -29.17 6.52
CA SER D 49 41.49 -29.81 7.64
C SER D 49 40.03 -29.47 7.93
N GLU D 50 39.12 -30.44 7.66
CA GLU D 50 37.71 -30.24 8.02
C GLU D 50 37.53 -30.24 9.57
N GLN D 51 38.39 -30.98 10.31
CA GLN D 51 38.26 -30.97 11.80
C GLN D 51 38.59 -29.55 12.31
N ASN D 52 39.55 -28.90 11.66
CA ASN D 52 39.92 -27.52 12.07
C ASN D 52 38.61 -26.71 12.06
N LEU D 53 37.89 -26.74 10.93
CA LEU D 53 36.57 -26.02 10.82
C LEU D 53 35.51 -26.54 11.81
N VAL D 54 35.44 -27.85 11.97
CA VAL D 54 34.40 -28.25 12.89
C VAL D 54 34.72 -27.92 14.33
N ASP D 55 35.96 -28.15 14.78
CA ASP D 55 36.30 -27.78 16.16
C ASP D 55 36.31 -26.29 16.49
N CYS D 56 36.89 -25.44 15.62
CA CYS D 56 37.08 -24.01 15.94
C CYS D 56 36.17 -22.93 15.42
N SER D 57 35.29 -23.25 14.47
CA SER D 57 34.48 -22.21 13.88
C SER D 57 33.13 -21.96 14.51
N ARG D 58 32.95 -22.40 15.76
CA ARG D 58 31.71 -22.07 16.49
C ARG D 58 31.43 -20.56 16.74
N PRO D 59 32.46 -19.76 17.09
CA PRO D 59 32.21 -18.32 17.34
C PRO D 59 31.64 -17.66 16.09
N GLN D 60 32.11 -18.09 14.92
CA GLN D 60 31.61 -17.56 13.65
C GLN D 60 30.20 -18.04 13.35
N GLY D 61 29.65 -18.92 14.19
CA GLY D 61 28.28 -19.37 13.98
C GLY D 61 28.01 -20.76 13.41
N ASN D 62 28.99 -21.64 13.41
CA ASN D 62 28.81 -22.98 12.89
C ASN D 62 28.67 -23.90 14.11
N GLN D 63 28.14 -25.08 13.88
CA GLN D 63 27.89 -26.02 14.98
C GLN D 63 28.47 -27.42 14.74
N GLY D 64 29.68 -27.49 14.19
CA GLY D 64 30.36 -28.75 13.95
C GLY D 64 29.56 -29.91 13.27
N CYS D 65 29.47 -31.06 13.94
CA CYS D 65 28.80 -32.26 13.43
C CYS D 65 27.28 -32.06 13.33
N ASN D 66 26.84 -30.99 13.97
CA ASN D 66 25.49 -30.55 14.02
C ASN D 66 25.00 -29.55 12.95
N GLY D 67 25.88 -29.15 12.04
CA GLY D 67 25.44 -28.30 10.93
C GLY D 67 26.20 -26.97 10.89
N GLY D 68 26.19 -26.32 9.75
CA GLY D 68 26.90 -25.05 9.62
C GLY D 68 26.69 -24.46 8.23
N PHE D 69 27.46 -23.41 7.93
CA PHE D 69 27.43 -22.78 6.63
C PHE D 69 28.86 -22.58 6.11
N MET D 70 29.01 -22.87 4.81
CA MET D 70 30.27 -22.72 4.13
C MET D 70 30.77 -21.25 4.25
N ALA D 71 29.85 -20.29 4.13
CA ALA D 71 30.29 -18.92 4.19
C ALA D 71 30.88 -18.62 5.60
N ARG D 72 30.31 -19.22 6.65
CA ARG D 72 30.77 -18.99 8.04
C ARG D 72 32.11 -19.62 8.25
N ALA D 73 32.30 -20.73 7.57
CA ALA D 73 33.57 -21.37 7.59
C ALA D 73 34.62 -20.40 6.92
N PHE D 74 34.33 -19.88 5.73
CA PHE D 74 35.30 -18.98 5.08
C PHE D 74 35.60 -17.74 5.99
N GLN D 75 34.60 -17.35 6.79
CA GLN D 75 34.73 -16.21 7.65
C GLN D 75 35.75 -16.61 8.74
N TYR D 76 35.47 -17.73 9.41
CA TYR D 76 36.39 -18.24 10.39
C TYR D 76 37.85 -18.25 9.90
N VAL D 77 38.09 -18.67 8.65
CA VAL D 77 39.47 -18.72 8.13
C VAL D 77 40.09 -17.32 8.05
N LYS D 78 39.23 -16.36 7.72
CA LYS D 78 39.61 -14.97 7.61
C LYS D 78 39.99 -14.42 8.98
N GLU D 79 39.06 -14.54 9.92
CA GLU D 79 39.29 -14.00 11.25
C GLU D 79 40.44 -14.64 11.99
N ASN D 80 40.56 -15.93 11.74
CA ASN D 80 41.56 -16.77 12.31
C ASN D 80 42.98 -16.60 11.75
N GLY D 81 43.08 -16.27 10.46
CA GLY D 81 44.37 -16.04 9.81
C GLY D 81 45.01 -17.26 9.19
N GLY D 82 44.21 -18.31 9.02
CA GLY D 82 44.71 -19.51 8.39
C GLY D 82 43.85 -20.73 8.72
N LEU D 83 44.20 -21.87 8.15
CA LEU D 83 43.48 -23.11 8.37
C LEU D 83 44.60 -24.18 8.25
N ASP D 84 44.64 -25.17 9.13
CA ASP D 84 45.67 -26.21 9.06
C ASP D 84 45.44 -27.26 8.02
N SER D 85 46.52 -27.95 7.66
CA SER D 85 46.42 -29.02 6.66
C SER D 85 45.70 -30.25 7.24
N GLU D 86 45.20 -31.10 6.33
CA GLU D 86 44.49 -32.32 6.73
C GLU D 86 45.45 -33.19 7.57
N GLU D 87 46.64 -33.44 7.01
CA GLU D 87 47.68 -34.23 7.67
C GLU D 87 48.09 -33.75 9.08
N SER D 88 48.15 -32.45 9.28
CA SER D 88 48.55 -31.90 10.57
C SER D 88 47.44 -31.76 11.59
N TYR D 89 46.19 -31.84 11.09
CA TYR D 89 45.01 -31.71 11.95
C TYR D 89 43.91 -32.68 11.34
N PRO D 90 44.15 -34.00 11.44
CA PRO D 90 43.29 -35.08 10.92
C PRO D 90 41.82 -35.14 11.40
N TYR D 91 40.97 -35.56 10.49
CA TYR D 91 39.55 -35.66 10.75
C TYR D 91 39.19 -36.82 11.72
N VAL D 92 38.31 -36.57 12.69
CA VAL D 92 37.89 -37.64 13.62
C VAL D 92 36.36 -37.83 13.65
N ALA D 93 35.60 -36.89 13.07
CA ALA D 93 34.15 -36.99 12.93
C ALA D 93 33.36 -36.85 14.21
N VAL D 94 33.94 -36.16 15.19
CA VAL D 94 33.29 -35.85 16.43
C VAL D 94 33.64 -34.41 16.72
N ASP D 95 32.77 -33.70 17.41
CA ASP D 95 33.03 -32.31 17.78
C ASP D 95 34.10 -32.31 18.89
N GLU D 96 35.32 -31.88 18.61
CA GLU D 96 36.36 -31.80 19.66
C GLU D 96 36.72 -30.36 19.90
N ILE D 97 37.59 -30.15 20.88
CA ILE D 97 38.02 -28.82 21.29
C ILE D 97 39.02 -28.26 20.28
N CYS D 98 38.97 -26.95 20.04
CA CYS D 98 39.90 -26.34 19.05
C CYS D 98 41.38 -26.54 19.36
N LYS D 99 42.12 -27.05 18.37
CA LYS D 99 43.54 -27.30 18.49
C LYS D 99 44.20 -26.70 17.26
N TYR D 100 43.72 -25.53 16.85
CA TYR D 100 44.32 -24.90 15.68
C TYR D 100 45.78 -24.45 15.95
N ARG D 101 46.66 -24.66 14.98
CA ARG D 101 48.09 -24.28 15.08
C ARG D 101 48.58 -23.37 13.95
N PRO D 102 48.70 -22.05 14.23
CA PRO D 102 49.18 -21.11 13.18
C PRO D 102 50.47 -21.55 12.45
N GLU D 103 51.31 -22.31 13.14
CA GLU D 103 52.56 -22.79 12.55
C GLU D 103 52.34 -23.81 11.45
N ASN D 104 51.17 -24.49 11.48
CA ASN D 104 50.77 -25.52 10.52
C ASN D 104 49.69 -25.11 9.47
N SER D 105 49.34 -23.84 9.48
CA SER D 105 48.37 -23.33 8.53
C SER D 105 48.90 -23.27 7.08
N VAL D 106 48.17 -23.84 6.12
CA VAL D 106 48.59 -23.88 4.71
C VAL D 106 47.55 -23.16 3.82
N ALA D 107 46.64 -22.43 4.47
CA ALA D 107 45.58 -21.77 3.76
C ALA D 107 45.16 -20.50 4.47
N GLN D 108 44.65 -19.55 3.68
CA GLN D 108 44.13 -18.25 4.13
C GLN D 108 43.09 -17.73 3.16
N ASP D 109 42.24 -16.83 3.63
CA ASP D 109 41.33 -16.13 2.78
C ASP D 109 41.10 -14.81 3.43
N THR D 110 40.57 -13.87 2.64
CA THR D 110 40.27 -12.50 3.00
C THR D 110 38.78 -12.29 3.07
N GLY D 111 38.05 -13.39 2.91
CA GLY D 111 36.60 -13.33 2.95
C GLY D 111 36.01 -14.25 1.90
N PHE D 112 34.85 -13.90 1.37
CA PHE D 112 34.28 -14.78 0.36
C PHE D 112 33.30 -13.98 -0.50
N THR D 113 32.91 -14.60 -1.60
CA THR D 113 31.98 -14.01 -2.52
C THR D 113 30.77 -14.91 -2.58
N VAL D 114 29.58 -14.32 -2.71
CA VAL D 114 28.33 -15.13 -2.71
C VAL D 114 27.73 -15.03 -4.07
N VAL D 115 27.30 -16.16 -4.63
CA VAL D 115 26.69 -16.15 -5.96
C VAL D 115 25.21 -15.68 -5.89
N ALA D 116 24.81 -14.93 -6.92
CA ALA D 116 23.45 -14.36 -7.13
C ALA D 116 22.42 -15.46 -6.81
N PRO D 117 21.67 -15.33 -5.70
CA PRO D 117 20.66 -16.31 -5.22
C PRO D 117 19.68 -16.80 -6.27
N GLY D 118 19.74 -18.12 -6.51
CA GLY D 118 18.92 -18.82 -7.50
C GLY D 118 19.39 -18.60 -8.93
N LYS D 119 20.56 -17.97 -9.14
CA LYS D 119 20.98 -17.67 -10.55
C LYS D 119 22.01 -18.60 -11.13
N GLU D 120 21.56 -19.54 -11.96
CA GLU D 120 22.45 -20.52 -12.51
C GLU D 120 23.48 -19.90 -13.45
N LYS D 121 23.09 -18.79 -14.09
CA LYS D 121 23.99 -18.10 -15.01
C LYS D 121 25.12 -17.55 -14.18
N ALA D 122 24.79 -16.99 -13.03
CA ALA D 122 25.79 -16.45 -12.14
C ALA D 122 26.62 -17.59 -11.48
N LEU D 123 26.00 -18.77 -11.29
CA LEU D 123 26.76 -19.93 -10.75
C LEU D 123 27.73 -20.40 -11.84
N MET D 124 27.22 -20.48 -13.06
CA MET D 124 28.05 -20.90 -14.20
C MET D 124 29.27 -19.92 -14.41
N LYS D 125 29.04 -18.61 -14.25
CA LYS D 125 30.15 -17.64 -14.42
C LYS D 125 31.18 -17.91 -13.28
N ALA D 126 30.67 -18.16 -12.06
CA ALA D 126 31.57 -18.42 -10.93
C ALA D 126 32.42 -19.65 -11.22
N VAL D 127 31.80 -20.73 -11.72
CA VAL D 127 32.60 -21.89 -11.96
C VAL D 127 33.60 -21.78 -13.08
N ALA D 128 33.20 -21.13 -14.20
CA ALA D 128 34.07 -20.94 -15.36
C ALA D 128 35.23 -20.02 -15.03
N THR D 129 35.00 -18.95 -14.25
CA THR D 129 36.04 -17.97 -13.92
C THR D 129 36.81 -18.04 -12.61
N VAL D 130 36.32 -18.79 -11.61
CA VAL D 130 37.00 -18.83 -10.29
C VAL D 130 37.61 -20.18 -9.92
N GLY D 131 36.84 -21.24 -10.12
CA GLY D 131 37.28 -22.58 -9.78
C GLY D 131 36.11 -23.30 -9.08
N PRO D 132 36.38 -24.37 -8.30
CA PRO D 132 35.33 -25.13 -7.58
C PRO D 132 34.52 -24.27 -6.64
N ILE D 133 33.21 -24.36 -6.78
CA ILE D 133 32.32 -23.56 -5.94
C ILE D 133 31.54 -24.36 -4.86
N SER D 134 31.47 -23.79 -3.66
CA SER D 134 30.69 -24.32 -2.55
C SER D 134 29.16 -24.05 -2.76
N VAL D 135 28.35 -25.10 -2.81
CA VAL D 135 26.88 -24.96 -2.91
C VAL D 135 26.13 -25.82 -1.89
N ALA D 136 24.95 -25.32 -1.54
CA ALA D 136 24.00 -25.99 -0.68
C ALA D 136 22.92 -26.64 -1.57
N MET D 137 22.55 -27.88 -1.28
CA MET D 137 21.53 -28.52 -2.10
C MET D 137 20.56 -29.39 -1.27
N ASP D 138 19.46 -29.76 -1.90
CA ASP D 138 18.45 -30.62 -1.31
C ASP D 138 18.88 -32.09 -1.68
N ALA D 139 19.43 -32.81 -0.72
CA ALA D 139 19.95 -34.15 -0.96
C ALA D 139 19.05 -35.18 -0.28
N GLY D 140 17.99 -34.67 0.33
CA GLY D 140 17.11 -35.56 1.08
C GLY D 140 16.23 -36.47 0.31
N HIS D 141 16.68 -37.12 -0.74
CA HIS D 141 15.80 -38.07 -1.44
C HIS D 141 16.59 -39.36 -1.67
N SER D 142 15.87 -40.49 -1.55
CA SER D 142 16.45 -41.80 -1.78
C SER D 142 17.18 -41.80 -3.08
N SER D 143 16.58 -41.21 -4.11
CA SER D 143 17.21 -41.25 -5.44
C SER D 143 18.57 -40.65 -5.40
N PHE D 144 18.75 -39.67 -4.54
CA PHE D 144 20.08 -39.06 -4.48
C PHE D 144 21.01 -39.87 -3.57
N GLN D 145 20.48 -40.19 -2.40
CA GLN D 145 21.23 -40.93 -1.38
C GLN D 145 21.78 -42.20 -1.97
N PHE D 146 21.03 -42.81 -2.90
CA PHE D 146 21.52 -44.09 -3.50
C PHE D 146 21.78 -43.96 -5.01
N TYR D 147 22.04 -42.73 -5.44
CA TYR D 147 22.34 -42.43 -6.82
C TYR D 147 23.53 -43.23 -7.26
N LYS D 148 23.55 -43.59 -8.54
CA LYS D 148 24.70 -44.29 -9.09
C LYS D 148 25.35 -43.57 -10.27
N SER D 149 24.56 -43.20 -11.26
CA SER D 149 25.14 -42.61 -12.47
C SER D 149 24.15 -41.79 -13.25
N GLY D 150 24.63 -41.05 -14.25
CA GLY D 150 23.70 -40.26 -15.07
C GLY D 150 23.39 -38.88 -14.52
N ILE D 151 22.60 -38.13 -15.29
CA ILE D 151 22.23 -36.79 -14.90
C ILE D 151 21.08 -36.90 -13.90
N TYR D 152 21.35 -36.51 -12.65
CA TYR D 152 20.37 -36.61 -11.58
C TYR D 152 19.28 -35.54 -11.73
N PHE D 153 18.05 -36.01 -11.61
CA PHE D 153 16.86 -35.20 -11.68
C PHE D 153 15.86 -35.94 -10.81
N GLU D 154 15.31 -35.22 -9.86
CA GLU D 154 14.35 -35.71 -8.95
C GLU D 154 13.24 -34.69 -8.90
N PRO D 155 12.02 -35.08 -9.35
CA PRO D 155 10.89 -34.15 -9.34
C PRO D 155 10.55 -33.63 -7.99
N ASP D 156 10.81 -34.37 -6.92
CA ASP D 156 10.49 -33.85 -5.58
C ASP D 156 11.58 -32.90 -4.98
N CYS D 157 12.66 -32.63 -5.73
CA CYS D 157 13.74 -31.75 -5.18
C CYS D 157 13.24 -30.36 -4.86
N SER D 158 13.59 -29.85 -3.71
CA SER D 158 13.21 -28.50 -3.38
C SER D 158 14.41 -27.63 -3.77
N SER D 159 14.14 -26.38 -4.18
CA SER D 159 15.21 -25.48 -4.52
C SER D 159 15.35 -24.47 -3.35
N LYS D 160 14.55 -24.66 -2.30
CA LYS D 160 14.61 -23.81 -1.13
C LYS D 160 15.03 -24.48 0.18
N ASN D 161 14.68 -25.74 0.37
CA ASN D 161 15.04 -26.34 1.67
C ASN D 161 16.23 -27.22 1.34
N LEU D 162 17.41 -26.72 1.72
CA LEU D 162 18.68 -27.32 1.38
C LEU D 162 19.12 -27.99 2.63
N ASP D 163 19.77 -29.12 2.53
CA ASP D 163 20.17 -29.73 3.76
C ASP D 163 21.61 -30.28 3.66
N HIS D 164 22.29 -30.07 2.53
CA HIS D 164 23.57 -30.69 2.34
C HIS D 164 24.53 -29.71 1.63
N GLY D 165 25.78 -29.72 2.01
CA GLY D 165 26.71 -28.79 1.34
C GLY D 165 27.71 -29.62 0.49
N VAL D 166 27.94 -29.23 -0.76
CA VAL D 166 28.79 -29.99 -1.67
C VAL D 166 29.61 -28.98 -2.52
N LEU D 167 30.35 -29.49 -3.51
CA LEU D 167 31.27 -28.68 -4.29
C LEU D 167 31.09 -28.84 -5.82
N VAL D 168 30.67 -27.77 -6.49
CA VAL D 168 30.59 -27.82 -7.95
C VAL D 168 32.04 -27.69 -8.53
N VAL D 169 32.50 -28.78 -9.18
CA VAL D 169 33.83 -28.81 -9.79
C VAL D 169 33.77 -28.52 -11.28
N GLY D 170 32.58 -28.40 -11.84
CA GLY D 170 32.46 -28.10 -13.26
C GLY D 170 31.05 -28.18 -13.74
N TYR D 171 30.90 -28.24 -15.07
CA TYR D 171 29.57 -28.40 -15.69
C TYR D 171 29.86 -28.83 -17.13
N GLY D 172 28.83 -29.33 -17.82
CA GLY D 172 29.02 -29.79 -19.17
C GLY D 172 27.65 -30.13 -19.69
N PHE D 173 27.59 -31.05 -20.64
CA PHE D 173 26.34 -31.45 -21.28
C PHE D 173 26.63 -32.83 -21.92
N GLU D 174 25.60 -33.68 -21.98
CA GLU D 174 25.70 -34.98 -22.62
C GLU D 174 25.06 -34.91 -24.00
N GLY D 175 25.66 -35.65 -24.92
CA GLY D 175 25.17 -35.63 -26.29
C GLY D 175 26.00 -34.63 -27.07
N ALA D 176 25.60 -34.33 -28.29
CA ALA D 176 26.34 -33.40 -29.13
C ALA D 176 25.89 -31.92 -29.06
N ASN D 177 24.64 -31.68 -28.69
CA ASN D 177 24.14 -30.29 -28.60
C ASN D 177 24.43 -29.63 -27.24
N SER D 178 25.41 -28.73 -27.21
CA SER D 178 25.83 -28.04 -25.98
C SER D 178 24.73 -27.36 -25.13
N ASP D 179 23.51 -27.28 -25.67
CA ASP D 179 22.44 -26.66 -24.93
C ASP D 179 21.36 -27.67 -24.55
N ASN D 180 21.70 -28.95 -24.73
CA ASN D 180 20.85 -30.10 -24.38
C ASN D 180 21.57 -30.94 -23.27
N SER D 181 20.78 -31.52 -22.35
CA SER D 181 21.29 -32.39 -21.28
C SER D 181 22.44 -31.79 -20.57
N LYS D 182 22.16 -30.66 -19.93
CA LYS D 182 23.18 -29.94 -19.19
C LYS D 182 23.29 -30.41 -17.75
N TYR D 183 24.53 -30.39 -17.26
CA TYR D 183 24.70 -30.78 -15.87
C TYR D 183 25.79 -30.03 -15.18
N TRP D 184 25.71 -30.05 -13.84
CA TRP D 184 26.75 -29.51 -12.94
C TRP D 184 27.49 -30.75 -12.50
N LEU D 185 28.81 -30.69 -12.45
CA LEU D 185 29.62 -31.82 -12.02
C LEU D 185 29.85 -31.49 -10.55
N VAL D 186 29.41 -32.40 -9.66
CA VAL D 186 29.46 -32.17 -8.21
C VAL D 186 30.26 -33.18 -7.39
N LYS D 187 31.19 -32.71 -6.57
CA LYS D 187 31.96 -33.57 -5.66
C LYS D 187 31.18 -33.72 -4.33
N ASN D 188 30.92 -34.95 -3.92
CA ASN D 188 30.24 -35.22 -2.61
C ASN D 188 31.37 -35.60 -1.59
N SER D 189 30.98 -35.84 -0.36
CA SER D 189 31.92 -36.18 0.69
C SER D 189 31.45 -37.46 1.34
N TRP D 190 30.96 -38.39 0.53
CA TRP D 190 30.45 -39.63 1.04
C TRP D 190 31.42 -40.79 0.66
N GLY D 191 32.65 -40.46 0.25
CA GLY D 191 33.60 -41.48 -0.20
C GLY D 191 33.49 -41.75 -1.72
N PRO D 192 34.49 -42.42 -2.36
CA PRO D 192 34.56 -42.75 -3.79
C PRO D 192 33.65 -43.87 -4.21
N GLU D 193 33.24 -44.66 -3.22
CA GLU D 193 32.29 -45.75 -3.42
C GLU D 193 30.88 -45.21 -3.72
N TRP D 194 30.57 -43.99 -3.27
CA TRP D 194 29.22 -43.44 -3.51
C TRP D 194 29.12 -42.95 -4.96
N GLY D 195 27.91 -43.04 -5.50
CA GLY D 195 27.65 -42.60 -6.87
C GLY D 195 28.73 -42.99 -7.89
N SER D 196 29.22 -42.03 -8.65
CA SER D 196 30.18 -42.34 -9.68
C SER D 196 31.54 -41.83 -9.26
N ASN D 197 32.23 -42.74 -8.55
CA ASN D 197 33.52 -42.48 -7.94
C ASN D 197 33.44 -41.30 -7.00
N GLY D 198 32.31 -41.19 -6.32
CA GLY D 198 32.13 -40.11 -5.37
C GLY D 198 31.61 -38.81 -5.97
N TYR D 199 31.24 -38.81 -7.25
CA TYR D 199 30.82 -37.59 -7.92
C TYR D 199 29.42 -37.79 -8.39
N VAL D 200 28.72 -36.70 -8.69
CA VAL D 200 27.36 -36.84 -9.26
C VAL D 200 27.19 -35.70 -10.27
N LYS D 201 26.37 -35.95 -11.31
CA LYS D 201 25.99 -34.87 -12.23
C LYS D 201 24.55 -34.49 -11.91
N ILE D 202 24.31 -33.20 -11.70
CA ILE D 202 22.99 -32.76 -11.35
C ILE D 202 22.42 -31.91 -12.54
N ALA D 203 21.12 -32.06 -12.86
CA ALA D 203 20.54 -31.34 -14.00
C ALA D 203 20.82 -29.85 -13.89
N LYS D 204 21.42 -29.27 -14.92
CA LYS D 204 21.71 -27.84 -14.93
C LYS D 204 20.73 -27.07 -15.83
N ASP D 205 20.50 -25.78 -15.50
CA ASP D 205 19.59 -24.93 -16.26
C ASP D 205 18.26 -25.67 -16.38
N LYS D 206 17.75 -26.09 -15.22
CA LYS D 206 16.49 -26.73 -15.18
C LYS D 206 15.78 -26.23 -14.01
N ASN D 207 15.72 -24.92 -13.91
CA ASN D 207 15.06 -24.25 -12.82
C ASN D 207 15.69 -24.34 -11.38
N ASN D 208 17.01 -24.27 -11.33
CA ASN D 208 17.71 -24.32 -10.06
C ASN D 208 17.41 -25.66 -9.31
N HIS D 209 17.58 -26.77 -10.03
CA HIS D 209 17.30 -28.13 -9.52
C HIS D 209 18.08 -28.51 -8.23
N CYS D 210 17.27 -28.73 -7.20
CA CYS D 210 17.70 -29.04 -5.86
C CYS D 210 18.37 -27.82 -5.25
N GLY D 211 18.16 -26.65 -5.86
CA GLY D 211 18.73 -25.44 -5.29
C GLY D 211 20.26 -25.24 -5.28
N ILE D 212 20.98 -25.87 -6.22
CA ILE D 212 22.45 -25.73 -6.37
C ILE D 212 22.94 -24.27 -6.37
N ALA D 213 22.12 -23.39 -6.91
CA ALA D 213 22.49 -22.00 -7.11
C ALA D 213 21.83 -21.11 -6.14
N THR D 214 21.15 -21.69 -5.15
CA THR D 214 20.52 -20.80 -4.23
C THR D 214 21.36 -20.32 -3.08
N ALA D 215 22.44 -21.01 -2.72
CA ALA D 215 23.17 -20.42 -1.60
C ALA D 215 24.61 -20.85 -1.72
N ALA D 216 25.16 -20.47 -2.89
CA ALA D 216 26.52 -20.82 -3.34
C ALA D 216 27.50 -19.67 -2.95
N SER D 217 28.73 -20.04 -2.58
CA SER D 217 29.79 -19.10 -2.12
C SER D 217 31.20 -19.64 -2.37
N TYR D 218 32.19 -18.76 -2.39
CA TYR D 218 33.59 -19.22 -2.61
C TYR D 218 34.51 -18.27 -1.87
N PRO D 219 35.57 -18.78 -1.21
CA PRO D 219 36.46 -17.87 -0.49
C PRO D 219 37.32 -16.96 -1.47
N ASN D 220 37.68 -15.78 -1.01
CA ASN D 220 38.53 -14.86 -1.80
C ASN D 220 39.97 -15.05 -1.29
N VAL D 221 40.90 -15.42 -2.16
CA VAL D 221 42.29 -15.55 -1.68
C VAL D 221 43.28 -14.49 -2.20
N MET E 1 -24.89 46.87 17.99
CA MET E 1 -24.22 46.68 19.27
C MET E 1 -23.06 45.70 19.14
N ALA E 2 -22.06 46.10 18.37
CA ALA E 2 -20.88 45.27 18.15
C ALA E 2 -19.68 46.13 17.81
N SER E 3 -18.50 45.54 17.94
CA SER E 3 -17.27 46.24 17.68
C SER E 3 -16.50 45.66 16.54
N LEU E 4 -16.74 46.27 15.40
CA LEU E 4 -16.10 45.92 14.18
C LEU E 4 -14.82 46.68 14.19
N GLU E 5 -13.73 45.95 13.97
CA GLU E 5 -12.40 46.52 13.89
C GLU E 5 -12.29 47.36 12.64
N ASP E 6 -11.40 48.35 12.67
CA ASP E 6 -11.17 49.21 11.58
C ASP E 6 -10.49 48.31 10.58
N GLY E 7 -10.77 48.49 9.32
CA GLY E 7 -10.17 47.66 8.32
C GLY E 7 -10.92 47.78 7.03
N THR E 8 -10.58 46.92 6.12
CA THR E 8 -11.13 46.91 4.81
C THR E 8 -12.14 45.76 4.71
N TYR E 9 -13.36 46.05 4.26
CA TYR E 9 -14.44 45.07 4.17
C TYR E 9 -15.21 45.06 2.86
N ARG E 10 -15.89 43.95 2.57
CA ARG E 10 -16.79 43.80 1.44
C ARG E 10 -18.15 43.73 2.25
N LEU E 11 -19.15 44.49 1.79
CA LEU E 11 -20.43 44.59 2.50
C LEU E 11 -21.56 43.90 1.67
N ARG E 12 -21.99 42.73 2.13
CA ARG E 12 -23.08 41.98 1.46
C ARG E 12 -24.51 42.33 1.93
N ALA E 13 -25.44 42.65 0.99
CA ALA E 13 -26.84 43.00 1.38
C ALA E 13 -27.54 41.77 1.83
N VAL E 14 -28.09 41.88 3.02
CA VAL E 14 -28.77 40.73 3.62
C VAL E 14 -29.97 41.34 4.33
N THR E 15 -30.52 40.57 5.24
CA THR E 15 -31.70 41.02 5.92
C THR E 15 -31.71 40.42 7.32
N THR E 16 -32.45 41.05 8.18
CA THR E 16 -32.58 40.51 9.52
C THR E 16 -33.32 39.07 9.55
N SER E 17 -34.29 38.83 8.71
CA SER E 17 -34.88 37.52 8.76
C SER E 17 -34.00 36.46 8.07
N ASN E 18 -33.12 36.89 7.15
CA ASN E 18 -32.29 35.95 6.35
C ASN E 18 -30.87 36.53 6.27
N PRO E 19 -30.12 36.46 7.39
CA PRO E 19 -28.76 36.97 7.49
C PRO E 19 -27.73 36.21 6.64
N ASP E 20 -28.05 35.02 6.13
CA ASP E 20 -27.13 34.29 5.24
C ASP E 20 -27.92 33.56 4.19
N PRO E 21 -28.13 34.24 3.07
CA PRO E 21 -28.92 33.71 1.96
C PRO E 21 -28.34 32.59 1.16
N GLY E 22 -27.03 32.32 1.26
CA GLY E 22 -26.46 31.23 0.47
C GLY E 22 -25.40 31.83 -0.43
N VAL E 23 -25.09 31.14 -1.53
CA VAL E 23 -24.06 31.65 -2.46
C VAL E 23 -24.60 32.82 -3.33
N GLY E 24 -23.68 33.61 -3.89
CA GLY E 24 -24.09 34.75 -4.72
C GLY E 24 -24.44 35.97 -3.88
N GLY E 25 -25.46 36.69 -4.31
CA GLY E 25 -25.87 37.87 -3.58
C GLY E 25 -25.29 39.17 -4.12
N GLU E 26 -25.58 40.22 -3.37
CA GLU E 26 -25.18 41.55 -3.77
C GLU E 26 -24.39 42.35 -2.75
N TYR E 27 -23.53 43.21 -3.29
CA TYR E 27 -22.55 43.96 -2.55
C TYR E 27 -22.56 45.44 -2.84
N ALA E 28 -22.18 46.23 -1.80
CA ALA E 28 -22.08 47.73 -1.92
C ALA E 28 -20.98 47.98 -2.92
N THR E 29 -21.33 48.65 -3.97
CA THR E 29 -20.41 48.85 -5.08
C THR E 29 -20.38 50.33 -5.51
N VAL E 30 -19.18 50.88 -5.53
CA VAL E 30 -19.02 52.28 -5.91
C VAL E 30 -19.05 52.40 -7.45
N GLU E 31 -19.70 53.44 -7.98
CA GLU E 31 -19.79 53.62 -9.43
C GLU E 31 -19.42 55.06 -9.76
N GLY E 32 -18.43 55.62 -9.12
CA GLY E 32 -18.12 56.99 -9.43
C GLY E 32 -18.31 57.94 -8.26
N ALA E 33 -17.33 58.84 -8.13
CA ALA E 33 -17.35 59.90 -7.14
C ALA E 33 -18.66 60.69 -7.27
N ARG E 34 -19.39 60.86 -6.15
CA ARG E 34 -20.67 61.61 -6.12
C ARG E 34 -21.81 60.93 -6.83
N GLN E 35 -21.64 59.64 -7.11
CA GLN E 35 -22.72 58.90 -7.74
C GLN E 35 -23.39 57.95 -6.76
N PRO E 36 -24.68 57.68 -6.96
CA PRO E 36 -25.34 56.75 -6.04
C PRO E 36 -24.50 55.42 -5.89
N VAL E 37 -24.45 54.86 -4.68
CA VAL E 37 -23.74 53.57 -4.50
C VAL E 37 -24.70 52.43 -4.91
N LYS E 38 -24.19 51.38 -5.56
CA LYS E 38 -25.01 50.32 -6.01
C LYS E 38 -24.85 48.94 -5.28
N ALA E 39 -25.92 48.14 -5.40
CA ALA E 39 -25.94 46.77 -4.92
C ALA E 39 -25.70 45.92 -6.19
N GLU E 40 -24.53 45.27 -6.19
CA GLU E 40 -24.14 44.48 -7.33
C GLU E 40 -23.41 43.23 -6.94
N PRO E 41 -23.58 42.14 -7.74
CA PRO E 41 -22.94 40.85 -7.47
C PRO E 41 -21.40 40.90 -7.57
N SER E 42 -20.79 39.87 -6.99
CA SER E 42 -19.37 39.72 -6.98
C SER E 42 -18.93 39.10 -8.32
N THR E 43 -19.02 39.90 -9.37
CA THR E 43 -18.70 39.47 -10.73
C THR E 43 -17.61 40.46 -11.36
N PRO E 44 -16.98 40.07 -12.48
CA PRO E 44 -15.93 40.92 -13.12
C PRO E 44 -16.17 42.41 -13.35
N PRO E 45 -17.39 42.79 -13.77
CA PRO E 45 -17.68 44.22 -14.00
C PRO E 45 -17.73 44.98 -12.74
N PHE E 46 -17.69 44.31 -11.59
CA PHE E 46 -17.90 44.98 -10.34
C PHE E 46 -16.98 44.67 -9.19
N PHE E 47 -16.43 43.46 -9.23
CA PHE E 47 -15.56 43.00 -8.14
C PHE E 47 -14.52 43.95 -7.55
N GLU E 48 -13.85 44.79 -8.35
CA GLU E 48 -12.80 45.67 -7.78
C GLU E 48 -13.33 46.97 -7.11
N ARG E 49 -14.65 47.19 -7.20
CA ARG E 49 -15.25 48.39 -6.62
C ARG E 49 -16.03 48.08 -5.35
N GLN E 50 -15.72 46.98 -4.69
CA GLN E 50 -16.56 46.54 -3.58
C GLN E 50 -15.82 46.51 -2.24
N ILE E 51 -14.66 47.13 -2.21
CA ILE E 51 -13.89 47.17 -0.98
C ILE E 51 -14.06 48.52 -0.30
N TRP E 52 -14.30 48.51 1.01
CA TRP E 52 -14.54 49.68 1.81
C TRP E 52 -13.72 49.68 3.11
N GLN E 53 -13.24 50.87 3.51
CA GLN E 53 -12.50 51.03 4.74
C GLN E 53 -13.51 51.45 5.77
N VAL E 54 -13.57 50.76 6.89
CA VAL E 54 -14.56 51.11 7.89
C VAL E 54 -13.73 51.61 9.09
N THR E 55 -14.21 52.66 9.74
CA THR E 55 -13.46 53.32 10.78
C THR E 55 -14.38 53.89 11.82
N ARG E 56 -14.18 53.44 13.07
CA ARG E 56 -15.03 53.90 14.17
C ARG E 56 -14.45 55.18 14.87
N ASN E 57 -15.31 55.93 15.55
CA ASN E 57 -14.91 57.15 16.19
C ASN E 57 -15.33 57.24 17.64
N SER E 58 -14.99 58.34 18.30
CA SER E 58 -15.24 58.48 19.74
C SER E 58 -16.66 58.43 20.24
N ASP E 59 -17.58 58.76 19.34
CA ASP E 59 -19.00 58.69 19.65
C ASP E 59 -19.47 57.28 19.40
N GLY E 60 -18.59 56.47 18.82
CA GLY E 60 -19.00 55.11 18.52
C GLY E 60 -19.76 55.06 17.20
N GLN E 61 -19.36 55.92 16.29
CA GLN E 61 -20.00 55.98 14.99
C GLN E 61 -18.92 55.68 13.99
N SER E 62 -19.30 55.08 12.88
CA SER E 62 -18.33 54.76 11.88
C SER E 62 -18.56 55.39 10.51
N THR E 63 -17.49 55.43 9.73
CA THR E 63 -17.58 55.94 8.37
C THR E 63 -17.18 54.68 7.54
N ILE E 64 -17.62 54.72 6.29
CA ILE E 64 -17.47 53.65 5.34
C ILE E 64 -17.05 54.31 4.09
N LYS E 65 -15.75 54.17 3.81
CA LYS E 65 -15.10 54.82 2.68
C LYS E 65 -14.57 53.92 1.63
N TYR E 66 -14.44 54.50 0.46
CA TYR E 66 -13.86 53.79 -0.64
C TYR E 66 -12.47 54.38 -0.91
N GLN E 67 -11.56 53.50 -1.29
CA GLN E 67 -10.21 53.90 -1.70
C GLN E 67 -10.04 52.98 -2.90
N GLY E 68 -9.40 53.52 -3.94
CA GLY E 68 -9.14 52.77 -5.15
C GLY E 68 -8.03 53.50 -5.88
N LEU E 69 -6.79 53.04 -5.72
CA LEU E 69 -5.62 53.66 -6.33
C LEU E 69 -5.72 55.17 -6.53
N ASN E 70 -6.26 55.56 -7.69
CA ASN E 70 -6.37 56.97 -8.02
C ASN E 70 -7.76 57.64 -7.95
N ALA E 71 -8.49 57.36 -6.87
CA ALA E 71 -9.76 58.04 -6.65
C ALA E 71 -9.26 59.43 -6.27
N PRO E 72 -9.73 60.45 -6.97
CA PRO E 72 -9.37 61.86 -6.77
C PRO E 72 -10.02 62.60 -5.57
N PHE E 73 -10.36 61.91 -4.48
CA PHE E 73 -11.18 62.63 -3.53
C PHE E 73 -11.34 62.14 -2.04
N GLU E 74 -11.47 60.83 -1.81
CA GLU E 74 -11.71 60.26 -0.47
C GLU E 74 -13.23 60.33 -0.18
N TYR E 75 -13.97 59.44 -0.79
CA TYR E 75 -15.40 59.50 -0.60
C TYR E 75 -15.93 58.22 0.02
N GLY E 76 -17.16 58.30 0.53
CA GLY E 76 -17.74 57.13 1.17
C GLY E 76 -19.24 57.27 1.25
N PHE E 77 -19.89 56.39 2.02
CA PHE E 77 -21.34 56.44 2.24
C PHE E 77 -21.65 57.83 2.75
N SER E 78 -22.59 58.49 2.10
CA SER E 78 -22.96 59.85 2.46
C SER E 78 -24.50 60.15 2.30
N TYR E 79 -24.96 61.15 3.04
CA TYR E 79 -26.38 61.62 3.05
C TYR E 79 -26.31 63.12 3.27
N ASP E 80 -27.40 63.78 2.89
CA ASP E 80 -27.57 65.21 3.13
C ASP E 80 -28.96 65.26 3.62
N GLN E 81 -29.89 65.45 2.69
CA GLN E 81 -31.34 65.48 2.98
C GLN E 81 -31.80 64.03 2.94
N SME E 82 -32.14 63.45 4.07
CA SME E 82 -32.57 62.08 4.13
CB SME E 82 -32.22 61.57 5.47
CG SME E 82 -31.91 60.09 5.55
S SME E 82 -30.33 60.24 6.68
CE SME E 82 -31.01 61.30 8.06
C SME E 82 -34.09 61.98 3.98
O SME E 82 -34.83 62.67 4.70
N GLU E 83 -34.53 61.20 3.02
CA GLU E 83 -35.98 60.94 2.92
C GLU E 83 -36.14 59.52 2.37
N GLN E 84 -37.34 58.94 2.57
CA GLN E 84 -37.56 57.58 2.16
C GLN E 84 -37.09 57.33 0.68
N ASN E 85 -36.24 56.32 0.53
CA ASN E 85 -35.63 55.95 -0.78
C ASN E 85 -34.59 56.89 -1.35
N ALA E 86 -34.23 57.91 -0.60
CA ALA E 86 -33.13 58.74 -1.07
C ALA E 86 -31.88 57.85 -1.25
N PRO E 87 -31.15 58.10 -2.33
CA PRO E 87 -29.96 57.26 -2.53
C PRO E 87 -28.75 57.51 -1.59
N VAL E 88 -28.06 56.43 -1.27
CA VAL E 88 -26.82 56.58 -0.53
C VAL E 88 -25.84 57.08 -1.62
N SME E 89 -25.23 58.24 -1.46
CA SME E 89 -24.28 58.81 -2.48
CB SME E 89 -24.37 60.34 -2.52
CG SME E 89 -25.71 60.88 -2.86
S SME E 89 -26.40 60.21 -4.59
CE SME E 89 -25.40 61.37 -5.80
C SME E 89 -22.82 58.52 -2.02
O SME E 89 -22.61 58.42 -0.83
N ALA E 90 -21.87 58.45 -2.95
CA ALA E 90 -20.48 58.27 -2.61
C ALA E 90 -19.93 59.73 -2.48
N GLY E 91 -20.31 60.38 -1.38
CA GLY E 91 -19.96 61.77 -1.14
C GLY E 91 -18.96 61.90 0.01
N ASP E 92 -19.03 63.03 0.71
CA ASP E 92 -18.13 63.26 1.84
C ASP E 92 -18.61 62.25 2.89
N PRO E 93 -17.69 61.40 3.36
CA PRO E 93 -18.13 60.37 4.32
C PRO E 93 -18.91 60.82 5.51
N LYS E 94 -20.08 60.23 5.70
CA LYS E 94 -20.85 60.55 6.91
C LYS E 94 -20.68 59.43 8.01
N GLU E 95 -21.31 59.65 9.15
CA GLU E 95 -21.22 58.70 10.23
C GLU E 95 -22.45 57.86 10.33
N TYR E 96 -22.23 56.60 10.66
CA TYR E 96 -23.37 55.74 10.85
C TYR E 96 -23.25 54.95 12.15
N ILE E 97 -24.39 54.50 12.69
CA ILE E 97 -24.34 53.56 13.81
C ILE E 97 -24.47 52.08 13.25
N LEU E 98 -23.43 51.27 13.43
CA LEU E 98 -23.40 49.86 13.02
C LEU E 98 -23.86 49.03 14.19
N GLN E 99 -25.10 48.53 14.14
CA GLN E 99 -25.66 47.72 15.20
C GLN E 99 -25.70 46.23 14.82
N LEU E 100 -24.99 45.42 15.60
CA LEU E 100 -24.86 44.01 15.39
C LEU E 100 -26.19 43.33 15.40
N VAL E 101 -26.46 42.51 14.42
CA VAL E 101 -27.70 41.78 14.54
C VAL E 101 -27.50 40.49 15.30
N PRO E 102 -28.35 40.30 16.33
CA PRO E 102 -28.43 39.17 17.27
C PRO E 102 -28.38 37.84 16.54
N SER E 103 -27.61 36.90 17.07
CA SER E 103 -27.45 35.52 16.53
C SER E 103 -26.54 35.52 15.33
N THR E 104 -25.75 36.59 15.24
CA THR E 104 -24.87 36.80 14.12
C THR E 104 -23.53 37.33 14.70
N THR E 105 -22.45 37.03 14.02
CA THR E 105 -21.19 37.62 14.44
C THR E 105 -20.72 38.81 13.56
N ASP E 106 -21.24 38.91 12.34
CA ASP E 106 -20.73 39.89 11.38
C ASP E 106 -21.80 40.61 10.52
N VAL E 107 -23.04 40.55 10.97
CA VAL E 107 -24.13 41.18 10.29
C VAL E 107 -24.54 42.42 11.04
N TYR E 108 -24.55 43.53 10.29
CA TYR E 108 -24.90 44.79 10.88
C TYR E 108 -25.99 45.60 10.22
N ILE E 109 -26.83 46.21 11.06
CA ILE E 109 -27.73 47.16 10.56
C ILE E 109 -26.94 48.51 10.47
N ILE E 110 -26.93 49.16 9.32
CA ILE E 110 -26.31 50.45 9.13
C ILE E 110 -27.37 51.55 9.34
N ARG E 111 -27.32 52.21 10.49
CA ARG E 111 -28.25 53.27 10.78
C ARG E 111 -27.72 54.70 10.64
N ALA E 112 -28.61 55.63 10.25
CA ALA E 112 -28.28 57.07 10.22
C ALA E 112 -28.48 57.45 11.72
N PRO E 113 -27.54 58.25 12.28
CA PRO E 113 -27.59 58.68 13.71
C PRO E 113 -28.72 59.64 13.88
N ILE E 114 -29.92 59.15 13.95
CA ILE E 114 -31.01 60.11 13.88
C ILE E 114 -32.15 59.84 14.81
N GLN E 115 -31.88 59.12 15.90
CA GLN E 115 -32.97 58.72 16.79
C GLN E 115 -33.79 59.76 17.58
N ARG E 116 -33.21 60.94 17.88
CA ARG E 116 -33.94 62.01 18.53
C ARG E 116 -35.00 62.68 17.61
N VAL E 117 -34.99 62.33 16.31
CA VAL E 117 -36.03 62.75 15.37
C VAL E 117 -37.28 61.84 15.62
N GLY E 118 -37.09 60.65 16.19
CA GLY E 118 -38.21 59.75 16.40
C GLY E 118 -38.46 58.65 15.35
N VAL E 119 -37.58 58.50 14.36
CA VAL E 119 -37.75 57.45 13.36
C VAL E 119 -36.46 56.73 13.18
N ASP E 120 -36.54 55.53 12.63
CA ASP E 120 -35.39 54.73 12.30
C ASP E 120 -35.11 54.84 10.85
N VAL E 121 -33.89 55.24 10.56
CA VAL E 121 -33.45 55.36 9.18
C VAL E 121 -32.22 54.38 9.04
N GLU E 122 -32.30 53.43 8.10
CA GLU E 122 -31.24 52.42 7.88
C GLU E 122 -30.92 52.31 6.38
N VAL E 123 -29.69 51.91 6.06
CA VAL E 123 -29.32 51.78 4.69
C VAL E 123 -29.92 50.44 4.16
N GLY E 124 -30.72 50.54 3.12
CA GLY E 124 -31.25 49.38 2.48
C GLY E 124 -30.95 49.46 0.99
N VAL E 125 -31.78 48.76 0.23
CA VAL E 125 -31.63 48.63 -1.19
C VAL E 125 -33.01 48.68 -1.90
N GLN E 126 -33.08 49.46 -2.97
CA GLN E 126 -34.26 49.51 -3.78
C GLN E 126 -33.71 49.21 -5.24
N GLY E 127 -34.11 48.05 -5.81
CA GLY E 127 -33.63 47.69 -7.17
C GLY E 127 -32.16 47.32 -7.05
N ASN E 128 -31.25 48.08 -7.66
CA ASN E 128 -29.81 47.83 -7.53
C ASN E 128 -29.13 49.10 -6.89
N ASN E 129 -29.93 49.93 -6.20
CA ASN E 129 -29.44 51.09 -5.52
C ASN E 129 -29.52 51.01 -3.97
N LEU E 130 -28.42 51.31 -3.29
CA LEU E 130 -28.49 51.46 -1.84
C LEU E 130 -29.32 52.72 -1.59
N VAL E 131 -30.30 52.62 -0.71
CA VAL E 131 -31.09 53.78 -0.37
C VAL E 131 -31.36 53.80 1.15
N TYR E 132 -31.87 54.94 1.65
CA TYR E 132 -32.24 55.14 3.04
C TYR E 132 -33.67 54.64 3.24
N LYS E 133 -33.88 53.72 4.20
CA LYS E 133 -35.22 53.19 4.48
C LYS E 133 -35.71 53.67 5.87
N PHE E 134 -36.97 54.15 5.94
CA PHE E 134 -37.54 54.65 7.18
C PHE E 134 -38.41 53.54 7.83
N PHE E 135 -38.27 53.36 9.13
CA PHE E 135 -39.07 52.37 9.89
C PHE E 135 -39.58 53.01 11.22
N PRO E 136 -40.82 52.75 11.60
CA PRO E 136 -41.35 53.30 12.84
C PRO E 136 -40.62 52.61 13.97
N VAL E 137 -40.24 53.35 15.00
CA VAL E 137 -39.50 52.78 16.12
C VAL E 137 -40.47 52.17 17.11
N ASP E 138 -40.30 50.89 17.40
CA ASP E 138 -41.18 50.17 18.32
C ASP E 138 -40.42 49.43 19.44
N GLY E 139 -40.83 48.20 19.73
CA GLY E 139 -40.20 47.42 20.78
C GLY E 139 -39.90 45.99 20.37
N SER E 140 -39.78 45.81 19.06
CA SER E 140 -39.47 44.53 18.42
C SER E 140 -39.06 45.03 17.05
N GLY E 141 -37.89 44.60 16.58
CA GLY E 141 -37.48 44.97 15.24
C GLY E 141 -38.18 43.92 14.41
N GLY E 142 -37.89 43.82 13.12
CA GLY E 142 -38.59 42.82 12.33
C GLY E 142 -38.43 43.07 10.88
N ASP E 143 -37.56 42.29 10.27
CA ASP E 143 -37.15 42.49 8.94
C ASP E 143 -36.78 43.88 8.59
N ARG E 144 -35.48 43.99 8.68
CA ARG E 144 -34.79 45.18 8.44
C ARG E 144 -33.66 44.83 7.51
N PRO E 145 -33.19 45.79 6.74
CA PRO E 145 -32.09 45.52 5.84
C PRO E 145 -30.86 45.48 6.69
N ALA E 146 -29.93 44.63 6.35
CA ALA E 146 -28.70 44.51 7.07
C ALA E 146 -27.52 44.22 6.12
N TRP E 147 -26.31 44.22 6.67
CA TRP E 147 -25.07 44.10 5.90
C TRP E 147 -24.03 43.22 6.58
N ARG E 148 -23.60 42.20 5.86
CA ARG E 148 -22.55 41.33 6.38
C ARG E 148 -21.24 41.93 6.00
N PHE E 149 -20.53 42.34 7.03
CA PHE E 149 -19.18 42.88 6.83
C PHE E 149 -18.15 41.71 6.82
N THR E 150 -17.51 41.46 5.69
CA THR E 150 -16.47 40.42 5.68
C THR E 150 -15.14 41.08 5.45
N ARG E 151 -14.30 40.99 6.48
CA ARG E 151 -12.93 41.53 6.54
C ARG E 151 -12.04 41.04 5.40
N GLU E 152 -11.52 41.93 4.56
CA GLU E 152 -10.65 41.49 3.46
C GLU E 152 -9.20 41.14 3.95
N MET F 1 7.88 -6.48 6.39
CA MET F 1 7.62 -5.68 5.20
C MET F 1 6.21 -5.13 5.11
N ALA F 2 5.96 -3.94 5.66
CA ALA F 2 4.64 -3.35 5.47
C ALA F 2 4.60 -3.16 3.96
N SER F 3 3.46 -3.49 3.36
CA SER F 3 3.27 -3.45 1.90
C SER F 3 3.50 -2.14 1.13
N LEU F 4 4.40 -2.07 0.15
CA LEU F 4 4.39 -0.85 -0.64
C LEU F 4 3.63 -1.28 -1.87
N GLU F 5 2.95 -0.32 -2.42
CA GLU F 5 2.17 -0.50 -3.59
C GLU F 5 3.08 -0.32 -4.81
N ASP F 6 2.82 -1.08 -5.87
CA ASP F 6 3.50 -0.93 -7.13
C ASP F 6 3.39 0.53 -7.60
N GLY F 7 4.52 1.09 -8.07
CA GLY F 7 4.54 2.48 -8.52
C GLY F 7 5.99 3.01 -8.57
N THR F 8 6.05 4.30 -8.83
CA THR F 8 7.27 5.02 -8.91
C THR F 8 7.54 5.67 -7.55
N TYR F 9 8.81 5.64 -7.19
CA TYR F 9 9.30 6.19 -5.91
C TYR F 9 10.72 6.84 -6.07
N ARG F 10 11.17 7.58 -5.02
CA ARG F 10 12.51 8.14 -4.89
C ARG F 10 13.00 7.31 -3.70
N LEU F 11 14.29 6.92 -3.70
CA LEU F 11 14.82 6.11 -2.63
C LEU F 11 15.92 6.90 -1.95
N ARG F 12 15.69 7.25 -0.69
CA ARG F 12 16.68 8.04 0.01
C ARG F 12 17.49 7.21 0.95
N ALA F 13 18.83 7.36 0.89
CA ALA F 13 19.78 6.68 1.75
C ALA F 13 19.60 7.16 3.18
N VAL F 14 19.32 6.20 4.06
CA VAL F 14 19.08 6.48 5.43
C VAL F 14 19.70 5.35 6.27
N THR F 15 19.45 5.40 7.56
CA THR F 15 20.00 4.41 8.44
C THR F 15 18.94 3.89 9.47
N THR F 16 19.18 2.70 9.94
CA THR F 16 18.27 2.10 10.90
C THR F 16 18.24 2.93 12.19
N SER F 17 19.39 3.46 12.56
CA SER F 17 19.51 4.31 13.73
C SER F 17 18.99 5.70 13.53
N ASN F 18 19.01 6.15 12.27
CA ASN F 18 18.59 7.53 11.95
C ASN F 18 17.76 7.54 10.72
N PRO F 19 16.53 7.06 10.81
CA PRO F 19 15.68 7.03 9.63
C PRO F 19 15.25 8.35 9.03
N ASP F 20 15.38 9.46 9.74
CA ASP F 20 15.05 10.78 9.17
C ASP F 20 16.09 11.78 9.61
N PRO F 21 17.16 11.86 8.83
CA PRO F 21 18.30 12.76 9.09
C PRO F 21 17.96 14.21 8.95
N GLY F 22 16.81 14.51 8.37
CA GLY F 22 16.40 15.90 8.19
C GLY F 22 16.44 16.32 6.72
N VAL F 23 16.65 17.61 6.43
CA VAL F 23 16.70 18.02 5.03
C VAL F 23 17.96 17.53 4.22
N GLY F 24 17.89 17.64 2.91
CA GLY F 24 18.99 17.21 2.05
C GLY F 24 19.15 15.70 1.90
N GLY F 25 20.38 15.25 1.91
CA GLY F 25 20.62 13.85 1.78
C GLY F 25 20.82 13.31 0.39
N GLU F 26 20.84 12.01 0.31
CA GLU F 26 21.21 11.33 -0.92
C GLU F 26 20.24 10.27 -1.38
N TYR F 27 20.13 10.19 -2.70
CA TYR F 27 19.21 9.33 -3.42
C TYR F 27 19.79 8.39 -4.49
N ALA F 28 19.14 7.21 -4.66
CA ALA F 28 19.62 6.20 -5.62
C ALA F 28 19.38 6.91 -6.97
N THR F 29 20.43 6.96 -7.73
CA THR F 29 20.41 7.70 -8.97
C THR F 29 21.05 6.76 -10.03
N VAL F 30 20.33 6.56 -11.12
CA VAL F 30 20.84 5.76 -12.20
C VAL F 30 21.85 6.63 -13.03
N GLU F 31 22.91 5.96 -13.46
CA GLU F 31 23.90 6.58 -14.28
C GLU F 31 23.82 6.08 -15.74
N GLY F 32 23.85 4.77 -15.94
CA GLY F 32 23.73 4.22 -17.27
C GLY F 32 23.51 2.72 -17.16
N ALA F 33 23.11 2.11 -18.27
CA ALA F 33 22.87 0.69 -18.37
C ALA F 33 24.06 -0.12 -17.98
N ARG F 34 23.85 -1.02 -17.02
CA ARG F 34 24.92 -1.91 -16.57
C ARG F 34 26.08 -1.13 -15.95
N GLN F 35 25.77 0.03 -15.39
CA GLN F 35 26.74 0.76 -14.63
C GLN F 35 26.24 0.78 -13.21
N PRO F 36 27.15 1.09 -12.29
CA PRO F 36 26.90 1.17 -10.86
C PRO F 36 25.79 2.21 -10.58
N VAL F 37 24.87 1.89 -9.69
CA VAL F 37 23.83 2.87 -9.32
C VAL F 37 24.50 3.81 -8.31
N LYS F 38 24.22 5.08 -8.45
CA LYS F 38 24.84 5.99 -7.52
C LYS F 38 23.92 6.56 -6.39
N ALA F 39 24.58 7.21 -5.41
CA ALA F 39 23.88 7.95 -4.35
C ALA F 39 24.26 9.42 -4.63
N GLU F 40 23.24 10.22 -4.97
CA GLU F 40 23.46 11.60 -5.33
C GLU F 40 22.35 12.47 -4.70
N PRO F 41 22.68 13.71 -4.34
CA PRO F 41 21.61 14.55 -3.76
C PRO F 41 20.52 14.97 -4.78
N SER F 42 19.40 15.46 -4.22
CA SER F 42 18.30 15.99 -5.02
C SER F 42 18.62 17.42 -5.50
N THR F 43 19.47 17.46 -6.53
CA THR F 43 19.98 18.71 -7.17
C THR F 43 19.87 18.63 -8.76
N PRO F 44 20.03 19.78 -9.45
CA PRO F 44 19.86 19.78 -10.91
C PRO F 44 20.56 18.75 -11.73
N PRO F 45 21.88 18.52 -11.50
CA PRO F 45 22.51 17.50 -12.33
C PRO F 45 21.96 16.07 -12.09
N PHE F 46 21.18 15.83 -11.05
CA PHE F 46 20.79 14.44 -10.75
C PHE F 46 19.33 14.16 -10.67
N PHE F 47 18.60 15.25 -10.51
CA PHE F 47 17.19 15.18 -10.28
C PHE F 47 16.37 14.33 -11.25
N GLU F 48 16.68 14.38 -12.55
CA GLU F 48 15.92 13.61 -13.59
C GLU F 48 16.23 12.08 -13.62
N ARG F 49 17.09 11.59 -12.73
CA ARG F 49 17.49 10.18 -12.76
C ARG F 49 17.24 9.44 -11.45
N GLN F 50 16.29 9.95 -10.67
CA GLN F 50 16.05 9.41 -9.34
C GLN F 50 14.65 8.82 -9.07
N ILE F 51 13.92 8.51 -10.12
CA ILE F 51 12.60 7.89 -9.97
C ILE F 51 12.77 6.42 -10.39
N TRP F 52 12.32 5.53 -9.53
CA TRP F 52 12.40 4.10 -9.72
C TRP F 52 11.01 3.45 -9.65
N GLN F 53 10.84 2.40 -10.46
CA GLN F 53 9.58 1.62 -10.51
C GLN F 53 9.78 0.46 -9.54
N VAL F 54 8.93 0.38 -8.50
CA VAL F 54 9.04 -0.68 -7.51
C VAL F 54 7.89 -1.63 -7.75
N THR F 55 8.18 -2.92 -7.96
CA THR F 55 7.15 -3.89 -8.24
C THR F 55 7.22 -5.10 -7.28
N ARG F 56 6.13 -5.41 -6.60
CA ARG F 56 6.15 -6.61 -5.73
C ARG F 56 5.77 -7.90 -6.46
N ASN F 57 6.60 -8.91 -6.45
CA ASN F 57 6.28 -10.15 -7.14
C ASN F 57 5.50 -11.09 -6.21
N SER F 58 5.01 -12.22 -6.71
CA SER F 58 4.35 -13.22 -5.83
C SER F 58 5.57 -14.07 -5.35
N ASP F 59 5.71 -14.11 -4.05
CA ASP F 59 6.79 -14.73 -3.27
C ASP F 59 7.22 -13.55 -2.39
N GLY F 60 6.54 -12.42 -2.58
CA GLY F 60 6.74 -11.22 -1.79
C GLY F 60 8.03 -10.46 -1.92
N GLN F 61 8.83 -10.79 -2.93
CA GLN F 61 10.06 -10.08 -3.16
C GLN F 61 9.73 -9.02 -4.19
N SER F 62 10.57 -8.01 -4.23
CA SER F 62 10.40 -6.88 -5.12
C SER F 62 11.58 -6.60 -6.06
N THR F 63 11.31 -5.91 -7.14
CA THR F 63 12.37 -5.47 -8.05
C THR F 63 12.24 -3.92 -7.96
N ILE F 64 13.34 -3.27 -8.30
CA ILE F 64 13.39 -1.81 -8.29
C ILE F 64 14.02 -1.46 -9.62
N LYS F 65 13.24 -0.91 -10.51
CA LYS F 65 13.78 -0.65 -11.81
C LYS F 65 13.70 0.76 -12.29
N TYR F 66 14.63 1.04 -13.18
CA TYR F 66 14.71 2.35 -13.80
C TYR F 66 14.10 2.27 -15.19
N GLN F 67 13.07 3.06 -15.45
CA GLN F 67 12.40 2.99 -16.75
C GLN F 67 12.66 4.04 -17.87
N GLY F 68 13.48 5.06 -17.63
CA GLY F 68 13.75 6.02 -18.69
C GLY F 68 15.00 5.87 -19.56
N LEU F 69 15.68 4.73 -19.48
CA LEU F 69 16.92 4.56 -20.27
C LEU F 69 16.83 4.48 -21.78
N ASN F 70 15.67 4.04 -22.28
CA ASN F 70 15.42 3.98 -23.72
C ASN F 70 16.30 2.92 -24.41
N ALA F 71 16.35 1.74 -23.80
CA ALA F 71 17.12 0.62 -24.30
C ALA F 71 16.13 -0.52 -24.45
N PRO F 72 16.45 -1.49 -25.31
CA PRO F 72 15.52 -2.62 -25.50
C PRO F 72 15.37 -3.57 -24.33
N PHE F 73 16.02 -3.27 -23.21
CA PHE F 73 15.88 -4.15 -22.05
C PHE F 73 15.55 -3.29 -20.84
N GLU F 74 15.33 -3.95 -19.73
CA GLU F 74 15.02 -3.30 -18.49
C GLU F 74 16.30 -3.30 -17.65
N TYR F 75 16.44 -2.32 -16.76
CA TYR F 75 17.63 -2.26 -15.91
C TYR F 75 17.10 -1.79 -14.55
N GLY F 76 17.64 -2.38 -13.50
CA GLY F 76 17.20 -2.09 -12.16
C GLY F 76 18.27 -2.60 -11.27
N PHE F 77 18.00 -2.55 -9.95
CA PHE F 77 19.01 -3.00 -9.02
C PHE F 77 19.32 -4.48 -9.41
N SER F 78 20.61 -4.79 -9.43
CA SER F 78 21.02 -6.11 -9.72
C SER F 78 22.30 -6.48 -8.95
N TYR F 79 22.53 -7.78 -8.85
CA TYR F 79 23.72 -8.37 -8.22
C TYR F 79 24.14 -9.50 -9.14
N ASP F 80 25.39 -9.90 -9.02
CA ASP F 80 25.90 -10.99 -9.84
C ASP F 80 26.78 -11.82 -8.89
N GLN F 81 27.99 -11.33 -8.63
CA GLN F 81 28.94 -11.93 -7.72
C GLN F 81 29.08 -10.97 -6.53
N SME F 82 28.51 -11.36 -5.40
CA SME F 82 28.47 -10.48 -4.26
CB SME F 82 27.11 -10.55 -3.56
CG SME F 82 25.94 -10.01 -4.39
S SME F 82 24.23 -10.23 -3.38
CE SME F 82 24.19 -12.08 -3.54
C SME F 82 29.58 -10.57 -3.23
O SME F 82 29.87 -11.64 -2.67
N GLU F 83 30.12 -9.40 -2.93
CA GLU F 83 31.17 -9.28 -1.92
C GLU F 83 31.11 -7.90 -1.29
N GLN F 84 31.65 -7.79 -0.08
CA GLN F 84 31.69 -6.48 0.59
C GLN F 84 32.12 -5.33 -0.32
N ASN F 85 31.21 -4.35 -0.37
CA ASN F 85 31.34 -3.15 -1.18
C ASN F 85 31.29 -3.32 -2.69
N ALA F 86 30.95 -4.52 -3.10
CA ALA F 86 30.69 -4.70 -4.53
C ALA F 86 29.51 -3.76 -4.91
N PRO F 87 29.57 -3.05 -6.06
CA PRO F 87 28.48 -2.14 -6.47
C PRO F 87 27.13 -2.78 -6.88
N VAL F 88 26.02 -2.03 -6.65
CA VAL F 88 24.70 -2.45 -7.07
C VAL F 88 24.72 -2.00 -8.51
N SME F 89 24.63 -2.94 -9.42
CA SME F 89 24.64 -2.58 -10.87
CB SME F 89 25.22 -3.74 -11.67
CG SME F 89 26.60 -3.99 -11.26
S SME F 89 27.74 -2.57 -12.04
CE SME F 89 27.53 -3.19 -13.83
C SME F 89 23.23 -2.35 -11.37
O SME F 89 22.33 -2.96 -10.86
N ALA F 90 23.07 -1.53 -12.42
CA ALA F 90 21.75 -1.31 -13.05
C ALA F 90 21.68 -2.39 -14.19
N GLY F 91 21.66 -3.64 -13.78
CA GLY F 91 21.60 -4.79 -14.69
C GLY F 91 20.17 -5.29 -14.87
N ASP F 92 19.98 -6.60 -15.08
CA ASP F 92 18.68 -7.22 -15.29
C ASP F 92 18.11 -7.25 -13.88
N PRO F 93 16.94 -6.61 -13.65
CA PRO F 93 16.33 -6.55 -12.31
C PRO F 93 16.23 -7.83 -11.55
N LYS F 94 16.80 -7.79 -10.36
CA LYS F 94 16.84 -8.88 -9.47
C LYS F 94 15.85 -8.56 -8.34
N GLU F 95 15.45 -9.63 -7.70
CA GLU F 95 14.54 -9.58 -6.59
C GLU F 95 15.21 -9.20 -5.27
N TYR F 96 14.51 -8.41 -4.50
CA TYR F 96 15.04 -8.09 -3.20
C TYR F 96 13.96 -8.29 -2.11
N ILE F 97 14.35 -8.54 -0.88
CA ILE F 97 13.36 -8.55 0.14
C ILE F 97 13.38 -7.11 0.77
N LEU F 98 12.22 -6.43 0.76
CA LEU F 98 12.05 -5.10 1.36
C LEU F 98 11.44 -5.25 2.76
N GLN F 99 12.25 -5.04 3.78
CA GLN F 99 11.84 -5.19 5.18
C GLN F 99 11.65 -3.83 5.88
N LEU F 100 10.40 -3.48 6.22
CA LEU F 100 10.07 -2.20 6.89
C LEU F 100 10.78 -2.00 8.21
N VAL F 101 11.43 -0.86 8.44
CA VAL F 101 12.08 -0.73 9.73
C VAL F 101 11.02 -0.25 10.75
N PRO F 102 10.80 -1.00 11.84
CA PRO F 102 9.77 -0.56 12.81
C PRO F 102 9.86 0.86 13.31
N SER F 103 8.69 1.41 13.59
CA SER F 103 8.56 2.79 14.09
C SER F 103 8.78 3.81 12.98
N THR F 104 8.64 3.30 11.76
CA THR F 104 8.79 4.02 10.52
C THR F 104 7.61 3.55 9.71
N THR F 105 7.15 4.34 8.79
CA THR F 105 6.11 3.81 7.91
C THR F 105 6.64 3.58 6.50
N ASP F 106 7.77 4.21 6.12
CA ASP F 106 8.24 4.13 4.72
C ASP F 106 9.75 3.86 4.55
N VAL F 107 10.36 3.36 5.59
CA VAL F 107 11.76 3.08 5.51
C VAL F 107 11.95 1.58 5.48
N TYR F 108 12.67 1.10 4.44
CA TYR F 108 12.94 -0.31 4.31
C TYR F 108 14.40 -0.65 4.26
N ILE F 109 14.74 -1.84 4.75
CA ILE F 109 16.07 -2.33 4.58
C ILE F 109 15.95 -3.10 3.23
N ILE F 110 16.88 -2.88 2.31
CA ILE F 110 16.81 -3.58 1.02
C ILE F 110 17.77 -4.74 1.02
N ARG F 111 17.26 -5.94 1.29
CA ARG F 111 18.13 -7.09 1.33
C ARG F 111 18.15 -8.06 0.18
N ALA F 112 19.35 -8.60 -0.12
CA ALA F 112 19.41 -9.62 -1.17
C ALA F 112 18.88 -10.83 -0.39
N PRO F 113 18.06 -11.66 -1.06
CA PRO F 113 17.46 -12.89 -0.48
C PRO F 113 18.49 -14.01 -0.40
N ILE F 114 19.37 -13.93 0.58
CA ILE F 114 20.49 -14.86 0.64
C ILE F 114 20.70 -15.36 2.06
N GLN F 115 19.63 -15.41 2.84
CA GLN F 115 19.76 -15.91 4.19
C GLN F 115 20.28 -17.38 4.31
N ARG F 116 19.87 -18.26 3.39
CA ARG F 116 20.34 -19.64 3.41
C ARG F 116 21.88 -19.81 3.36
N VAL F 117 22.56 -18.74 2.94
CA VAL F 117 24.02 -18.65 2.84
C VAL F 117 24.66 -18.50 4.21
N GLY F 118 23.88 -17.96 5.14
CA GLY F 118 24.33 -17.79 6.48
C GLY F 118 24.80 -16.39 6.82
N VAL F 119 24.62 -15.43 5.91
CA VAL F 119 24.96 -14.03 6.23
C VAL F 119 23.87 -13.18 5.61
N ASP F 120 23.79 -11.95 6.10
CA ASP F 120 22.82 -11.03 5.61
C ASP F 120 23.52 -10.02 4.71
N VAL F 121 22.94 -9.78 3.55
CA VAL F 121 23.53 -8.82 2.63
C VAL F 121 22.49 -7.78 2.28
N GLU F 122 22.83 -6.51 2.56
CA GLU F 122 21.94 -5.36 2.36
C GLU F 122 22.51 -4.27 1.43
N VAL F 123 21.63 -3.45 0.85
CA VAL F 123 22.07 -2.39 -0.01
C VAL F 123 22.43 -1.17 0.83
N GLY F 124 23.70 -0.83 0.81
CA GLY F 124 24.16 0.38 1.51
C GLY F 124 24.86 1.35 0.52
N VAL F 125 25.69 2.20 1.07
CA VAL F 125 26.36 3.15 0.21
C VAL F 125 27.86 3.24 0.61
N GLN F 126 28.68 3.54 -0.36
CA GLN F 126 30.07 3.75 -0.14
C GLN F 126 30.43 4.93 -1.04
N GLY F 127 30.74 6.09 -0.44
CA GLY F 127 31.06 7.28 -1.22
C GLY F 127 29.74 7.74 -1.83
N ASN F 128 29.69 7.79 -3.15
CA ASN F 128 28.45 8.13 -3.85
C ASN F 128 28.00 6.90 -4.66
N ASN F 129 28.32 5.71 -4.17
CA ASN F 129 27.92 4.49 -4.85
C ASN F 129 27.09 3.57 -3.93
N LEU F 130 26.03 2.98 -4.50
CA LEU F 130 25.26 1.97 -3.83
C LEU F 130 26.12 0.67 -3.84
N VAL F 131 26.30 0.04 -2.67
CA VAL F 131 27.09 -1.14 -2.63
C VAL F 131 26.43 -2.16 -1.70
N TYR F 132 26.89 -3.40 -1.76
CA TYR F 132 26.44 -4.52 -0.94
C TYR F 132 27.22 -4.52 0.36
N LYS F 133 26.50 -4.49 1.47
CA LYS F 133 27.10 -4.56 2.77
C LYS F 133 26.67 -5.83 3.49
N PHE F 134 27.66 -6.51 4.05
CA PHE F 134 27.48 -7.75 4.76
C PHE F 134 27.35 -7.55 6.29
N PHE F 135 26.49 -8.31 6.91
CA PHE F 135 26.24 -8.27 8.34
C PHE F 135 25.93 -9.64 8.91
N PRO F 136 26.29 -9.85 10.16
CA PRO F 136 26.09 -11.08 10.92
C PRO F 136 24.63 -11.33 11.14
N VAL F 137 24.14 -12.51 10.72
CA VAL F 137 22.76 -12.93 11.03
C VAL F 137 22.85 -13.36 12.54
N ASP F 138 21.95 -12.87 13.39
CA ASP F 138 22.01 -13.25 14.81
C ASP F 138 20.72 -13.74 15.49
N GLY F 139 19.72 -12.89 15.72
CA GLY F 139 19.77 -11.49 15.34
C GLY F 139 19.32 -10.54 16.44
N SER F 140 19.45 -9.24 16.15
CA SER F 140 19.06 -8.18 17.07
C SER F 140 18.72 -6.93 16.27
N GLY F 141 19.65 -6.55 15.39
CA GLY F 141 19.49 -5.34 14.60
C GLY F 141 20.50 -4.39 15.21
N GLY F 142 21.40 -3.83 14.40
CA GLY F 142 22.43 -2.96 14.98
C GLY F 142 22.98 -1.94 14.04
N ASP F 143 22.16 -0.98 13.72
CA ASP F 143 22.50 0.02 12.71
C ASP F 143 22.89 -0.61 11.40
N ARG F 144 21.93 -0.50 10.53
CA ARG F 144 21.98 -1.02 9.22
C ARG F 144 21.59 0.07 8.26
N PRO F 145 22.00 -0.05 7.00
CA PRO F 145 21.66 0.92 5.97
C PRO F 145 20.23 0.66 5.58
N ALA F 146 19.48 1.71 5.39
CA ALA F 146 18.10 1.54 4.94
C ALA F 146 17.70 2.63 3.98
N TRP F 147 16.50 2.50 3.47
CA TRP F 147 16.02 3.39 2.46
C TRP F 147 14.62 3.91 2.63
N ARG F 148 14.47 5.22 2.49
CA ARG F 148 13.17 5.81 2.59
C ARG F 148 12.55 5.85 1.18
N PHE F 149 11.45 5.14 1.01
CA PHE F 149 10.75 5.09 -0.26
C PHE F 149 9.64 6.10 -0.28
N THR F 150 9.76 7.13 -1.10
CA THR F 150 8.65 8.10 -1.19
C THR F 150 7.97 8.04 -2.58
N ARG F 151 6.66 7.88 -2.56
CA ARG F 151 5.84 7.73 -3.75
C ARG F 151 5.97 8.95 -4.62
N GLU F 152 6.07 8.76 -5.92
CA GLU F 152 6.18 9.91 -6.80
C GLU F 152 4.83 10.59 -7.03
N MET G 1 -12.72 -40.76 13.01
CA MET G 1 -11.31 -41.07 13.11
C MET G 1 -10.41 -39.94 12.61
N ALA G 2 -9.19 -40.28 12.24
CA ALA G 2 -8.18 -39.31 11.78
C ALA G 2 -7.96 -38.31 12.89
N SER G 3 -7.39 -37.16 12.56
CA SER G 3 -7.15 -36.17 13.59
C SER G 3 -6.95 -34.75 13.17
N LEU G 4 -7.69 -33.86 13.82
CA LEU G 4 -7.51 -32.45 13.58
C LEU G 4 -6.58 -31.91 14.65
N GLU G 5 -5.76 -30.97 14.22
CA GLU G 5 -4.86 -30.27 15.12
C GLU G 5 -5.69 -29.11 15.74
N ASP G 6 -5.58 -28.93 17.06
CA ASP G 6 -6.25 -27.82 17.72
C ASP G 6 -5.91 -26.61 16.83
N GLY G 7 -6.79 -25.63 16.70
CA GLY G 7 -6.49 -24.51 15.83
C GLY G 7 -7.81 -23.96 15.32
N THR G 8 -7.81 -22.97 14.43
CA THR G 8 -9.08 -22.40 13.97
C THR G 8 -9.37 -22.87 12.55
N TYR G 9 -10.68 -22.99 12.27
CA TYR G 9 -11.26 -23.52 11.05
C TYR G 9 -12.53 -22.87 10.59
N ARG G 10 -12.88 -23.20 9.35
CA ARG G 10 -14.10 -22.79 8.70
C ARG G 10 -14.67 -24.16 8.43
N LEU G 11 -15.98 -24.26 8.53
CA LEU G 11 -16.68 -25.51 8.44
C LEU G 11 -17.68 -25.46 7.34
N ARG G 12 -17.46 -26.32 6.37
CA ARG G 12 -18.31 -26.28 5.20
C ARG G 12 -19.27 -27.47 5.19
N ALA G 13 -20.56 -27.17 4.99
CA ALA G 13 -21.62 -28.19 4.98
C ALA G 13 -21.43 -28.98 3.73
N VAL G 14 -21.27 -30.27 3.96
CA VAL G 14 -20.99 -31.14 2.88
C VAL G 14 -21.82 -32.37 3.18
N THR G 15 -21.55 -33.45 2.50
CA THR G 15 -22.30 -34.66 2.63
C THR G 15 -21.34 -35.80 2.32
N THR G 16 -21.77 -36.97 2.73
CA THR G 16 -21.03 -38.21 2.56
C THR G 16 -21.04 -38.65 1.07
N SER G 17 -22.15 -38.48 0.40
CA SER G 17 -22.22 -38.75 -1.03
C SER G 17 -21.52 -37.65 -1.85
N ASN G 18 -21.25 -36.48 -1.26
CA ASN G 18 -20.67 -35.39 -2.06
C ASN G 18 -19.82 -34.49 -1.22
N PRO G 19 -18.69 -35.04 -0.78
CA PRO G 19 -17.66 -34.46 0.04
C PRO G 19 -16.97 -33.22 -0.58
N ASP G 20 -17.10 -33.01 -1.90
CA ASP G 20 -16.57 -31.79 -2.56
C ASP G 20 -17.47 -31.37 -3.69
N PRO G 21 -18.47 -30.58 -3.33
CA PRO G 21 -19.46 -30.07 -4.29
C PRO G 21 -18.89 -29.10 -5.27
N GLY G 22 -17.70 -28.58 -5.01
CA GLY G 22 -17.10 -27.60 -5.93
C GLY G 22 -16.99 -26.22 -5.28
N VAL G 23 -16.99 -25.12 -6.07
CA VAL G 23 -16.89 -23.80 -5.48
C VAL G 23 -18.19 -23.32 -4.80
N GLY G 24 -18.07 -22.31 -3.92
CA GLY G 24 -19.24 -21.79 -3.20
C GLY G 24 -19.66 -22.69 -2.02
N GLY G 25 -20.94 -22.89 -1.81
CA GLY G 25 -21.35 -23.72 -0.69
C GLY G 25 -21.64 -22.89 0.56
N GLU G 26 -21.95 -23.60 1.65
CA GLU G 26 -22.31 -23.00 2.90
C GLU G 26 -21.52 -23.40 4.13
N TYR G 27 -21.46 -22.48 5.09
CA TYR G 27 -20.57 -22.67 6.18
C TYR G 27 -21.25 -22.36 7.52
N ALA G 28 -20.72 -23.00 8.57
CA ALA G 28 -21.21 -22.80 9.96
C ALA G 28 -20.95 -21.35 10.35
N THR G 29 -22.03 -20.66 10.64
CA THR G 29 -22.03 -19.25 10.90
C THR G 29 -22.81 -18.91 12.17
N VAL G 30 -22.12 -18.20 13.05
CA VAL G 30 -22.65 -17.75 14.29
C VAL G 30 -23.57 -16.50 14.03
N GLU G 31 -24.71 -16.52 14.67
CA GLU G 31 -25.70 -15.45 14.61
C GLU G 31 -26.00 -14.90 16.03
N GLY G 32 -25.01 -14.89 16.88
CA GLY G 32 -25.23 -14.37 18.21
C GLY G 32 -25.38 -15.39 19.31
N ALA G 33 -24.89 -15.01 20.49
CA ALA G 33 -24.99 -15.86 21.67
C ALA G 33 -26.40 -16.34 21.94
N ARG G 34 -26.51 -17.63 22.14
CA ARG G 34 -27.74 -18.33 22.42
C ARG G 34 -28.76 -18.33 21.29
N GLN G 35 -28.30 -18.04 20.09
CA GLN G 35 -29.20 -18.12 18.95
C GLN G 35 -28.77 -19.36 18.11
N PRO G 36 -29.66 -19.88 17.23
CA PRO G 36 -29.36 -21.02 16.36
C PRO G 36 -28.14 -20.65 15.47
N VAL G 37 -27.26 -21.60 15.22
CA VAL G 37 -26.06 -21.44 14.35
C VAL G 37 -26.63 -21.72 12.92
N LYS G 38 -26.22 -20.89 11.96
CA LYS G 38 -26.66 -20.97 10.58
C LYS G 38 -25.62 -21.53 9.56
N ALA G 39 -26.17 -21.89 8.42
CA ALA G 39 -25.36 -22.43 7.30
C ALA G 39 -25.51 -21.23 6.35
N GLU G 40 -24.38 -20.58 6.07
CA GLU G 40 -24.38 -19.39 5.21
C GLU G 40 -23.20 -19.33 4.31
N PRO G 41 -23.37 -18.71 3.10
CA PRO G 41 -22.27 -18.60 2.16
C PRO G 41 -21.09 -17.76 2.67
N SER G 42 -19.92 -18.03 2.12
CA SER G 42 -18.66 -17.30 2.43
C SER G 42 -18.59 -15.97 1.69
N THR G 43 -19.47 -15.08 2.12
CA THR G 43 -19.62 -13.76 1.53
C THR G 43 -19.51 -12.65 2.62
N PRO G 44 -19.40 -11.39 2.21
CA PRO G 44 -19.24 -10.28 3.15
C PRO G 44 -20.12 -10.19 4.44
N PRO G 45 -21.45 -10.27 4.33
CA PRO G 45 -22.34 -10.17 5.52
C PRO G 45 -22.09 -11.32 6.48
N PHE G 46 -21.36 -12.34 6.09
CA PHE G 46 -21.22 -13.50 6.97
C PHE G 46 -19.82 -13.93 7.26
N PHE G 47 -18.89 -13.53 6.41
CA PHE G 47 -17.50 -14.02 6.52
C PHE G 47 -16.85 -13.96 7.92
N GLU G 48 -17.04 -12.87 8.65
CA GLU G 48 -16.45 -12.68 10.00
C GLU G 48 -16.90 -13.67 11.10
N ARG G 49 -18.01 -14.35 10.84
CA ARG G 49 -18.60 -15.20 11.81
C ARG G 49 -18.43 -16.71 11.54
N GLN G 50 -17.42 -17.06 10.74
CA GLN G 50 -17.26 -18.44 10.32
C GLN G 50 -15.98 -19.10 10.69
N ILE G 51 -15.33 -18.53 11.70
CA ILE G 51 -14.08 -19.08 12.21
C ILE G 51 -14.37 -19.68 13.57
N TRP G 52 -13.99 -20.94 13.71
CA TRP G 52 -14.19 -21.67 14.91
C TRP G 52 -12.83 -22.24 15.48
N GLN G 53 -12.67 -22.19 16.80
CA GLN G 53 -11.53 -22.78 17.46
C GLN G 53 -12.01 -24.19 17.75
N VAL G 54 -11.17 -25.17 17.43
CA VAL G 54 -11.59 -26.54 17.59
C VAL G 54 -11.12 -27.24 18.85
N THR G 55 -9.88 -27.51 19.13
CA THR G 55 -9.71 -28.12 20.49
C THR G 55 -10.20 -29.52 20.90
N ARG G 56 -9.20 -30.39 21.11
CA ARG G 56 -9.45 -31.77 21.48
C ARG G 56 -9.21 -31.93 22.97
N ASN G 57 -10.11 -32.61 23.66
CA ASN G 57 -9.94 -32.73 25.08
C ASN G 57 -9.35 -34.08 25.28
N SER G 58 -8.81 -34.31 26.49
CA SER G 58 -8.19 -35.58 26.81
C SER G 58 -9.05 -36.81 26.51
N ASP G 59 -10.35 -36.60 26.28
CA ASP G 59 -11.24 -37.69 25.84
C ASP G 59 -10.84 -37.69 24.39
N GLY G 60 -11.52 -38.45 23.58
CA GLY G 60 -11.19 -38.27 22.19
C GLY G 60 -12.13 -37.19 21.66
N GLN G 61 -12.88 -36.50 22.51
CA GLN G 61 -13.86 -35.49 22.06
C GLN G 61 -13.41 -34.06 21.90
N SER G 62 -14.12 -33.33 21.03
CA SER G 62 -13.77 -31.94 20.76
C SER G 62 -14.89 -30.90 20.94
N THR G 63 -14.52 -29.68 21.36
CA THR G 63 -15.50 -28.59 21.43
C THR G 63 -15.22 -27.77 20.11
N ILE G 64 -16.17 -26.94 19.70
CA ILE G 64 -16.06 -26.13 18.49
C ILE G 64 -16.63 -24.82 18.98
N LYS G 65 -15.73 -23.86 19.21
CA LYS G 65 -16.09 -22.57 19.75
C LYS G 65 -15.87 -21.41 18.85
N TYR G 66 -16.67 -20.38 19.06
CA TYR G 66 -16.56 -19.13 18.27
C TYR G 66 -15.60 -18.17 19.01
N GLN G 67 -14.83 -17.33 18.32
CA GLN G 67 -13.99 -16.40 19.09
C GLN G 67 -14.10 -14.92 18.71
N GLY G 68 -14.81 -14.65 17.60
CA GLY G 68 -15.02 -13.30 17.11
C GLY G 68 -14.67 -12.07 17.93
N LEU G 69 -13.47 -11.55 17.67
CA LEU G 69 -12.93 -10.36 18.33
C LEU G 69 -13.21 -10.19 19.84
N ASN G 70 -14.36 -9.64 20.18
CA ASN G 70 -14.70 -9.38 21.58
C ASN G 70 -15.40 -10.54 22.31
N ALA G 71 -16.64 -10.81 21.92
CA ALA G 71 -17.50 -11.87 22.50
C ALA G 71 -17.75 -11.84 24.01
N PRO G 72 -19.04 -11.80 24.38
CA PRO G 72 -19.51 -11.75 25.76
C PRO G 72 -19.11 -12.92 26.65
N PHE G 73 -19.03 -14.13 26.11
CA PHE G 73 -18.67 -15.25 26.97
C PHE G 73 -18.04 -16.46 26.34
N GLU G 74 -17.68 -16.43 25.05
CA GLU G 74 -17.07 -17.66 24.47
C GLU G 74 -18.12 -18.81 24.50
N TYR G 75 -18.82 -18.89 23.39
CA TYR G 75 -19.84 -19.86 23.22
C TYR G 75 -19.48 -20.65 21.97
N GLY G 76 -20.20 -21.74 21.76
CA GLY G 76 -19.92 -22.59 20.62
C GLY G 76 -21.04 -23.55 20.35
N PHE G 77 -20.72 -24.61 19.62
CA PHE G 77 -21.72 -25.59 19.26
C PHE G 77 -22.20 -26.15 20.54
N SER G 78 -23.52 -26.19 20.65
CA SER G 78 -24.13 -26.65 21.80
C SER G 78 -25.55 -27.14 21.54
N TYR G 79 -26.09 -27.69 22.58
CA TYR G 79 -27.46 -28.13 22.56
C TYR G 79 -27.87 -28.16 24.00
N ASP G 80 -29.07 -27.66 24.28
CA ASP G 80 -29.62 -27.94 25.61
C ASP G 80 -30.46 -29.21 25.30
N GLN G 81 -31.70 -29.04 24.79
CA GLN G 81 -32.51 -30.25 24.50
C GLN G 81 -32.31 -31.04 23.20
N SME G 82 -32.07 -32.34 23.36
CA SME G 82 -31.75 -33.18 22.23
CB SME G 82 -30.62 -34.07 22.65
CG SME G 82 -30.09 -34.92 21.57
S SME G 82 -28.92 -33.91 20.38
CE SME G 82 -27.32 -33.85 21.43
C SME G 82 -32.82 -33.97 21.50
O SME G 82 -33.20 -35.03 21.94
N GLU G 83 -33.27 -33.49 20.33
CA GLU G 83 -34.29 -34.20 19.59
C GLU G 83 -34.18 -33.88 18.10
N GLN G 84 -34.92 -34.64 17.31
CA GLN G 84 -34.89 -34.49 15.88
C GLN G 84 -35.13 -33.07 15.42
N ASN G 85 -34.19 -32.55 14.62
CA ASN G 85 -34.26 -31.18 14.07
C ASN G 85 -34.09 -30.07 15.06
N ALA G 86 -33.72 -30.42 16.26
CA ALA G 86 -33.41 -29.40 17.27
C ALA G 86 -32.26 -28.60 16.68
N PRO G 87 -32.16 -27.33 17.08
CA PRO G 87 -31.09 -26.49 16.52
C PRO G 87 -29.74 -26.54 17.27
N VAL G 88 -28.63 -26.48 16.52
CA VAL G 88 -27.35 -26.33 17.15
C VAL G 88 -27.40 -24.89 17.64
N SME G 89 -27.20 -24.72 18.95
CA SME G 89 -27.28 -23.40 19.56
CB SME G 89 -28.04 -23.44 20.87
CG SME G 89 -29.45 -23.88 20.78
S SME G 89 -30.63 -22.70 19.74
CE SME G 89 -30.51 -21.15 20.92
C SME G 89 -25.91 -22.90 19.84
O SME G 89 -24.99 -23.69 20.12
N ALA G 90 -25.76 -21.59 19.87
CA ALA G 90 -24.44 -21.00 20.17
C ALA G 90 -24.37 -20.85 21.70
N GLY G 91 -24.26 -21.97 22.41
CA GLY G 91 -24.24 -21.89 23.87
C GLY G 91 -22.91 -22.31 24.54
N ASP G 92 -22.99 -22.76 25.78
CA ASP G 92 -21.77 -23.25 26.41
C ASP G 92 -21.31 -24.47 25.58
N PRO G 93 -20.09 -24.43 25.05
CA PRO G 93 -19.51 -25.50 24.21
C PRO G 93 -19.69 -26.96 24.68
N LYS G 94 -20.42 -27.74 23.91
CA LYS G 94 -20.58 -29.12 24.20
C LYS G 94 -19.46 -29.92 23.53
N GLU G 95 -19.40 -31.22 23.82
CA GLU G 95 -18.39 -32.11 23.27
C GLU G 95 -18.99 -32.88 22.14
N TYR G 96 -18.20 -33.08 21.11
CA TYR G 96 -18.69 -33.81 19.97
C TYR G 96 -17.61 -34.82 19.54
N ILE G 97 -18.03 -35.92 18.91
CA ILE G 97 -17.04 -36.85 18.35
C ILE G 97 -16.89 -36.53 16.84
N LEU G 98 -15.68 -36.15 16.45
CA LEU G 98 -15.38 -35.82 15.05
C LEU G 98 -14.84 -37.07 14.33
N GLN G 99 -15.69 -37.69 13.54
CA GLN G 99 -15.29 -38.84 12.77
C GLN G 99 -15.01 -38.55 11.27
N LEU G 100 -13.78 -38.84 10.86
CA LEU G 100 -13.30 -38.66 9.50
C LEU G 100 -14.06 -39.45 8.45
N VAL G 101 -14.50 -38.82 7.37
CA VAL G 101 -15.18 -39.63 6.37
C VAL G 101 -14.10 -40.25 5.46
N PRO G 102 -14.14 -41.60 5.35
CA PRO G 102 -13.14 -42.29 4.50
C PRO G 102 -13.05 -41.77 3.08
N SER G 103 -11.81 -41.72 2.62
CA SER G 103 -11.49 -41.27 1.26
C SER G 103 -11.65 -39.79 1.18
N THR G 104 -11.30 -39.16 2.28
CA THR G 104 -11.42 -37.72 2.46
C THR G 104 -10.27 -37.47 3.43
N THR G 105 -9.64 -36.30 3.32
CA THR G 105 -8.56 -35.91 4.27
C THR G 105 -9.03 -34.98 5.41
N ASP G 106 -10.14 -34.27 5.17
CA ASP G 106 -10.65 -33.27 6.11
C ASP G 106 -12.19 -33.13 6.22
N VAL G 107 -12.95 -34.15 5.83
CA VAL G 107 -14.40 -34.11 5.93
C VAL G 107 -14.76 -34.97 7.13
N TYR G 108 -15.39 -34.35 8.13
CA TYR G 108 -15.78 -35.06 9.34
C TYR G 108 -17.28 -35.10 9.59
N ILE G 109 -17.73 -36.10 10.33
CA ILE G 109 -19.13 -36.18 10.67
C ILE G 109 -19.10 -35.59 12.06
N ILE G 110 -19.98 -34.65 12.35
CA ILE G 110 -19.95 -34.09 13.71
C ILE G 110 -21.04 -34.84 14.50
N ARG G 111 -20.59 -35.72 15.39
CA ARG G 111 -21.48 -36.55 16.19
C ARG G 111 -21.68 -36.07 17.60
N ALA G 112 -22.96 -36.08 17.98
CA ALA G 112 -23.30 -35.83 19.39
C ALA G 112 -22.87 -37.21 20.04
N PRO G 113 -22.17 -37.21 21.18
CA PRO G 113 -21.70 -38.46 21.84
C PRO G 113 -22.79 -39.17 22.62
N ILE G 114 -23.77 -39.64 21.86
CA ILE G 114 -24.97 -40.23 22.40
C ILE G 114 -25.32 -41.64 21.80
N GLN G 115 -24.33 -42.35 21.29
CA GLN G 115 -24.63 -43.62 20.64
C GLN G 115 -25.21 -44.71 21.54
N ARG G 116 -24.81 -44.77 22.82
CA ARG G 116 -25.39 -45.77 23.73
C ARG G 116 -26.95 -45.66 23.91
N VAL G 117 -27.55 -44.56 23.44
CA VAL G 117 -29.00 -44.39 23.49
C VAL G 117 -29.59 -45.25 22.37
N GLY G 118 -28.74 -45.74 21.46
CA GLY G 118 -29.30 -46.51 20.37
C GLY G 118 -29.64 -45.75 19.07
N VAL G 119 -29.21 -44.49 18.92
CA VAL G 119 -29.39 -43.81 17.64
C VAL G 119 -28.13 -43.07 17.32
N ASP G 120 -27.94 -42.64 16.06
CA ASP G 120 -26.79 -41.79 15.64
C ASP G 120 -27.32 -40.37 15.57
N VAL G 121 -26.68 -39.45 16.24
CA VAL G 121 -27.17 -38.09 16.14
C VAL G 121 -26.04 -37.29 15.53
N GLU G 122 -26.32 -36.70 14.38
CA GLU G 122 -25.26 -35.93 13.64
C GLU G 122 -25.66 -34.51 13.29
N VAL G 123 -24.72 -33.59 13.35
CA VAL G 123 -25.04 -32.22 12.99
C VAL G 123 -25.21 -32.11 11.45
N GLY G 124 -26.44 -31.77 11.06
CA GLY G 124 -26.82 -31.59 9.69
C GLY G 124 -27.36 -30.18 9.53
N VAL G 125 -28.07 -29.96 8.44
CA VAL G 125 -28.64 -28.66 8.12
C VAL G 125 -30.07 -28.85 7.66
N GLN G 126 -30.95 -27.98 8.15
CA GLN G 126 -32.32 -27.93 7.72
C GLN G 126 -32.56 -26.46 7.27
N GLY G 127 -32.77 -26.26 5.96
CA GLY G 127 -32.94 -24.89 5.46
C GLY G 127 -31.54 -24.22 5.54
N ASN G 128 -31.40 -23.14 6.29
CA ASN G 128 -30.09 -22.50 6.50
C ASN G 128 -29.72 -22.62 8.04
N ASN G 129 -30.34 -23.57 8.74
CA ASN G 129 -30.06 -23.87 10.13
C ASN G 129 -29.34 -25.19 10.42
N LEU G 130 -28.30 -25.11 11.24
CA LEU G 130 -27.67 -26.33 11.65
C LEU G 130 -28.62 -26.97 12.71
N VAL G 131 -28.95 -28.24 12.52
CA VAL G 131 -29.83 -28.95 13.41
C VAL G 131 -29.23 -30.36 13.61
N TYR G 132 -29.67 -30.98 14.71
CA TYR G 132 -29.29 -32.37 15.04
C TYR G 132 -30.21 -33.30 14.24
N LYS G 133 -29.62 -34.18 13.41
CA LYS G 133 -30.36 -35.18 12.63
C LYS G 133 -30.14 -36.59 13.23
N PHE G 134 -31.25 -37.30 13.38
CA PHE G 134 -31.26 -38.66 13.95
C PHE G 134 -31.26 -39.73 12.85
N PHE G 135 -30.31 -40.64 12.92
CA PHE G 135 -30.30 -41.73 11.97
C PHE G 135 -30.21 -43.08 12.76
N PRO G 136 -30.90 -44.13 12.28
CA PRO G 136 -30.83 -45.41 13.01
C PRO G 136 -29.39 -45.91 12.93
N VAL G 137 -28.93 -46.52 14.02
CA VAL G 137 -27.60 -47.06 14.05
C VAL G 137 -27.62 -48.37 13.27
N ASP G 138 -27.84 -48.29 11.96
CA ASP G 138 -27.81 -49.46 11.08
C ASP G 138 -26.35 -49.48 10.61
N GLY G 139 -25.68 -50.61 10.77
CA GLY G 139 -24.28 -50.71 10.41
C GLY G 139 -23.88 -50.69 8.95
N SER G 140 -24.09 -49.57 8.28
CA SER G 140 -23.71 -49.43 6.87
C SER G 140 -23.46 -47.97 6.45
N GLY G 141 -23.89 -47.02 7.28
CA GLY G 141 -23.75 -45.61 6.94
C GLY G 141 -24.73 -45.30 5.84
N GLY G 142 -24.63 -44.16 5.17
CA GLY G 142 -25.58 -43.93 4.08
C GLY G 142 -26.12 -42.56 3.73
N ASP G 143 -25.23 -41.70 3.29
CA ASP G 143 -25.55 -40.29 3.00
C ASP G 143 -26.04 -39.53 4.20
N ARG G 144 -24.99 -39.18 4.89
CA ARG G 144 -25.03 -38.49 6.11
C ARG G 144 -24.50 -37.10 5.86
N PRO G 145 -24.87 -36.17 6.74
CA PRO G 145 -24.39 -34.78 6.58
C PRO G 145 -22.97 -34.87 7.18
N ALA G 146 -22.08 -34.05 6.62
CA ALA G 146 -20.70 -33.95 7.02
C ALA G 146 -20.15 -32.53 6.83
N TRP G 147 -18.96 -32.30 7.38
CA TRP G 147 -18.37 -30.99 7.39
C TRP G 147 -16.91 -30.99 7.00
N ARG G 148 -16.53 -30.18 6.02
CA ARG G 148 -15.13 -30.02 5.65
C ARG G 148 -14.58 -28.97 6.55
N PHE G 149 -13.52 -29.33 7.28
CA PHE G 149 -12.82 -28.46 8.18
C PHE G 149 -11.50 -28.04 7.52
N THR G 150 -11.40 -26.77 7.18
CA THR G 150 -10.18 -26.26 6.56
C THR G 150 -9.53 -25.33 7.55
N ARG G 151 -8.33 -25.72 8.00
CA ARG G 151 -7.53 -24.91 8.91
C ARG G 151 -7.27 -23.50 8.37
N GLU G 152 -7.37 -22.51 9.28
CA GLU G 152 -7.04 -21.11 8.99
C GLU G 152 -5.53 -20.93 9.26
N MET H 1 1.56 -20.99 15.56
CA MET H 1 0.60 -20.87 14.47
C MET H 1 0.93 -21.80 13.30
N ALA H 2 1.80 -22.78 13.54
CA ALA H 2 2.19 -23.73 12.50
C ALA H 2 1.33 -24.99 12.58
N SER H 3 1.51 -25.87 11.60
CA SER H 3 0.76 -27.11 11.57
C SER H 3 1.62 -28.37 11.38
N LEU H 4 1.31 -29.41 12.15
CA LEU H 4 1.98 -30.68 11.98
C LEU H 4 0.88 -31.41 11.24
N GLU H 5 0.70 -32.71 11.41
CA GLU H 5 -0.26 -33.36 10.55
C GLU H 5 0.33 -34.73 10.54
N ASP H 6 -0.51 -35.69 10.86
CA ASP H 6 -0.08 -37.04 10.87
C ASP H 6 0.62 -37.32 9.54
N GLY H 7 1.81 -37.91 9.67
CA GLY H 7 2.59 -38.25 8.50
C GLY H 7 4.03 -38.58 8.82
N THR H 8 4.79 -38.90 7.79
CA THR H 8 6.17 -39.19 7.99
C THR H 8 7.05 -37.94 7.96
N TYR H 9 7.98 -37.86 8.93
CA TYR H 9 8.98 -36.79 9.09
C TYR H 9 10.38 -37.28 9.35
N ARG H 10 11.32 -36.36 9.17
CA ARG H 10 12.73 -36.56 9.47
C ARG H 10 12.96 -35.54 10.60
N LEU H 11 13.68 -35.91 11.64
CA LEU H 11 13.89 -35.03 12.78
C LEU H 11 15.34 -34.66 12.97
N ARG H 12 15.62 -33.38 12.85
CA ARG H 12 17.00 -32.91 12.95
C ARG H 12 17.23 -32.25 14.29
N ALA H 13 18.36 -32.62 14.95
CA ALA H 13 18.69 -32.12 16.29
C ALA H 13 19.06 -30.67 16.12
N VAL H 14 18.37 -29.85 16.88
CA VAL H 14 18.56 -28.42 16.84
C VAL H 14 18.49 -27.88 18.28
N THR H 15 18.23 -26.61 18.45
CA THR H 15 18.26 -26.03 19.77
C THR H 15 17.31 -24.83 19.72
N THR H 16 16.93 -24.36 20.89
CA THR H 16 15.98 -23.29 20.96
C THR H 16 16.58 -21.90 20.56
N SER H 17 17.89 -21.80 20.73
CA SER H 17 18.64 -20.62 20.44
C SER H 17 19.31 -20.63 19.06
N ASN H 18 19.45 -21.82 18.45
CA ASN H 18 20.01 -21.91 17.09
C ASN H 18 19.16 -22.96 16.43
N PRO H 19 17.90 -22.61 16.25
CA PRO H 19 16.95 -23.49 15.62
C PRO H 19 17.27 -23.79 14.15
N ASP H 20 18.34 -23.22 13.60
CA ASP H 20 18.75 -23.50 12.21
C ASP H 20 20.25 -23.29 12.05
N PRO H 21 21.00 -24.34 12.36
CA PRO H 21 22.43 -24.36 12.29
C PRO H 21 22.98 -24.34 10.86
N GLY H 22 22.13 -24.43 9.86
CA GLY H 22 22.70 -24.46 8.52
C GLY H 22 22.59 -25.83 7.88
N VAL H 23 23.42 -26.16 6.88
CA VAL H 23 23.29 -27.49 6.26
C VAL H 23 23.91 -28.60 7.06
N GLY H 24 23.50 -29.85 6.76
CA GLY H 24 24.05 -30.98 7.49
C GLY H 24 23.44 -31.22 8.88
N GLY H 25 24.27 -31.62 9.81
CA GLY H 25 23.69 -31.87 11.12
C GLY H 25 23.30 -33.36 11.30
N GLU H 26 22.62 -33.65 12.39
CA GLU H 26 22.30 -35.02 12.79
C GLU H 26 20.83 -35.21 12.99
N TYR H 27 20.37 -36.44 12.70
CA TYR H 27 18.96 -36.79 12.75
C TYR H 27 18.64 -38.03 13.64
N ALA H 28 17.38 -38.09 14.10
CA ALA H 28 16.98 -39.22 14.96
C ALA H 28 16.99 -40.43 13.99
N THR H 29 17.70 -41.44 14.39
CA THR H 29 17.84 -42.62 13.53
C THR H 29 17.70 -43.93 14.32
N VAL H 30 16.75 -44.72 13.89
CA VAL H 30 16.44 -46.00 14.53
C VAL H 30 17.62 -46.99 14.30
N GLU H 31 17.88 -47.82 15.30
CA GLU H 31 18.93 -48.80 15.18
C GLU H 31 18.49 -50.09 15.83
N GLY H 32 17.23 -50.47 15.67
CA GLY H 32 16.79 -51.71 16.27
C GLY H 32 15.95 -51.61 17.52
N ALA H 33 15.00 -52.52 17.59
CA ALA H 33 14.08 -52.61 18.71
C ALA H 33 14.82 -52.82 20.04
N ARG H 34 14.29 -52.08 21.02
CA ARG H 34 14.82 -52.04 22.37
C ARG H 34 16.26 -51.58 22.48
N GLN H 35 16.71 -50.76 21.51
CA GLN H 35 18.04 -50.15 21.58
C GLN H 35 17.81 -48.67 21.52
N PRO H 36 18.84 -47.94 21.92
CA PRO H 36 18.78 -46.49 21.91
C PRO H 36 18.57 -45.94 20.46
N VAL H 37 17.75 -44.90 20.32
CA VAL H 37 17.62 -44.19 19.05
C VAL H 37 18.93 -43.37 18.90
N LYS H 38 19.48 -43.29 17.70
CA LYS H 38 20.78 -42.60 17.49
C LYS H 38 20.67 -41.28 16.74
N ALA H 39 21.69 -40.44 16.91
CA ALA H 39 21.83 -39.18 16.17
C ALA H 39 22.91 -39.47 15.09
N GLU H 40 22.52 -39.30 13.84
CA GLU H 40 23.42 -39.61 12.71
C GLU H 40 23.19 -38.63 11.55
N PRO H 41 24.19 -38.51 10.68
CA PRO H 41 23.91 -37.57 9.59
C PRO H 41 23.00 -38.18 8.52
N SER H 42 22.39 -37.30 7.71
CA SER H 42 21.50 -37.70 6.63
C SER H 42 22.33 -38.18 5.43
N THR H 43 22.94 -39.33 5.59
CA THR H 43 23.82 -39.94 4.60
C THR H 43 23.30 -41.40 4.29
N PRO H 44 23.81 -42.03 3.24
CA PRO H 44 23.40 -43.35 2.80
C PRO H 44 23.35 -44.49 3.84
N PRO H 45 24.35 -44.60 4.76
CA PRO H 45 24.21 -45.71 5.72
C PRO H 45 23.00 -45.50 6.67
N PHE H 46 22.50 -44.29 6.78
CA PHE H 46 21.45 -44.01 7.76
C PHE H 46 20.09 -43.60 7.28
N PHE H 47 20.11 -43.04 6.06
CA PHE H 47 18.97 -42.39 5.45
C PHE H 47 17.61 -43.11 5.64
N GLU H 48 17.59 -44.40 5.35
CA GLU H 48 16.34 -45.18 5.48
C GLU H 48 15.88 -45.34 6.96
N ARG H 49 16.76 -45.16 7.94
CA ARG H 49 16.35 -45.31 9.33
C ARG H 49 15.99 -43.94 9.99
N GLN H 50 15.76 -42.92 9.14
CA GLN H 50 15.50 -41.57 9.62
C GLN H 50 14.12 -41.08 9.35
N ILE H 51 13.26 -41.97 8.88
CA ILE H 51 11.87 -41.62 8.61
C ILE H 51 10.97 -42.11 9.75
N TRP H 52 10.11 -41.21 10.21
CA TRP H 52 9.27 -41.50 11.36
C TRP H 52 7.84 -41.08 11.13
N GLN H 53 6.92 -41.90 11.64
CA GLN H 53 5.51 -41.63 11.43
C GLN H 53 5.12 -41.00 12.73
N VAL H 54 4.59 -39.79 12.64
CA VAL H 54 4.20 -38.96 13.76
C VAL H 54 2.72 -39.02 13.68
N THR H 55 2.09 -39.25 14.83
CA THR H 55 0.66 -39.42 14.90
C THR H 55 0.09 -38.83 16.18
N ARG H 56 -0.89 -37.97 16.02
CA ARG H 56 -1.61 -37.41 17.18
C ARG H 56 -2.59 -38.49 17.66
N ASN H 57 -2.62 -38.77 18.96
CA ASN H 57 -3.53 -39.76 19.55
C ASN H 57 -4.64 -38.92 20.22
N SER H 58 -5.48 -39.49 21.09
CA SER H 58 -6.30 -38.53 21.82
C SER H 58 -5.95 -38.00 23.21
N ASP H 59 -5.83 -36.68 23.16
CA ASP H 59 -5.36 -35.73 24.15
C ASP H 59 -4.34 -35.67 23.10
N GLY H 60 -4.38 -34.66 22.26
CA GLY H 60 -3.40 -34.55 21.19
C GLY H 60 -1.94 -34.78 21.54
N GLN H 61 -1.63 -35.88 22.20
CA GLN H 61 -0.26 -36.22 22.53
C GLN H 61 0.12 -37.15 21.40
N SER H 62 1.31 -36.95 20.88
CA SER H 62 1.78 -37.72 19.74
C SER H 62 2.71 -38.86 19.99
N THR H 63 2.70 -39.80 19.06
CA THR H 63 3.68 -40.85 19.06
C THR H 63 4.59 -40.60 17.84
N ILE H 64 5.81 -41.14 17.99
CA ILE H 64 6.84 -41.07 16.96
C ILE H 64 7.29 -42.52 16.76
N LYS H 65 6.86 -43.07 15.66
CA LYS H 65 7.14 -44.43 15.35
C LYS H 65 7.94 -44.66 14.10
N TYR H 66 8.74 -45.72 14.14
CA TYR H 66 9.49 -46.14 12.97
C TYR H 66 8.57 -47.12 12.26
N GLN H 67 8.33 -46.98 10.96
CA GLN H 67 7.40 -47.93 10.35
C GLN H 67 7.86 -49.33 9.92
N GLY H 68 6.88 -50.22 9.90
CA GLY H 68 7.09 -51.63 9.58
C GLY H 68 6.60 -52.48 10.76
N LEU H 69 6.75 -53.81 10.66
CA LEU H 69 6.30 -54.73 11.69
C LEU H 69 4.80 -54.68 11.81
N ASN H 70 4.24 -54.09 10.77
CA ASN H 70 2.82 -53.94 10.62
C ASN H 70 2.03 -53.53 11.85
N ALA H 71 1.61 -54.52 12.63
CA ALA H 71 0.70 -54.20 13.70
C ALA H 71 1.06 -54.11 15.18
N PRO H 72 0.83 -55.20 15.97
CA PRO H 72 1.13 -55.18 17.41
C PRO H 72 2.62 -55.00 17.80
N PHE H 73 3.49 -54.86 16.80
CA PHE H 73 4.92 -54.71 17.08
C PHE H 73 5.49 -53.45 16.50
N GLU H 74 4.82 -52.35 16.76
CA GLU H 74 5.30 -51.05 16.35
C GLU H 74 6.35 -50.66 17.39
N TYR H 75 7.61 -50.42 17.03
CA TYR H 75 8.46 -49.83 18.04
C TYR H 75 8.70 -48.35 17.62
N GLY H 76 8.96 -47.46 18.58
CA GLY H 76 9.17 -46.03 18.31
C GLY H 76 9.73 -45.32 19.54
N PHE H 77 9.74 -43.98 19.56
CA PHE H 77 10.21 -43.25 20.74
C PHE H 77 9.53 -43.80 22.01
N SER H 78 10.35 -44.16 22.99
CA SER H 78 9.83 -44.75 24.21
C SER H 78 10.62 -44.36 25.45
N TYR H 79 9.95 -44.40 26.61
CA TYR H 79 10.54 -44.17 27.96
C TYR H 79 9.75 -45.11 28.91
N ASP H 80 10.38 -45.43 30.04
CA ASP H 80 9.76 -46.24 31.10
C ASP H 80 10.20 -45.37 32.33
N GLN H 81 11.27 -45.77 33.01
CA GLN H 81 11.83 -44.98 34.13
C GLN H 81 12.83 -43.99 33.45
N SME H 82 12.71 -42.74 33.81
CA SME H 82 13.48 -41.67 33.24
CB SME H 82 12.45 -40.62 32.89
CG SME H 82 12.47 -40.07 31.55
S SME H 82 10.69 -39.89 30.70
CE SME H 82 9.46 -40.24 32.16
C SME H 82 14.47 -41.04 34.24
O SME H 82 14.11 -40.82 35.40
N GLU H 83 15.69 -40.79 33.84
CA GLU H 83 16.65 -40.04 34.65
C GLU H 83 17.52 -39.31 33.62
N GLN H 84 18.29 -38.34 34.08
CA GLN H 84 19.21 -37.59 33.26
C GLN H 84 20.08 -38.49 32.39
N ASN H 85 20.04 -38.18 31.11
CA ASN H 85 20.75 -38.89 30.06
C ASN H 85 20.34 -40.29 29.77
N ALA H 86 19.20 -40.71 30.28
CA ALA H 86 18.67 -42.02 29.92
C ALA H 86 18.34 -42.00 28.42
N PRO H 87 18.62 -43.10 27.72
CA PRO H 87 18.34 -43.15 26.30
C PRO H 87 16.92 -43.21 25.93
N VAL H 88 16.61 -42.54 24.84
CA VAL H 88 15.29 -42.63 24.31
C VAL H 88 15.42 -44.01 23.64
N SME H 89 14.59 -44.93 24.04
CA SME H 89 14.64 -46.27 23.47
CB SME H 89 14.28 -47.33 24.53
CG SME H 89 15.23 -47.42 25.69
S SME H 89 16.99 -48.12 25.14
CE SME H 89 16.54 -50.04 25.23
C SME H 89 13.61 -46.44 22.35
O SME H 89 12.56 -45.81 22.36
N ALA H 90 13.90 -47.35 21.44
CA ALA H 90 12.96 -47.69 20.41
C ALA H 90 12.19 -48.88 21.04
N GLY H 91 11.07 -48.60 21.70
CA GLY H 91 10.31 -49.66 22.32
C GLY H 91 8.85 -49.39 22.05
N ASP H 92 7.97 -49.76 23.00
CA ASP H 92 6.56 -49.48 22.80
C ASP H 92 6.41 -47.97 22.78
N PRO H 93 5.89 -47.43 21.65
CA PRO H 93 5.66 -46.00 21.37
C PRO H 93 4.93 -45.23 22.43
N LYS H 94 5.67 -44.38 23.13
CA LYS H 94 5.06 -43.61 24.19
C LYS H 94 4.54 -42.28 23.70
N GLU H 95 3.69 -41.63 24.47
CA GLU H 95 3.21 -40.35 24.03
C GLU H 95 4.08 -39.18 24.45
N TYR H 96 4.23 -38.24 23.54
CA TYR H 96 4.94 -37.04 23.88
C TYR H 96 4.09 -35.80 23.55
N ILE H 97 4.50 -34.70 24.15
CA ILE H 97 3.91 -33.44 23.94
C ILE H 97 4.96 -32.65 23.10
N LEU H 98 4.61 -32.22 21.88
CA LEU H 98 5.51 -31.44 21.00
C LEU H 98 5.15 -29.99 21.16
N GLN H 99 6.13 -29.18 21.48
CA GLN H 99 5.88 -27.77 21.64
C GLN H 99 6.64 -26.95 20.63
N LEU H 100 5.88 -26.25 19.78
CA LEU H 100 6.47 -25.42 18.71
C LEU H 100 7.35 -24.35 19.28
N VAL H 101 8.61 -24.20 18.82
CA VAL H 101 9.41 -23.08 19.34
C VAL H 101 8.96 -21.83 18.55
N PRO H 102 8.73 -20.75 19.29
CA PRO H 102 8.30 -19.51 18.62
C PRO H 102 9.40 -18.99 17.66
N SER H 103 8.99 -18.42 16.53
CA SER H 103 9.92 -17.88 15.50
C SER H 103 10.34 -19.04 14.61
N THR H 104 9.53 -20.06 14.66
CA THR H 104 9.83 -21.21 13.92
C THR H 104 8.51 -21.71 13.40
N THR H 105 8.50 -22.30 12.21
CA THR H 105 7.30 -22.94 11.65
C THR H 105 7.41 -24.50 11.88
N ASP H 106 8.60 -25.00 12.18
CA ASP H 106 8.76 -26.45 12.24
C ASP H 106 9.77 -27.02 13.28
N VAL H 107 10.19 -26.20 14.25
CA VAL H 107 11.01 -26.70 15.29
C VAL H 107 10.11 -26.97 16.53
N TYR H 108 10.21 -28.18 17.07
CA TYR H 108 9.48 -28.56 18.24
C TYR H 108 10.36 -29.11 19.38
N ILE H 109 9.96 -28.75 20.57
CA ILE H 109 10.59 -29.31 21.72
C ILE H 109 9.84 -30.61 21.93
N ILE H 110 10.56 -31.70 22.13
CA ILE H 110 9.85 -32.93 22.32
C ILE H 110 9.84 -33.28 23.83
N ARG H 111 8.67 -33.17 24.45
CA ARG H 111 8.53 -33.38 25.92
C ARG H 111 7.87 -34.63 26.33
N ALA H 112 8.49 -35.25 27.33
CA ALA H 112 7.91 -36.42 27.97
C ALA H 112 6.82 -35.72 28.79
N PRO H 113 5.57 -36.18 28.73
CA PRO H 113 4.44 -35.57 29.47
C PRO H 113 4.50 -35.86 30.99
N ILE H 114 5.37 -35.15 31.68
CA ILE H 114 5.69 -35.44 33.07
C ILE H 114 5.90 -34.14 33.89
N GLN H 115 5.20 -33.06 33.54
CA GLN H 115 5.43 -31.79 34.26
C GLN H 115 5.07 -31.66 35.76
N ARG H 116 3.95 -32.26 36.20
CA ARG H 116 3.54 -32.18 37.64
C ARG H 116 4.59 -32.74 38.69
N VAL H 117 5.67 -33.31 38.17
CA VAL H 117 6.75 -33.82 38.96
C VAL H 117 7.64 -32.67 39.38
N GLY H 118 7.48 -31.53 38.75
CA GLY H 118 8.31 -30.37 39.08
C GLY H 118 9.57 -30.19 38.20
N VAL H 119 9.77 -31.05 37.18
CA VAL H 119 10.91 -30.89 36.25
C VAL H 119 10.50 -31.00 34.74
N ASP H 120 11.24 -30.36 33.83
CA ASP H 120 10.89 -30.52 32.40
C ASP H 120 11.75 -31.65 31.88
N VAL H 121 11.15 -32.64 31.22
CA VAL H 121 11.96 -33.75 30.68
C VAL H 121 11.85 -33.65 29.18
N GLU H 122 12.99 -33.39 28.51
CA GLU H 122 13.04 -33.18 27.04
C GLU H 122 14.04 -34.08 26.24
N VAL H 123 13.66 -34.42 25.01
CA VAL H 123 14.56 -35.23 24.18
C VAL H 123 15.72 -34.41 23.59
N GLY H 124 16.91 -34.74 24.07
CA GLY H 124 18.16 -34.15 23.66
C GLY H 124 19.12 -35.26 23.10
N VAL H 125 20.40 -34.93 23.14
CA VAL H 125 21.44 -35.74 22.58
C VAL H 125 22.66 -35.68 23.45
N GLN H 126 23.24 -36.85 23.61
CA GLN H 126 24.47 -36.99 24.31
C GLN H 126 25.31 -37.94 23.50
N GLY H 127 26.47 -37.46 23.09
CA GLY H 127 27.29 -38.28 22.19
C GLY H 127 26.52 -38.42 20.87
N ASN H 128 26.17 -39.65 20.50
CA ASN H 128 25.37 -39.87 19.28
C ASN H 128 24.08 -40.68 19.64
N ASN H 129 23.66 -40.49 20.90
CA ASN H 129 22.44 -41.05 21.40
C ASN H 129 21.36 -40.01 21.74
N LEU H 130 20.13 -40.28 21.41
CA LEU H 130 19.09 -39.40 21.85
C LEU H 130 18.91 -39.83 23.29
N VAL H 131 18.88 -38.84 24.15
CA VAL H 131 18.65 -39.07 25.55
C VAL H 131 17.58 -38.06 26.10
N TYR H 132 17.06 -38.37 27.29
CA TYR H 132 16.14 -37.48 28.02
C TYR H 132 17.05 -36.51 28.87
N LYS H 133 16.79 -35.21 28.69
CA LYS H 133 17.46 -34.12 29.37
C LYS H 133 16.54 -33.46 30.40
N PHE H 134 17.04 -33.28 31.60
CA PHE H 134 16.25 -32.71 32.70
C PHE H 134 16.51 -31.25 32.91
N PHE H 135 15.46 -30.47 32.95
CA PHE H 135 15.65 -29.04 33.15
C PHE H 135 14.73 -28.49 34.28
N PRO H 136 15.28 -27.58 35.11
CA PRO H 136 14.50 -26.97 36.22
C PRO H 136 13.40 -26.02 35.65
N VAL H 137 12.23 -25.92 36.31
CA VAL H 137 11.14 -25.02 35.88
C VAL H 137 10.63 -24.02 36.96
N ASP H 138 10.46 -22.71 36.70
CA ASP H 138 10.67 -21.96 35.46
C ASP H 138 9.41 -21.76 34.61
N GLY H 139 9.37 -20.66 33.85
CA GLY H 139 10.48 -19.72 33.85
C GLY H 139 10.58 -18.80 32.66
N SER H 140 11.44 -19.15 31.71
CA SER H 140 11.65 -18.31 30.53
C SER H 140 11.78 -19.06 29.21
N GLY H 141 12.37 -20.26 29.24
CA GLY H 141 12.54 -21.03 28.01
C GLY H 141 13.98 -20.98 27.52
N GLY H 142 14.41 -21.96 26.73
CA GLY H 142 15.82 -21.98 26.28
C GLY H 142 16.96 -21.77 27.30
N ASP H 143 18.19 -22.27 27.02
CA ASP H 143 18.47 -23.03 25.80
C ASP H 143 18.07 -24.51 25.96
N ARG H 144 17.14 -24.93 25.12
CA ARG H 144 16.67 -26.28 25.23
C ARG H 144 17.00 -27.04 23.94
N PRO H 145 16.87 -28.40 23.99
CA PRO H 145 17.17 -29.10 22.74
C PRO H 145 15.83 -29.14 22.00
N ALA H 146 15.86 -28.95 20.70
CA ALA H 146 14.63 -29.09 19.93
C ALA H 146 14.90 -29.85 18.68
N TRP H 147 13.86 -30.12 17.92
CA TRP H 147 13.89 -30.93 16.74
C TRP H 147 13.12 -30.33 15.51
N ARG H 148 13.82 -30.16 14.40
CA ARG H 148 13.13 -29.70 13.21
C ARG H 148 12.45 -30.90 12.58
N PHE H 149 11.11 -30.80 12.43
CA PHE H 149 10.32 -31.83 11.81
C PHE H 149 10.08 -31.48 10.33
N THR H 150 10.78 -32.12 9.40
CA THR H 150 10.54 -31.83 7.99
C THR H 150 9.78 -32.97 7.38
N ARG H 151 8.63 -32.66 6.83
CA ARG H 151 7.81 -33.70 6.24
C ARG H 151 8.61 -34.52 5.20
N GLU H 152 8.30 -35.81 5.17
CA GLU H 152 8.93 -36.68 4.20
C GLU H 152 8.44 -36.32 2.81
S SO4 I . -10.59 12.77 -2.44
O1 SO4 I . -11.94 12.03 -2.59
O2 SO4 I . -9.65 12.39 -3.43
O3 SO4 I . -10.80 14.30 -2.44
O4 SO4 I . -10.04 12.30 -1.18
S SO4 J . 14.82 38.58 -12.60
O1 SO4 J . 16.08 37.80 -12.91
O2 SO4 J . 13.89 38.56 -13.90
O3 SO4 J . 14.12 37.94 -11.49
O4 SO4 J . 15.17 39.97 -12.09
S SO4 K . 1.15 34.93 8.03
O1 SO4 K . -0.15 34.62 8.70
O2 SO4 K . 0.91 35.99 7.03
O3 SO4 K . 2.11 35.43 8.96
O4 SO4 K . 1.70 33.62 7.44
S SO4 L . 1.48 -17.52 -18.21
O1 SO4 L . 2.58 -18.55 -17.96
O2 SO4 L . 0.66 -17.85 -19.33
O3 SO4 L . 0.74 -17.62 -16.89
O4 SO4 L . 2.06 -16.16 -18.49
S SO4 M . 19.14 -18.19 -14.36
O1 SO4 M . 20.35 -17.33 -13.90
O2 SO4 M . 18.02 -17.27 -14.37
O3 SO4 M . 19.34 -18.71 -15.70
O4 SO4 M . 18.76 -19.28 -13.39
S SO4 N . 23.12 -8.58 -15.61
O1 SO4 N . 22.36 -9.59 -14.54
O2 SO4 N . 22.63 -9.34 -16.92
O3 SO4 N . 22.15 -7.54 -15.37
O4 SO4 N . 24.51 -8.80 -14.61
#